data_4GPD
#
_entry.id   4GPD
#
_cell.length_a   83.019
_cell.length_b   80.956
_cell.length_c   82.545
_cell.angle_alpha   110.85
_cell.angle_beta   71.47
_cell.angle_gamma   116.86
#
_symmetry.space_group_name_H-M   'P 1'
#
loop_
_entity.id
_entity.type
_entity.pdbx_description
1 polymer 'APO-D-GLYCERALDEHYDE-3-PHOSPHATE DEHYDROGENASE'
2 water water
#
_entity_poly.entity_id   1
_entity_poly.type   'polypeptide(L)'
_entity_poly.pdbx_seq_one_letter_code
;SKIGINGFGRIGRLVLRAALSCGAQVVAVNDPFIALEYMVYMFKYDSTHGVFKGEVKMEDGALVVDGKKITVFNEMKPEN
IPWSKAGAEYIVESTGVFTTIEKASAHFKGGAKKVVISAPSADAPMFVCGVNLEKYSKDMTVVSNASCTTNCLAPVAKVL
HENFEIVEGLMTTVHAVTATQKTVDGPSAKDWRGGRGAAQNIIPSSTGAAKAVGKVIPELDGKLTGMAFRVPTPDVSVVD
LTVRLGKECSYDDIKAAMKTASEGPLQGFLGYTEDDVVSSDFIGDNRSSIFDAKAGIQLSKTFVKVVSWYDNEFGYSQRV
IDLLKHMQKVDSA
;
_entity_poly.pdbx_strand_id   1,2,3,4
#
# COMPACT_ATOMS: atom_id res chain seq x y z
N SER A 1 -22.98 -27.48 -24.23
CA SER A 1 -22.10 -27.01 -23.13
C SER A 1 -22.28 -27.91 -21.91
N LYS A 2 -21.17 -28.29 -21.38
CA LYS A 2 -21.06 -28.98 -20.06
C LYS A 2 -19.74 -28.37 -19.58
N ILE A 3 -19.58 -27.96 -18.37
CA ILE A 3 -18.16 -27.60 -17.98
C ILE A 3 -17.76 -28.49 -16.80
N GLY A 4 -16.79 -27.96 -16.11
CA GLY A 4 -16.15 -28.62 -14.97
C GLY A 4 -15.01 -27.61 -14.68
N ILE A 5 -14.84 -27.36 -13.39
CA ILE A 5 -13.72 -26.47 -13.01
C ILE A 5 -13.05 -27.06 -11.75
N ASN A 6 -12.12 -28.00 -11.97
CA ASN A 6 -11.39 -28.52 -10.81
C ASN A 6 -10.68 -27.40 -10.03
N GLY A 7 -11.29 -27.21 -8.88
CA GLY A 7 -10.76 -26.28 -7.83
C GLY A 7 -11.33 -24.87 -8.06
N PHE A 8 -10.76 -23.96 -7.31
CA PHE A 8 -11.17 -22.58 -7.54
C PHE A 8 -10.75 -21.62 -6.43
N GLY A 9 -9.79 -20.84 -6.78
CA GLY A 9 -9.30 -19.66 -6.03
C GLY A 9 -9.36 -18.65 -7.20
N ARG A 10 -8.34 -17.89 -7.35
CA ARG A 10 -8.29 -16.93 -8.48
C ARG A 10 -8.74 -17.56 -9.76
N ILE A 11 -8.00 -18.23 -10.59
CA ILE A 11 -8.57 -18.74 -11.87
C ILE A 11 -9.83 -19.55 -11.59
N GLY A 12 -9.90 -20.66 -10.97
CA GLY A 12 -11.09 -21.45 -10.67
C GLY A 12 -12.40 -20.69 -10.63
N ARG A 13 -12.40 -19.62 -9.86
CA ARG A 13 -13.47 -18.65 -9.62
C ARG A 13 -13.86 -17.80 -10.81
N LEU A 14 -13.11 -16.76 -11.11
CA LEU A 14 -13.36 -15.85 -12.28
C LEU A 14 -13.65 -16.69 -13.57
N VAL A 15 -13.06 -17.91 -13.59
CA VAL A 15 -13.33 -18.81 -14.72
C VAL A 15 -14.74 -19.41 -14.56
N LEU A 16 -15.20 -19.39 -13.28
CA LEU A 16 -16.61 -19.83 -13.01
C LEU A 16 -17.40 -18.62 -13.54
N ARG A 17 -17.24 -17.57 -12.77
CA ARG A 17 -17.90 -16.29 -13.08
C ARG A 17 -17.53 -15.88 -14.52
N ALA A 18 -16.60 -16.61 -15.14
CA ALA A 18 -16.22 -16.22 -16.55
C ALA A 18 -17.41 -16.67 -17.41
N ALA A 19 -17.41 -18.02 -17.35
CA ALA A 19 -18.42 -18.88 -17.97
C ALA A 19 -19.75 -18.13 -18.14
N LEU A 20 -20.26 -17.54 -17.06
CA LEU A 20 -21.67 -17.04 -17.08
C LEU A 20 -21.91 -15.70 -17.69
N SER A 21 -20.92 -14.84 -17.89
CA SER A 21 -21.07 -13.58 -18.68
C SER A 21 -21.01 -14.03 -20.16
N CYS A 22 -20.55 -15.26 -20.38
CA CYS A 22 -20.46 -15.78 -21.75
C CYS A 22 -21.77 -16.44 -22.22
N GLY A 23 -21.59 -17.74 -22.48
CA GLY A 23 -22.74 -18.58 -22.87
C GLY A 23 -22.23 -19.99 -22.45
N ALA A 24 -21.63 -19.89 -21.26
CA ALA A 24 -20.95 -21.11 -20.74
C ALA A 24 -21.95 -21.93 -19.93
N GLN A 25 -21.62 -23.19 -19.75
CA GLN A 25 -22.30 -24.22 -19.03
C GLN A 25 -21.75 -24.32 -17.60
N VAL A 26 -22.70 -24.51 -16.70
CA VAL A 26 -22.31 -24.59 -15.22
C VAL A 26 -21.80 -25.98 -14.99
N VAL A 27 -22.01 -26.72 -13.89
CA VAL A 27 -21.25 -27.98 -13.88
C VAL A 27 -21.09 -28.91 -12.73
N ALA A 28 -19.95 -28.70 -12.09
CA ALA A 28 -19.35 -29.35 -10.97
C ALA A 28 -18.08 -28.54 -10.65
N VAL A 29 -17.82 -28.22 -9.43
CA VAL A 29 -16.54 -27.60 -9.04
C VAL A 29 -15.93 -28.67 -8.11
N ASN A 30 -14.65 -28.62 -7.84
CA ASN A 30 -14.12 -29.65 -6.89
C ASN A 30 -12.81 -29.13 -6.24
N ASP A 31 -13.07 -28.38 -5.14
CA ASP A 31 -12.09 -27.76 -4.31
C ASP A 31 -11.91 -28.21 -2.85
N PRO A 32 -11.00 -29.12 -2.67
CA PRO A 32 -10.49 -29.53 -1.36
C PRO A 32 -10.24 -28.32 -0.48
N PHE A 33 -10.22 -28.50 0.84
CA PHE A 33 -10.00 -27.41 1.79
C PHE A 33 -11.06 -26.32 1.72
N ILE A 34 -12.15 -26.54 0.96
CA ILE A 34 -13.19 -25.52 0.85
C ILE A 34 -14.57 -26.07 0.85
N ALA A 35 -15.42 -25.83 1.81
CA ALA A 35 -16.77 -26.38 1.84
C ALA A 35 -17.74 -25.59 1.01
N LEU A 36 -18.76 -26.16 0.51
CA LEU A 36 -19.89 -25.50 -0.15
C LEU A 36 -20.32 -24.16 0.40
N GLU A 37 -20.47 -23.96 1.74
CA GLU A 37 -20.97 -22.62 2.14
C GLU A 37 -19.87 -21.54 2.10
N TYR A 38 -18.65 -21.96 1.98
CA TYR A 38 -17.52 -21.01 1.92
C TYR A 38 -17.42 -20.31 0.57
N MET A 39 -17.64 -21.10 -0.49
CA MET A 39 -17.58 -20.87 -1.89
C MET A 39 -18.53 -19.75 -2.33
N VAL A 40 -19.76 -19.95 -1.97
CA VAL A 40 -20.89 -18.98 -2.28
C VAL A 40 -20.40 -17.62 -1.72
N TYR A 41 -19.98 -17.72 -0.44
CA TYR A 41 -19.55 -16.45 0.20
C TYR A 41 -18.21 -16.10 -0.50
N MET A 42 -17.61 -17.18 -1.00
CA MET A 42 -16.18 -16.92 -1.44
C MET A 42 -16.17 -16.50 -2.88
N PHE A 43 -17.28 -16.59 -3.54
CA PHE A 43 -17.41 -16.16 -4.93
C PHE A 43 -18.20 -14.85 -4.98
N LYS A 44 -19.21 -14.69 -4.18
CA LYS A 44 -20.06 -13.52 -4.11
C LYS A 44 -19.23 -12.24 -4.01
N TYR A 45 -18.20 -12.28 -3.22
CA TYR A 45 -17.30 -11.21 -2.83
C TYR A 45 -15.86 -11.28 -3.33
N ASP A 46 -15.39 -10.21 -3.92
CA ASP A 46 -14.06 -10.13 -4.49
C ASP A 46 -13.51 -8.75 -4.07
N SER A 47 -12.36 -8.81 -3.41
CA SER A 47 -11.72 -7.55 -2.95
C SER A 47 -11.46 -6.74 -4.21
N THR A 48 -10.80 -7.30 -5.20
CA THR A 48 -10.46 -6.73 -6.49
C THR A 48 -11.55 -6.63 -7.54
N HIS A 49 -12.26 -7.61 -7.96
CA HIS A 49 -13.30 -7.48 -9.00
C HIS A 49 -14.76 -7.36 -8.59
N GLY A 50 -15.13 -7.86 -7.42
CA GLY A 50 -16.16 -8.06 -6.56
C GLY A 50 -17.57 -7.80 -6.38
N VAL A 51 -18.20 -8.71 -5.71
CA VAL A 51 -19.66 -8.79 -5.38
C VAL A 51 -20.26 -9.42 -6.63
N PHE A 52 -21.50 -9.35 -6.94
CA PHE A 52 -21.92 -10.13 -8.19
C PHE A 52 -23.38 -9.89 -8.22
N LYS A 53 -24.22 -10.91 -8.00
CA LYS A 53 -25.69 -10.65 -7.96
C LYS A 53 -26.45 -11.97 -7.97
N GLY A 54 -25.82 -12.84 -8.68
CA GLY A 54 -26.37 -14.20 -8.88
C GLY A 54 -27.11 -14.76 -7.65
N GLU A 55 -27.98 -15.73 -8.04
CA GLU A 55 -28.78 -16.35 -6.92
C GLU A 55 -27.70 -17.17 -6.23
N VAL A 56 -27.13 -16.55 -5.20
CA VAL A 56 -25.93 -17.22 -4.62
C VAL A 56 -26.27 -17.95 -3.34
N LYS A 57 -26.74 -19.21 -3.54
CA LYS A 57 -27.00 -20.06 -2.36
C LYS A 57 -26.90 -21.58 -2.61
N MET A 58 -26.60 -22.25 -1.52
CA MET A 58 -26.57 -23.66 -1.31
C MET A 58 -28.05 -24.13 -1.33
N GLU A 59 -28.18 -25.33 -1.82
CA GLU A 59 -29.52 -25.98 -2.00
C GLU A 59 -29.29 -27.49 -2.18
N ASP A 60 -30.33 -28.20 -1.75
CA ASP A 60 -30.26 -29.69 -1.91
C ASP A 60 -28.78 -30.05 -2.20
N GLY A 61 -27.97 -29.71 -1.19
CA GLY A 61 -26.61 -29.94 -0.98
C GLY A 61 -25.61 -29.82 -2.06
N ALA A 62 -25.60 -28.63 -2.68
CA ALA A 62 -24.62 -28.25 -3.71
C ALA A 62 -24.80 -26.75 -3.97
N LEU A 63 -23.97 -26.23 -4.88
CA LEU A 63 -23.95 -24.83 -5.24
C LEU A 63 -25.09 -24.59 -6.24
N VAL A 64 -25.94 -23.60 -5.91
CA VAL A 64 -26.89 -23.18 -6.99
C VAL A 64 -26.50 -21.73 -7.25
N VAL A 65 -26.02 -21.49 -8.46
CA VAL A 65 -25.64 -20.11 -8.87
C VAL A 65 -26.55 -19.57 -9.96
N ASP A 66 -27.25 -18.51 -9.63
CA ASP A 66 -28.17 -17.88 -10.62
C ASP A 66 -29.20 -18.89 -11.07
N GLY A 67 -29.78 -19.46 -10.01
CA GLY A 67 -30.81 -20.52 -10.06
C GLY A 67 -30.39 -21.48 -11.16
N LYS A 68 -29.32 -22.17 -10.90
CA LYS A 68 -28.84 -23.18 -11.88
C LYS A 68 -27.84 -24.09 -11.12
N LYS A 69 -28.40 -25.09 -10.45
CA LYS A 69 -27.66 -26.06 -9.68
C LYS A 69 -26.49 -26.68 -10.47
N ILE A 70 -25.34 -26.38 -9.86
CA ILE A 70 -24.04 -26.91 -10.25
C ILE A 70 -23.48 -27.62 -9.03
N THR A 71 -23.30 -28.96 -9.20
CA THR A 71 -22.68 -29.71 -8.15
C THR A 71 -21.39 -29.01 -7.73
N VAL A 72 -20.87 -29.51 -6.69
CA VAL A 72 -19.48 -29.11 -6.23
C VAL A 72 -19.10 -30.43 -5.55
N PHE A 73 -17.84 -30.76 -5.52
CA PHE A 73 -17.49 -31.99 -4.71
C PHE A 73 -16.14 -31.64 -4.05
N ASN A 74 -15.51 -32.56 -3.35
CA ASN A 74 -14.23 -32.40 -2.68
C ASN A 74 -13.66 -33.83 -2.62
N GLU A 75 -12.37 -33.91 -2.81
CA GLU A 75 -11.47 -35.02 -2.85
C GLU A 75 -10.03 -34.48 -3.12
N MET A 76 -9.06 -34.94 -2.41
CA MET A 76 -7.67 -34.54 -2.65
C MET A 76 -7.08 -35.53 -3.63
N LYS A 77 -7.43 -35.44 -4.88
CA LYS A 77 -6.99 -36.31 -5.98
C LYS A 77 -8.16 -36.48 -6.96
N PRO A 78 -7.87 -36.10 -8.19
CA PRO A 78 -8.82 -36.06 -9.28
C PRO A 78 -9.15 -37.35 -9.97
N GLU A 79 -8.35 -38.40 -9.81
CA GLU A 79 -8.64 -39.71 -10.46
C GLU A 79 -9.87 -40.32 -9.76
N ASN A 80 -10.27 -39.58 -8.71
CA ASN A 80 -11.45 -39.95 -7.91
C ASN A 80 -12.65 -39.02 -8.15
N ILE A 81 -12.46 -37.85 -8.71
CA ILE A 81 -13.61 -36.91 -8.86
C ILE A 81 -14.63 -37.54 -9.79
N PRO A 82 -15.90 -37.53 -9.42
CA PRO A 82 -16.99 -38.01 -10.28
C PRO A 82 -17.08 -37.12 -11.51
N TRP A 83 -17.74 -37.49 -12.52
CA TRP A 83 -17.95 -36.75 -13.80
C TRP A 83 -18.73 -37.85 -14.66
N SER A 84 -18.57 -39.00 -13.94
CA SER A 84 -19.33 -40.24 -14.25
C SER A 84 -20.71 -39.68 -13.74
N LYS A 85 -21.06 -40.28 -12.57
CA LYS A 85 -22.23 -39.64 -11.87
C LYS A 85 -21.73 -38.20 -11.74
N ALA A 86 -22.26 -37.36 -12.54
CA ALA A 86 -21.88 -35.91 -12.60
C ALA A 86 -22.38 -35.40 -13.96
N GLY A 87 -21.68 -36.01 -14.92
CA GLY A 87 -21.97 -35.72 -16.37
C GLY A 87 -21.41 -34.32 -16.64
N ALA A 88 -20.10 -34.30 -16.68
CA ALA A 88 -19.31 -33.13 -16.89
C ALA A 88 -18.16 -33.43 -17.86
N GLU A 89 -18.45 -33.23 -19.09
CA GLU A 89 -17.58 -33.32 -20.25
C GLU A 89 -16.15 -32.82 -20.20
N TYR A 90 -16.05 -31.50 -20.50
CA TYR A 90 -14.76 -30.83 -20.42
C TYR A 90 -14.54 -30.25 -19.00
N ILE A 91 -13.37 -30.66 -18.54
CA ILE A 91 -12.78 -30.33 -17.26
C ILE A 91 -11.53 -29.46 -17.45
N VAL A 92 -11.44 -28.42 -16.66
CA VAL A 92 -10.49 -27.35 -16.57
C VAL A 92 -9.73 -27.46 -15.26
N GLU A 93 -8.47 -27.38 -15.20
CA GLU A 93 -7.67 -27.54 -13.98
C GLU A 93 -7.15 -26.23 -13.49
N SER A 94 -7.50 -25.80 -12.28
CA SER A 94 -6.96 -24.57 -11.67
C SER A 94 -5.88 -24.79 -10.62
N THR A 95 -6.17 -25.58 -9.63
CA THR A 95 -5.30 -26.03 -8.56
C THR A 95 -3.85 -25.55 -8.50
N GLY A 96 -3.17 -25.95 -9.59
CA GLY A 96 -1.74 -25.79 -9.81
C GLY A 96 -1.17 -27.23 -9.72
N VAL A 97 -1.44 -27.95 -8.65
CA VAL A 97 -0.89 -29.29 -8.41
C VAL A 97 -1.58 -30.34 -9.31
N PHE A 98 -1.08 -30.52 -10.51
CA PHE A 98 -1.55 -31.37 -11.57
C PHE A 98 -1.31 -30.68 -12.95
N THR A 99 -0.09 -30.54 -13.40
CA THR A 99 0.11 -29.60 -14.56
C THR A 99 0.34 -30.20 -15.91
N THR A 100 0.63 -31.46 -16.02
CA THR A 100 1.07 -32.20 -17.18
C THR A 100 0.13 -33.31 -17.61
N ILE A 101 0.26 -33.70 -18.91
CA ILE A 101 -0.68 -34.71 -19.43
C ILE A 101 -0.69 -35.91 -18.42
N GLU A 102 0.54 -36.22 -18.00
CA GLU A 102 0.59 -37.33 -17.00
C GLU A 102 -0.46 -37.01 -15.91
N LYS A 103 -0.38 -35.89 -15.27
CA LYS A 103 -1.22 -35.56 -14.13
C LYS A 103 -2.66 -35.20 -14.47
N ALA A 104 -2.98 -34.79 -15.66
CA ALA A 104 -4.36 -34.35 -16.03
C ALA A 104 -5.15 -35.64 -16.38
N SER A 105 -4.49 -36.23 -17.38
CA SER A 105 -4.85 -37.57 -17.89
C SER A 105 -5.60 -38.30 -16.79
N ALA A 106 -4.76 -38.54 -15.79
CA ALA A 106 -5.29 -39.20 -14.57
C ALA A 106 -6.75 -38.81 -14.45
N HIS A 107 -7.15 -37.57 -14.65
CA HIS A 107 -8.59 -37.25 -14.50
C HIS A 107 -9.39 -38.54 -14.77
N PHE A 108 -9.36 -38.98 -16.00
CA PHE A 108 -10.13 -40.12 -16.49
C PHE A 108 -10.55 -41.11 -15.39
N LYS A 109 -9.57 -41.88 -14.97
CA LYS A 109 -9.78 -42.98 -14.01
C LYS A 109 -11.16 -42.86 -13.34
N GLY A 110 -11.28 -41.71 -12.63
CA GLY A 110 -12.55 -41.47 -11.86
C GLY A 110 -13.67 -41.95 -12.87
N GLY A 111 -13.68 -41.19 -13.91
CA GLY A 111 -14.63 -41.33 -15.02
C GLY A 111 -14.56 -39.84 -15.51
N ALA A 112 -14.08 -39.68 -16.74
CA ALA A 112 -13.91 -38.30 -17.25
C ALA A 112 -13.92 -38.30 -18.79
N LYS A 113 -13.05 -37.43 -19.33
CA LYS A 113 -12.80 -37.37 -20.75
C LYS A 113 -12.17 -36.16 -21.39
N LYS A 114 -12.54 -34.93 -21.05
CA LYS A 114 -12.08 -33.73 -21.93
C LYS A 114 -11.47 -32.60 -21.13
N VAL A 115 -10.21 -32.16 -21.38
CA VAL A 115 -9.45 -31.35 -20.46
C VAL A 115 -8.44 -30.32 -20.93
N VAL A 116 -8.31 -29.22 -20.19
CA VAL A 116 -7.46 -28.07 -20.35
C VAL A 116 -6.94 -27.47 -19.01
N ILE A 117 -5.63 -27.27 -19.07
CA ILE A 117 -4.79 -26.81 -18.00
C ILE A 117 -4.69 -25.30 -18.10
N SER A 118 -5.14 -24.69 -17.02
CA SER A 118 -5.14 -23.24 -16.81
C SER A 118 -3.77 -22.65 -16.69
N ALA A 119 -2.72 -23.34 -16.93
CA ALA A 119 -1.32 -22.93 -16.77
C ALA A 119 -0.37 -23.61 -17.76
N PRO A 120 0.86 -23.23 -17.50
CA PRO A 120 1.91 -23.67 -18.49
C PRO A 120 1.85 -25.17 -18.32
N SER A 121 2.05 -25.97 -19.33
CA SER A 121 2.38 -27.38 -19.14
C SER A 121 3.80 -27.69 -19.72
N ALA A 122 4.34 -28.74 -19.12
CA ALA A 122 5.58 -29.38 -19.61
C ALA A 122 5.37 -30.01 -21.00
N ASP A 123 4.45 -30.96 -21.05
CA ASP A 123 4.18 -31.78 -22.22
C ASP A 123 3.03 -31.25 -23.01
N ALA A 124 2.06 -30.70 -22.32
CA ALA A 124 0.77 -30.28 -22.97
C ALA A 124 0.95 -29.26 -24.05
N PRO A 125 0.18 -29.35 -25.13
CA PRO A 125 0.26 -28.34 -26.22
C PRO A 125 0.26 -27.04 -25.46
N MET A 126 0.26 -25.90 -26.09
CA MET A 126 0.28 -24.64 -25.39
C MET A 126 -0.34 -23.59 -26.37
N PHE A 127 -1.64 -23.64 -26.43
CA PHE A 127 -2.42 -22.63 -27.15
C PHE A 127 -2.48 -21.34 -26.32
N VAL A 128 -2.50 -20.26 -27.04
CA VAL A 128 -2.68 -18.87 -26.76
C VAL A 128 -3.83 -18.48 -27.79
N CYS A 129 -4.72 -17.63 -27.34
CA CYS A 129 -5.91 -17.42 -28.15
C CYS A 129 -5.55 -17.09 -29.59
N GLY A 130 -5.03 -15.91 -29.85
CA GLY A 130 -4.79 -15.51 -31.24
C GLY A 130 -4.29 -16.62 -32.14
N VAL A 131 -3.15 -17.20 -31.78
CA VAL A 131 -2.44 -18.22 -32.60
C VAL A 131 -2.78 -19.64 -32.25
N ASN A 132 -2.80 -20.02 -30.98
CA ASN A 132 -3.23 -21.32 -30.53
C ASN A 132 -3.94 -22.08 -31.72
N LEU A 133 -5.03 -21.48 -32.10
CA LEU A 133 -6.12 -21.80 -32.97
C LEU A 133 -5.99 -22.91 -33.94
N GLU A 134 -5.58 -22.66 -35.19
CA GLU A 134 -5.38 -23.80 -36.15
C GLU A 134 -4.37 -24.84 -35.64
N LYS A 135 -3.21 -24.57 -35.16
CA LYS A 135 -2.31 -25.61 -34.61
C LYS A 135 -3.14 -26.67 -33.90
N TYR A 136 -4.24 -26.27 -33.25
CA TYR A 136 -5.14 -27.06 -32.50
C TYR A 136 -6.27 -27.75 -33.22
N SER A 137 -6.36 -29.03 -33.02
CA SER A 137 -7.44 -29.93 -33.47
C SER A 137 -7.63 -31.06 -32.44
N LYS A 138 -8.75 -31.79 -32.49
CA LYS A 138 -9.10 -32.93 -31.72
C LYS A 138 -8.11 -34.04 -31.43
N ASP A 139 -6.92 -34.21 -31.77
CA ASP A 139 -5.97 -35.23 -31.42
C ASP A 139 -5.74 -35.06 -29.88
N MET A 140 -5.88 -33.81 -29.58
CA MET A 140 -5.51 -33.25 -28.29
C MET A 140 -6.60 -33.25 -27.22
N THR A 141 -6.26 -34.00 -26.18
CA THR A 141 -7.21 -34.28 -25.08
C THR A 141 -7.16 -33.49 -23.80
N VAL A 142 -5.91 -33.16 -23.55
CA VAL A 142 -5.42 -32.56 -22.28
C VAL A 142 -4.66 -31.29 -22.48
N VAL A 143 -5.07 -30.53 -23.53
CA VAL A 143 -4.36 -29.36 -23.96
C VAL A 143 -4.29 -28.29 -22.93
N SER A 144 -3.19 -27.60 -22.79
CA SER A 144 -3.06 -26.40 -21.93
C SER A 144 -3.03 -25.06 -22.70
N ASN A 145 -3.38 -24.01 -21.99
CA ASN A 145 -3.45 -22.64 -22.45
C ASN A 145 -2.51 -21.70 -21.71
N ALA A 146 -1.22 -21.81 -21.81
CA ALA A 146 -0.29 -20.93 -21.13
C ALA A 146 -0.90 -19.60 -20.70
N SER A 147 -0.58 -19.13 -19.56
CA SER A 147 -0.78 -18.01 -18.76
C SER A 147 -1.01 -16.60 -19.25
N CYS A 148 -1.19 -15.80 -18.15
CA CYS A 148 -1.38 -14.34 -18.08
C CYS A 148 -0.37 -13.47 -18.80
N THR A 149 0.88 -13.68 -18.50
CA THR A 149 1.95 -12.77 -19.03
C THR A 149 2.02 -13.07 -20.51
N THR A 150 2.19 -14.40 -20.77
CA THR A 150 2.27 -14.90 -22.14
C THR A 150 1.18 -14.44 -23.11
N ASN A 151 -0.03 -14.60 -22.57
CA ASN A 151 -1.27 -14.21 -23.25
C ASN A 151 -1.15 -12.77 -23.67
N CYS A 152 -0.45 -11.93 -22.92
CA CYS A 152 -0.30 -10.49 -23.19
C CYS A 152 0.82 -10.21 -24.20
N LEU A 153 1.81 -11.16 -24.26
CA LEU A 153 2.90 -11.06 -25.23
C LEU A 153 2.69 -11.77 -26.56
N ALA A 154 2.04 -12.92 -26.66
CA ALA A 154 1.70 -13.51 -27.92
C ALA A 154 1.38 -12.30 -28.81
N PRO A 155 0.19 -11.82 -28.56
CA PRO A 155 -0.45 -10.86 -29.50
C PRO A 155 0.52 -9.87 -30.06
N VAL A 156 1.17 -9.13 -29.16
CA VAL A 156 2.15 -8.11 -29.44
C VAL A 156 3.38 -8.62 -30.19
N ALA A 157 3.86 -9.81 -29.88
CA ALA A 157 4.93 -10.47 -30.66
C ALA A 157 4.37 -10.59 -32.09
N LYS A 158 3.59 -11.60 -32.44
CA LYS A 158 2.89 -11.73 -33.69
C LYS A 158 2.65 -10.43 -34.41
N VAL A 159 2.31 -9.31 -33.82
CA VAL A 159 2.13 -8.11 -34.76
C VAL A 159 3.58 -7.71 -35.06
N LEU A 160 4.24 -7.08 -34.11
CA LEU A 160 5.64 -6.71 -34.23
C LEU A 160 6.44 -7.43 -35.29
N HIS A 161 6.78 -8.66 -34.99
CA HIS A 161 7.47 -9.66 -35.77
C HIS A 161 6.97 -9.89 -37.20
N GLU A 162 6.10 -10.89 -37.27
CA GLU A 162 5.41 -11.16 -38.59
C GLU A 162 5.62 -9.85 -39.36
N ASN A 163 5.19 -8.79 -38.92
CA ASN A 163 5.28 -7.45 -39.42
C ASN A 163 6.56 -6.67 -39.44
N PHE A 164 7.56 -6.78 -38.63
CA PHE A 164 8.85 -6.04 -38.67
C PHE A 164 10.01 -7.01 -38.31
N GLU A 165 9.54 -8.24 -38.01
CA GLU A 165 10.37 -9.40 -37.82
C GLU A 165 10.84 -9.73 -36.43
N ILE A 166 11.23 -8.79 -35.58
CA ILE A 166 11.78 -9.13 -34.32
C ILE A 166 12.99 -10.09 -34.60
N VAL A 167 14.14 -9.70 -34.13
CA VAL A 167 15.35 -10.54 -34.35
C VAL A 167 15.78 -10.95 -32.96
N GLU A 168 15.90 -10.07 -32.03
CA GLU A 168 16.16 -10.26 -30.63
C GLU A 168 15.41 -9.19 -29.80
N GLY A 169 14.98 -9.58 -28.58
CA GLY A 169 14.19 -8.72 -27.71
C GLY A 169 14.16 -9.10 -26.23
N LEU A 170 13.78 -8.19 -25.36
CA LEU A 170 13.80 -8.38 -23.92
C LEU A 170 12.49 -7.97 -23.26
N MET A 171 12.14 -8.51 -22.10
CA MET A 171 10.89 -8.08 -21.50
C MET A 171 10.84 -8.14 -19.98
N THR A 172 10.22 -7.07 -19.48
CA THR A 172 9.95 -6.81 -18.13
C THR A 172 8.39 -6.76 -18.03
N THR A 173 7.99 -7.70 -17.18
CA THR A 173 6.59 -7.56 -16.68
C THR A 173 6.69 -7.12 -15.22
N VAL A 174 5.88 -6.11 -15.02
CA VAL A 174 5.67 -5.58 -13.62
C VAL A 174 4.35 -6.29 -13.13
N HIS A 175 4.62 -7.30 -12.32
CA HIS A 175 3.41 -8.10 -11.95
C HIS A 175 2.85 -7.33 -10.75
N ALA A 176 1.58 -7.56 -10.48
CA ALA A 176 1.02 -6.95 -9.25
C ALA A 176 0.84 -8.09 -8.31
N VAL A 177 1.15 -8.18 -7.08
CA VAL A 177 0.95 -9.35 -6.20
C VAL A 177 -0.06 -10.41 -6.66
N THR A 178 0.33 -11.62 -6.15
CA THR A 178 -0.19 -12.91 -6.28
C THR A 178 -0.56 -13.74 -5.03
N ALA A 179 -1.09 -14.92 -5.37
CA ALA A 179 -1.45 -15.90 -4.36
C ALA A 179 -0.27 -15.93 -3.39
N THR A 180 0.90 -16.16 -4.00
CA THR A 180 2.13 -16.46 -3.25
C THR A 180 2.75 -15.47 -2.27
N GLN A 181 3.20 -14.35 -2.81
CA GLN A 181 3.70 -13.23 -2.01
C GLN A 181 3.32 -13.09 -0.56
N LYS A 182 4.09 -13.64 0.33
CA LYS A 182 3.98 -13.53 1.83
C LYS A 182 3.60 -12.07 2.12
N THR A 183 2.79 -11.82 3.16
CA THR A 183 2.28 -10.54 3.60
C THR A 183 3.27 -9.96 4.61
N VAL A 184 4.40 -10.59 4.73
CA VAL A 184 5.37 -10.02 5.77
C VAL A 184 6.33 -11.18 5.82
N ASP A 185 7.29 -11.16 4.96
CA ASP A 185 8.39 -12.10 5.00
C ASP A 185 8.05 -13.53 5.12
N GLY A 186 9.10 -14.38 5.03
CA GLY A 186 8.80 -15.80 5.32
C GLY A 186 9.37 -16.69 4.25
N PRO A 187 9.07 -17.93 4.52
CA PRO A 187 9.64 -18.99 3.66
C PRO A 187 9.22 -18.81 2.22
N SER A 188 10.07 -19.12 1.29
CA SER A 188 9.77 -19.24 -0.13
C SER A 188 10.68 -20.45 -0.48
N ALA A 189 11.00 -21.11 0.67
CA ALA A 189 11.77 -22.36 0.72
C ALA A 189 12.22 -22.71 -0.68
N LYS A 190 11.49 -22.48 -1.72
CA LYS A 190 11.94 -22.72 -3.07
C LYS A 190 12.02 -21.44 -3.89
N ASP A 191 11.07 -20.59 -3.54
CA ASP A 191 11.00 -19.25 -4.22
C ASP A 191 11.44 -18.07 -3.38
N TRP A 192 12.54 -17.99 -2.70
CA TRP A 192 13.12 -17.13 -1.77
C TRP A 192 12.96 -15.60 -1.63
N ARG A 193 13.02 -14.80 -2.67
CA ARG A 193 12.90 -13.36 -2.62
C ARG A 193 11.48 -12.82 -2.71
N GLY A 194 10.50 -13.57 -2.95
CA GLY A 194 9.06 -13.32 -3.03
C GLY A 194 8.48 -14.18 -1.85
N GLY A 195 9.42 -14.33 -0.87
CA GLY A 195 9.12 -15.00 0.39
C GLY A 195 8.96 -13.74 1.33
N ARG A 196 9.70 -12.80 0.90
CA ARG A 196 9.93 -11.52 1.53
C ARG A 196 8.67 -10.66 1.39
N GLY A 197 8.76 -9.53 2.06
CA GLY A 197 7.66 -8.64 2.26
C GLY A 197 7.01 -8.08 1.06
N ALA A 198 6.19 -8.92 0.41
CA ALA A 198 5.46 -8.53 -0.77
C ALA A 198 4.61 -7.28 -0.72
N ALA A 199 4.77 -6.38 0.16
CA ALA A 199 3.94 -5.15 0.14
C ALA A 199 4.71 -3.94 0.67
N GLN A 200 6.02 -4.07 0.84
CA GLN A 200 6.96 -3.02 1.20
C GLN A 200 7.96 -2.75 0.02
N ASN A 201 8.29 -3.71 -0.78
CA ASN A 201 9.09 -4.04 -1.81
C ASN A 201 8.59 -4.35 -3.26
N ILE A 202 9.56 -4.21 -4.16
CA ILE A 202 9.66 -4.54 -5.59
C ILE A 202 10.62 -5.72 -5.55
N ILE A 203 10.22 -6.87 -5.92
CA ILE A 203 10.98 -8.14 -5.80
C ILE A 203 11.19 -8.80 -7.10
N PRO A 204 12.33 -8.96 -7.62
CA PRO A 204 12.60 -9.68 -8.90
C PRO A 204 11.73 -10.84 -9.18
N SER A 205 11.83 -11.55 -10.28
CA SER A 205 11.01 -12.69 -10.58
C SER A 205 11.29 -13.52 -11.82
N SER A 206 11.92 -14.62 -11.78
CA SER A 206 12.01 -15.50 -12.96
C SER A 206 10.62 -15.46 -13.58
N THR A 207 10.57 -15.31 -14.93
CA THR A 207 9.38 -15.44 -15.73
C THR A 207 9.67 -16.19 -17.08
N GLY A 208 8.55 -16.48 -17.74
CA GLY A 208 8.44 -17.07 -19.05
C GLY A 208 7.87 -16.32 -20.28
N ALA A 209 8.74 -15.54 -20.92
CA ALA A 209 8.45 -14.88 -22.19
C ALA A 209 9.03 -15.86 -23.24
N ALA A 210 10.25 -16.32 -22.98
CA ALA A 210 10.66 -17.40 -23.96
C ALA A 210 9.66 -18.57 -23.86
N LYS A 211 9.03 -18.77 -22.70
CA LYS A 211 8.10 -19.83 -22.39
C LYS A 211 7.16 -20.10 -23.61
N ALA A 212 5.97 -19.72 -23.25
CA ALA A 212 4.78 -19.91 -24.07
C ALA A 212 5.03 -19.41 -25.49
N VAL A 213 5.78 -18.31 -25.57
CA VAL A 213 5.95 -17.56 -26.83
C VAL A 213 6.63 -18.39 -27.91
N GLY A 214 7.84 -18.80 -27.53
CA GLY A 214 8.59 -19.75 -28.31
C GLY A 214 7.62 -20.91 -28.58
N LYS A 215 7.18 -21.54 -27.51
CA LYS A 215 6.43 -22.84 -27.73
C LYS A 215 5.03 -22.60 -28.16
N VAL A 216 4.76 -21.42 -28.66
CA VAL A 216 3.45 -20.95 -29.20
C VAL A 216 3.58 -20.41 -30.64
N ILE A 217 4.51 -19.48 -30.74
CA ILE A 217 4.78 -18.80 -32.05
C ILE A 217 6.19 -19.18 -32.47
N PRO A 218 6.34 -20.47 -32.81
CA PRO A 218 7.56 -21.18 -33.13
C PRO A 218 8.75 -20.51 -33.74
N GLU A 219 8.59 -19.79 -34.82
CA GLU A 219 9.54 -18.96 -35.52
C GLU A 219 10.45 -18.16 -34.56
N LEU A 220 9.97 -17.97 -33.33
CA LEU A 220 10.72 -17.30 -32.25
C LEU A 220 11.35 -18.40 -31.36
N ASP A 221 10.69 -19.46 -31.06
CA ASP A 221 11.40 -20.48 -30.19
C ASP A 221 12.88 -20.06 -30.06
N GLY A 222 13.30 -19.05 -29.28
CA GLY A 222 14.65 -18.67 -29.17
C GLY A 222 15.15 -17.27 -29.20
N LYS A 223 14.36 -16.27 -29.56
CA LYS A 223 14.89 -14.91 -29.62
C LYS A 223 14.38 -14.09 -28.47
N LEU A 224 13.57 -14.59 -27.58
CA LEU A 224 13.01 -13.52 -26.61
C LEU A 224 13.28 -14.04 -25.25
N THR A 225 13.54 -13.18 -24.30
CA THR A 225 13.62 -13.73 -22.87
C THR A 225 13.11 -12.65 -22.00
N GLY A 226 13.22 -12.67 -20.70
CA GLY A 226 12.67 -11.50 -19.91
C GLY A 226 12.52 -11.90 -18.45
N MET A 227 12.07 -10.92 -17.70
CA MET A 227 11.91 -11.11 -16.24
C MET A 227 10.76 -10.28 -15.70
N ALA A 228 10.68 -10.11 -14.38
CA ALA A 228 9.52 -9.55 -13.69
C ALA A 228 9.84 -8.99 -12.31
N PHE A 229 8.96 -8.19 -11.83
CA PHE A 229 8.86 -7.48 -10.58
C PHE A 229 7.31 -7.52 -10.24
N ARG A 230 7.21 -7.85 -8.97
CA ARG A 230 5.92 -7.80 -8.29
C ARG A 230 6.08 -6.51 -7.43
N VAL A 231 5.14 -5.59 -7.60
CA VAL A 231 4.94 -4.34 -6.99
C VAL A 231 3.58 -4.41 -6.26
N PRO A 232 3.46 -3.55 -5.28
CA PRO A 232 2.19 -3.47 -4.51
C PRO A 232 1.02 -3.69 -5.43
N THR A 233 0.63 -2.85 -6.28
CA THR A 233 -0.55 -3.07 -7.16
C THR A 233 -1.24 -4.40 -7.03
N PRO A 234 -2.48 -4.40 -6.52
CA PRO A 234 -3.29 -5.60 -6.32
C PRO A 234 -3.74 -6.30 -7.56
N ASP A 235 -3.93 -5.59 -8.70
CA ASP A 235 -4.40 -6.30 -9.92
C ASP A 235 -3.83 -5.94 -11.26
N VAL A 236 -2.80 -5.13 -11.48
CA VAL A 236 -2.55 -4.90 -12.93
C VAL A 236 -1.31 -5.46 -13.48
N SER A 237 -0.37 -4.79 -14.04
CA SER A 237 0.73 -5.62 -14.71
C SER A 237 0.85 -5.23 -16.20
N VAL A 238 1.92 -4.45 -16.42
CA VAL A 238 2.38 -3.91 -17.67
C VAL A 238 3.56 -4.74 -18.17
N VAL A 239 3.42 -5.12 -19.43
CA VAL A 239 4.47 -5.94 -20.05
C VAL A 239 5.30 -4.95 -20.91
N ASP A 240 6.55 -5.10 -20.53
CA ASP A 240 7.57 -4.19 -21.16
C ASP A 240 8.39 -5.13 -22.06
N LEU A 241 8.47 -4.81 -23.32
CA LEU A 241 9.27 -5.54 -24.31
C LEU A 241 9.97 -4.48 -25.21
N THR A 242 11.19 -4.77 -25.42
CA THR A 242 12.23 -4.16 -26.19
C THR A 242 12.59 -5.08 -27.37
N VAL A 243 12.80 -4.54 -28.54
CA VAL A 243 13.13 -5.42 -29.66
C VAL A 243 14.17 -4.72 -30.52
N ARG A 244 14.99 -5.54 -31.11
CA ARG A 244 15.91 -5.12 -32.23
C ARG A 244 14.93 -5.52 -33.32
N LEU A 245 14.57 -4.70 -34.30
CA LEU A 245 13.46 -5.13 -35.19
C LEU A 245 13.83 -6.05 -36.35
N GLY A 246 14.49 -5.56 -37.37
CA GLY A 246 14.69 -6.44 -38.60
C GLY A 246 14.38 -5.52 -39.76
N LYS A 247 13.13 -5.06 -39.81
CA LYS A 247 12.65 -4.16 -40.93
C LYS A 247 12.65 -2.80 -40.28
N GLU A 248 13.52 -1.93 -40.78
CA GLU A 248 13.60 -0.58 -40.13
C GLU A 248 12.18 -0.05 -40.30
N CYS A 249 11.77 0.85 -39.45
CA CYS A 249 10.42 1.38 -39.43
C CYS A 249 10.36 2.48 -38.37
N SER A 250 9.20 2.95 -38.05
CA SER A 250 9.10 4.13 -37.15
C SER A 250 7.96 3.87 -36.14
N TYR A 251 8.40 4.07 -34.88
CA TYR A 251 7.50 3.58 -33.74
C TYR A 251 6.07 3.88 -34.20
N ASP A 252 6.03 4.94 -35.05
CA ASP A 252 4.71 5.10 -35.70
C ASP A 252 4.04 3.71 -35.97
N ASP A 253 4.48 3.17 -37.18
CA ASP A 253 3.81 1.94 -37.64
C ASP A 253 3.66 0.96 -36.48
N ILE A 254 4.61 0.87 -35.60
CA ILE A 254 4.35 -0.04 -34.42
C ILE A 254 2.91 0.30 -34.08
N LYS A 255 2.56 1.58 -34.38
CA LYS A 255 1.26 2.12 -33.98
C LYS A 255 0.16 1.48 -34.78
N ALA A 256 0.06 1.83 -36.03
CA ALA A 256 -0.91 1.37 -37.00
C ALA A 256 -0.85 -0.16 -37.06
N ALA A 257 0.30 -0.75 -37.04
CA ALA A 257 0.41 -2.22 -37.01
C ALA A 257 -0.47 -2.82 -35.92
N MET A 258 -0.29 -2.32 -34.68
CA MET A 258 -1.13 -2.72 -33.57
C MET A 258 -2.55 -2.24 -33.77
N LYS A 259 -2.84 -1.14 -34.39
CA LYS A 259 -4.24 -0.69 -34.51
C LYS A 259 -5.06 -1.56 -35.48
N THR A 260 -4.54 -1.78 -36.65
CA THR A 260 -5.17 -2.59 -37.69
C THR A 260 -5.52 -3.97 -37.13
N ALA A 261 -4.76 -4.28 -36.04
CA ALA A 261 -4.83 -5.64 -35.44
C ALA A 261 -6.06 -5.61 -34.50
N SER A 262 -5.82 -4.89 -33.45
CA SER A 262 -6.95 -4.65 -32.54
C SER A 262 -8.20 -4.86 -33.41
N GLU A 263 -8.28 -4.31 -34.67
CA GLU A 263 -9.54 -4.47 -35.42
C GLU A 263 -9.53 -5.75 -36.27
N GLY A 264 -8.79 -5.72 -37.32
CA GLY A 264 -8.63 -6.83 -38.24
C GLY A 264 -8.88 -8.19 -37.60
N PRO A 265 -7.74 -8.89 -37.41
CA PRO A 265 -7.81 -10.24 -36.87
C PRO A 265 -7.62 -10.36 -35.40
N LEU A 266 -6.94 -9.43 -34.77
CA LEU A 266 -6.62 -9.63 -33.33
C LEU A 266 -7.72 -9.09 -32.43
N GLN A 267 -8.82 -8.89 -33.14
CA GLN A 267 -10.05 -8.37 -32.59
C GLN A 267 -9.94 -8.31 -31.08
N GLY A 268 -10.92 -8.95 -30.44
CA GLY A 268 -11.07 -8.97 -29.04
C GLY A 268 -9.92 -9.36 -28.14
N PHE A 269 -8.75 -9.70 -28.62
CA PHE A 269 -7.60 -10.09 -27.76
C PHE A 269 -6.69 -8.90 -27.43
N LEU A 270 -6.05 -8.29 -28.40
CA LEU A 270 -5.23 -7.11 -28.34
C LEU A 270 -6.18 -5.92 -28.44
N GLY A 271 -5.95 -4.84 -27.79
CA GLY A 271 -6.68 -3.65 -27.67
C GLY A 271 -6.15 -2.33 -28.12
N TYR A 272 -4.98 -1.86 -27.80
CA TYR A 272 -4.53 -0.53 -28.21
C TYR A 272 -5.39 0.64 -27.76
N THR A 273 -4.68 1.62 -27.21
CA THR A 273 -5.13 2.95 -26.80
C THR A 273 -4.08 4.02 -27.22
N GLU A 274 -4.46 5.25 -27.18
CA GLU A 274 -3.67 6.44 -27.40
C GLU A 274 -4.11 7.49 -26.39
N ASP A 275 -5.25 7.13 -25.76
CA ASP A 275 -5.91 8.09 -24.75
C ASP A 275 -5.31 7.63 -23.44
N ASP A 276 -4.05 7.96 -23.31
CA ASP A 276 -3.01 7.79 -22.38
C ASP A 276 -3.36 7.35 -20.96
N VAL A 277 -2.80 8.21 -20.09
CA VAL A 277 -2.81 7.94 -18.68
C VAL A 277 -3.01 6.42 -18.52
N VAL A 278 -4.30 6.09 -18.51
CA VAL A 278 -4.52 4.67 -18.16
C VAL A 278 -3.57 4.48 -16.95
N SER A 279 -3.82 3.36 -16.31
CA SER A 279 -2.93 2.90 -15.20
C SER A 279 -3.53 1.53 -14.97
N SER A 280 -3.56 1.03 -13.83
CA SER A 280 -4.22 -0.10 -13.27
C SER A 280 -5.71 0.03 -13.52
N ASP A 281 -6.12 0.86 -14.48
CA ASP A 281 -7.57 1.03 -14.93
C ASP A 281 -7.88 -0.50 -15.13
N PHE A 282 -7.74 -0.96 -16.36
CA PHE A 282 -7.85 -2.30 -16.84
C PHE A 282 -8.47 -3.26 -15.91
N ILE A 283 -8.25 -3.16 -14.63
CA ILE A 283 -8.93 -3.99 -13.60
C ILE A 283 -10.30 -4.36 -14.14
N GLY A 284 -10.56 -5.59 -14.55
CA GLY A 284 -12.02 -5.81 -15.00
C GLY A 284 -12.05 -4.96 -16.31
N ASP A 285 -11.75 -5.74 -17.31
CA ASP A 285 -11.52 -5.43 -18.67
C ASP A 285 -11.29 -6.77 -19.39
N ASN A 286 -12.30 -7.60 -19.46
CA ASN A 286 -12.16 -8.88 -20.18
C ASN A 286 -11.38 -8.45 -21.43
N ARG A 287 -10.16 -8.77 -21.60
CA ARG A 287 -9.50 -8.36 -22.84
C ARG A 287 -8.39 -9.37 -22.99
N SER A 288 -7.14 -8.94 -23.20
CA SER A 288 -6.10 -10.04 -23.26
C SER A 288 -4.70 -9.47 -23.15
N SER A 289 -4.55 -8.34 -23.79
CA SER A 289 -3.36 -7.52 -23.99
C SER A 289 -3.78 -6.16 -24.57
N ILE A 290 -3.41 -5.03 -24.03
CA ILE A 290 -3.84 -3.75 -24.62
C ILE A 290 -2.59 -2.94 -24.97
N PHE A 291 -2.38 -2.67 -26.28
CA PHE A 291 -1.21 -1.87 -26.69
C PHE A 291 -1.54 -0.48 -26.13
N ASP A 292 -0.59 0.18 -25.60
CA ASP A 292 -0.67 1.51 -25.00
C ASP A 292 0.21 2.37 -25.86
N ALA A 293 -0.41 2.75 -26.97
CA ALA A 293 0.30 3.56 -28.00
C ALA A 293 0.69 4.90 -27.49
N LYS A 294 1.84 5.07 -26.87
CA LYS A 294 2.23 6.47 -26.43
C LYS A 294 2.76 6.55 -24.98
N ALA A 295 2.55 5.42 -24.30
CA ALA A 295 2.89 5.20 -22.96
C ALA A 295 3.92 4.16 -22.58
N GLY A 296 5.17 4.71 -22.56
CA GLY A 296 6.21 3.69 -21.97
C GLY A 296 6.60 2.95 -23.25
N ILE A 297 6.29 3.79 -24.25
CA ILE A 297 6.76 3.51 -25.65
C ILE A 297 7.89 4.56 -25.90
N GLN A 298 8.84 4.16 -26.69
CA GLN A 298 10.04 4.94 -27.07
C GLN A 298 10.56 4.33 -28.37
N LEU A 299 11.08 5.16 -29.30
CA LEU A 299 11.81 4.51 -30.46
C LEU A 299 13.29 4.96 -30.45
N SER A 300 14.01 4.07 -31.16
CA SER A 300 15.40 4.39 -31.67
C SER A 300 15.65 3.38 -32.89
N LYS A 301 15.22 3.93 -34.05
CA LYS A 301 15.37 3.54 -35.41
C LYS A 301 14.99 2.15 -35.89
N THR A 302 15.30 1.12 -35.09
CA THR A 302 14.95 -0.27 -35.27
C THR A 302 15.16 -1.00 -33.90
N PHE A 303 15.29 -0.15 -32.89
CA PHE A 303 15.44 -0.55 -31.48
C PHE A 303 14.30 0.21 -30.77
N VAL A 304 13.51 -0.51 -30.07
CA VAL A 304 12.24 -0.03 -29.53
C VAL A 304 11.79 -0.70 -28.25
N LYS A 305 10.84 -0.13 -27.56
CA LYS A 305 10.16 -0.66 -26.41
C LYS A 305 8.65 -0.44 -26.58
N VAL A 306 7.93 -1.58 -26.33
CA VAL A 306 6.43 -1.44 -26.39
C VAL A 306 5.87 -1.72 -25.01
N VAL A 307 4.67 -1.29 -24.68
CA VAL A 307 4.04 -1.46 -23.36
C VAL A 307 2.56 -1.91 -23.61
N SER A 308 2.19 -3.00 -23.05
CA SER A 308 0.83 -3.52 -23.04
C SER A 308 0.39 -3.98 -21.65
N TRP A 309 -0.78 -3.48 -21.16
CA TRP A 309 -1.22 -4.04 -19.84
C TRP A 309 -2.21 -5.17 -19.99
N TYR A 310 -2.14 -6.16 -19.15
CA TYR A 310 -2.96 -7.35 -18.95
C TYR A 310 -4.28 -7.15 -18.09
N ASP A 311 -4.29 -7.93 -17.02
CA ASP A 311 -5.23 -8.07 -15.96
C ASP A 311 -4.98 -9.46 -15.33
N ASN A 312 -3.79 -9.94 -15.28
CA ASN A 312 -3.57 -11.29 -14.67
C ASN A 312 -4.86 -11.90 -14.14
N GLU A 313 -5.46 -11.49 -13.05
CA GLU A 313 -6.69 -12.22 -12.61
C GLU A 313 -7.62 -12.34 -13.81
N PHE A 314 -8.36 -11.44 -14.44
CA PHE A 314 -9.30 -12.03 -15.43
C PHE A 314 -9.31 -11.67 -16.90
N GLY A 315 -8.36 -11.12 -17.53
CA GLY A 315 -8.33 -11.05 -19.03
C GLY A 315 -8.17 -12.57 -19.45
N TYR A 316 -7.16 -13.18 -18.88
CA TYR A 316 -6.96 -14.62 -19.00
C TYR A 316 -8.28 -15.32 -18.73
N SER A 317 -9.00 -14.99 -17.70
CA SER A 317 -10.27 -15.71 -17.34
C SER A 317 -11.10 -15.93 -18.58
N GLN A 318 -11.49 -14.98 -19.35
CA GLN A 318 -12.24 -15.01 -20.59
C GLN A 318 -11.55 -15.94 -21.60
N ARG A 319 -10.26 -16.03 -21.58
CA ARG A 319 -9.50 -16.88 -22.55
C ARG A 319 -9.88 -18.33 -22.29
N VAL A 320 -9.51 -18.91 -21.17
CA VAL A 320 -9.90 -20.31 -20.88
C VAL A 320 -11.32 -20.54 -21.50
N ILE A 321 -12.17 -19.58 -21.12
CA ILE A 321 -13.53 -19.61 -21.68
C ILE A 321 -13.47 -19.73 -23.16
N ASP A 322 -12.65 -18.95 -23.87
CA ASP A 322 -12.56 -19.13 -25.40
C ASP A 322 -11.73 -20.38 -25.78
N LEU A 323 -10.57 -20.52 -25.10
CA LEU A 323 -9.87 -21.85 -25.46
C LEU A 323 -11.09 -22.78 -25.20
N LEU A 324 -11.58 -22.84 -23.95
CA LEU A 324 -12.67 -23.76 -23.61
C LEU A 324 -13.71 -23.97 -24.72
N LYS A 325 -14.21 -22.90 -25.28
CA LYS A 325 -15.25 -23.00 -26.31
C LYS A 325 -14.58 -23.58 -27.57
N HIS A 326 -13.88 -22.73 -28.30
CA HIS A 326 -13.24 -23.12 -29.55
C HIS A 326 -13.32 -24.63 -29.64
N MET A 327 -12.69 -25.24 -28.64
CA MET A 327 -12.54 -26.70 -28.48
C MET A 327 -13.79 -27.39 -28.92
N GLN A 328 -14.91 -26.99 -28.38
CA GLN A 328 -16.24 -27.51 -28.69
C GLN A 328 -16.62 -27.44 -30.15
N LYS A 329 -16.64 -26.28 -30.85
CA LYS A 329 -17.15 -26.36 -32.22
C LYS A 329 -16.30 -27.49 -32.87
N VAL A 330 -15.09 -27.29 -33.20
CA VAL A 330 -14.23 -28.41 -33.68
C VAL A 330 -14.54 -29.77 -33.06
N ASP A 331 -14.19 -29.88 -31.76
CA ASP A 331 -14.26 -31.11 -31.00
C ASP A 331 -15.61 -31.84 -31.07
N SER A 332 -16.63 -31.06 -31.29
CA SER A 332 -18.00 -31.65 -31.34
C SER A 332 -18.56 -31.56 -32.75
N ALA A 333 -18.99 -32.78 -33.15
CA ALA A 333 -19.37 -33.01 -34.54
C ALA A 333 -20.46 -34.00 -34.89
N SER B 1 24.26 -17.18 31.09
CA SER B 1 23.05 -17.54 30.35
C SER B 1 23.25 -18.69 29.33
N LYS B 2 22.08 -19.15 28.92
CA LYS B 2 21.94 -20.28 27.99
C LYS B 2 20.52 -20.27 27.53
N ILE B 3 20.16 -20.19 26.28
CA ILE B 3 18.76 -20.12 25.86
C ILE B 3 18.56 -21.27 24.84
N GLY B 4 17.57 -21.01 24.02
CA GLY B 4 17.14 -21.93 22.97
C GLY B 4 15.88 -21.20 22.47
N ILE B 5 15.67 -21.19 21.22
CA ILE B 5 14.54 -20.56 20.58
C ILE B 5 14.01 -21.61 19.61
N ASN B 6 12.98 -22.30 19.99
CA ASN B 6 12.34 -23.28 19.11
C ASN B 6 11.58 -22.53 18.02
N GLY B 7 12.16 -22.69 16.84
CA GLY B 7 11.63 -22.12 15.58
C GLY B 7 12.15 -20.70 15.43
N PHE B 8 11.75 -20.10 14.33
CA PHE B 8 12.11 -18.67 14.13
C PHE B 8 11.47 -18.05 12.88
N GLY B 9 10.43 -17.31 13.09
CA GLY B 9 9.74 -16.52 12.17
C GLY B 9 9.84 -15.06 12.71
N ARG B 10 8.76 -14.33 12.49
CA ARG B 10 8.73 -12.97 13.05
C ARG B 10 9.30 -13.10 14.45
N ILE B 11 8.68 -13.68 15.44
CA ILE B 11 9.25 -13.77 16.78
C ILE B 11 10.53 -14.55 16.95
N GLY B 12 10.78 -15.67 16.41
CA GLY B 12 12.02 -16.45 16.69
C GLY B 12 13.29 -15.65 16.50
N ARG B 13 13.20 -14.84 15.44
CA ARG B 13 14.31 -13.99 14.99
C ARG B 13 14.59 -12.76 15.88
N LEU B 14 13.77 -11.75 15.77
CA LEU B 14 13.90 -10.55 16.57
C LEU B 14 14.08 -10.95 18.02
N VAL B 15 13.69 -12.16 18.35
CA VAL B 15 13.92 -12.75 19.69
C VAL B 15 15.40 -13.10 19.72
N LEU B 16 15.88 -13.62 18.56
CA LEU B 16 17.34 -13.97 18.48
C LEU B 16 18.01 -12.61 18.63
N ARG B 17 17.71 -11.89 17.56
CA ARG B 17 18.19 -10.53 17.27
C ARG B 17 18.18 -9.77 18.59
N ALA B 18 17.29 -10.32 19.43
CA ALA B 18 16.93 -9.64 20.70
C ALA B 18 18.02 -9.85 21.76
N ALA B 19 18.08 -11.13 22.01
CA ALA B 19 19.11 -11.65 22.95
C ALA B 19 20.35 -10.78 22.76
N LEU B 20 20.84 -10.65 21.54
CA LEU B 20 22.08 -9.97 21.24
C LEU B 20 22.27 -8.52 21.49
N SER B 21 21.26 -7.72 21.43
CA SER B 21 21.42 -6.24 21.73
C SER B 21 21.41 -6.16 23.25
N CYS B 22 21.03 -7.30 23.86
CA CYS B 22 21.02 -7.35 25.32
C CYS B 22 22.34 -7.88 25.85
N GLY B 23 22.19 -9.03 26.47
CA GLY B 23 23.32 -9.70 27.15
C GLY B 23 22.74 -11.10 27.46
N ALA B 24 21.91 -11.45 26.48
CA ALA B 24 21.31 -12.79 26.45
C ALA B 24 22.31 -13.67 25.68
N GLN B 25 22.24 -14.94 25.98
CA GLN B 25 23.11 -16.02 25.54
C GLN B 25 22.51 -16.66 24.29
N VAL B 26 23.35 -16.76 23.32
CA VAL B 26 22.92 -17.35 21.99
C VAL B 26 22.45 -18.75 22.24
N VAL B 27 22.94 -19.84 21.64
CA VAL B 27 22.15 -21.07 21.94
C VAL B 27 22.03 -22.29 21.11
N ALA B 28 20.85 -22.39 20.55
CA ALA B 28 20.37 -23.43 19.65
C ALA B 28 19.09 -22.84 19.08
N VAL B 29 18.73 -23.15 17.89
CA VAL B 29 17.53 -22.66 17.15
C VAL B 29 16.85 -23.93 16.65
N ASN B 30 15.58 -24.10 16.43
CA ASN B 30 15.15 -25.46 15.94
C ASN B 30 13.87 -25.36 15.10
N ASP B 31 14.12 -25.12 13.80
CA ASP B 31 13.05 -24.88 12.87
C ASP B 31 12.96 -25.74 11.62
N PRO B 32 12.05 -26.73 11.68
CA PRO B 32 11.63 -27.42 10.44
C PRO B 32 11.34 -26.30 9.43
N PHE B 33 11.33 -26.73 8.16
CA PHE B 33 11.00 -25.70 7.13
C PHE B 33 12.14 -24.79 6.78
N ILE B 34 13.27 -24.89 7.44
CA ILE B 34 14.38 -23.95 7.09
C ILE B 34 15.79 -24.41 7.27
N ALA B 35 16.48 -24.57 6.15
CA ALA B 35 17.89 -24.99 6.07
C ALA B 35 18.76 -24.15 6.97
N LEU B 36 20.00 -24.48 7.21
CA LEU B 36 20.87 -23.56 8.01
C LEU B 36 21.12 -22.30 7.21
N GLU B 37 21.54 -22.52 5.98
CA GLU B 37 21.93 -21.47 5.02
C GLU B 37 20.89 -20.41 4.70
N TYR B 38 19.64 -20.74 4.73
CA TYR B 38 18.55 -19.75 4.54
C TYR B 38 18.33 -18.91 5.80
N MET B 39 18.52 -19.41 7.00
CA MET B 39 18.49 -18.71 8.26
C MET B 39 19.43 -17.51 8.13
N VAL B 40 20.70 -17.71 7.99
CA VAL B 40 21.71 -16.62 7.92
C VAL B 40 21.15 -15.48 7.04
N TYR B 41 20.80 -15.91 5.83
CA TYR B 41 20.16 -14.97 4.95
C TYR B 41 18.85 -14.44 5.59
N MET B 42 18.12 -15.22 6.27
CA MET B 42 16.78 -14.88 6.74
C MET B 42 16.77 -14.05 8.00
N PHE B 43 17.87 -14.17 8.73
CA PHE B 43 18.18 -13.43 9.90
C PHE B 43 18.88 -12.09 9.59
N LYS B 44 19.87 -11.99 8.70
CA LYS B 44 20.54 -10.66 8.58
C LYS B 44 19.75 -9.70 7.71
N TYR B 45 18.76 -10.08 7.00
CA TYR B 45 17.94 -9.17 6.12
C TYR B 45 16.56 -8.84 6.58
N ASP B 46 15.91 -7.68 6.54
CA ASP B 46 14.55 -7.57 7.16
C ASP B 46 13.88 -6.33 6.53
N SER B 47 12.77 -6.60 5.86
CA SER B 47 12.03 -5.54 5.18
C SER B 47 11.85 -4.42 6.18
N THR B 48 11.12 -4.61 7.23
CA THR B 48 10.81 -3.72 8.34
C THR B 48 11.96 -3.32 9.21
N HIS B 49 12.78 -4.09 9.81
CA HIS B 49 13.90 -3.67 10.69
C HIS B 49 15.30 -3.83 10.10
N GLY B 50 15.48 -4.67 9.09
CA GLY B 50 16.50 -5.02 8.29
C GLY B 50 17.94 -4.86 8.46
N VAL B 51 18.68 -5.67 7.77
CA VAL B 51 20.12 -5.86 7.67
C VAL B 51 20.54 -6.11 9.14
N PHE B 52 21.79 -6.21 9.46
CA PHE B 52 22.21 -6.35 10.89
C PHE B 52 23.62 -5.83 10.81
N LYS B 53 24.59 -6.70 10.77
CA LYS B 53 26.04 -6.47 10.63
C LYS B 53 26.74 -7.75 11.09
N GLY B 54 26.12 -8.51 11.94
CA GLY B 54 26.76 -9.68 12.54
C GLY B 54 27.74 -10.52 11.78
N GLU B 55 28.52 -11.28 12.57
CA GLU B 55 29.45 -12.23 11.85
C GLU B 55 28.42 -13.25 11.35
N VAL B 56 27.68 -12.88 10.34
CA VAL B 56 26.53 -13.71 9.93
C VAL B 56 26.77 -14.82 8.94
N LYS B 57 27.30 -15.97 9.36
CA LYS B 57 27.54 -17.07 8.46
C LYS B 57 27.58 -18.39 9.19
N MET B 58 27.55 -19.47 8.43
CA MET B 58 27.67 -20.83 8.93
C MET B 58 29.13 -21.26 8.98
N GLU B 59 29.26 -22.40 9.65
CA GLU B 59 30.56 -22.99 10.05
C GLU B 59 30.46 -24.35 10.68
N ASP B 60 31.51 -25.12 10.67
CA ASP B 60 31.42 -26.51 11.24
C ASP B 60 29.92 -26.68 11.60
N GLY B 61 29.14 -26.80 10.57
CA GLY B 61 27.80 -27.01 10.30
C GLY B 61 26.68 -26.47 11.12
N ALA B 62 26.79 -25.24 11.45
CA ALA B 62 25.97 -24.41 12.27
C ALA B 62 26.09 -22.92 11.94
N LEU B 63 25.27 -22.17 12.70
CA LEU B 63 25.21 -20.72 12.57
C LEU B 63 26.18 -20.06 13.51
N VAL B 64 27.05 -19.22 13.03
CA VAL B 64 27.94 -18.47 13.89
C VAL B 64 27.41 -17.02 13.73
N VAL B 65 26.96 -16.40 14.74
CA VAL B 65 26.44 -14.98 14.60
C VAL B 65 27.40 -14.16 15.43
N ASP B 66 28.14 -13.25 14.76
CA ASP B 66 28.98 -12.37 15.66
C ASP B 66 29.91 -13.24 16.44
N GLY B 67 30.62 -14.08 15.72
CA GLY B 67 31.55 -15.09 16.15
C GLY B 67 31.05 -15.71 17.44
N LYS B 68 29.92 -16.39 17.39
CA LYS B 68 29.47 -17.11 18.65
C LYS B 68 28.49 -18.18 18.12
N LYS B 69 29.03 -19.36 18.24
CA LYS B 69 28.47 -20.59 17.74
C LYS B 69 27.15 -20.82 18.50
N ILE B 70 26.08 -20.71 17.67
CA ILE B 70 24.74 -21.11 18.12
C ILE B 70 24.33 -22.30 17.27
N THR B 71 24.07 -23.45 17.90
CA THR B 71 23.71 -24.66 17.12
C THR B 71 22.34 -24.47 16.48
N VAL B 72 22.06 -25.15 15.40
CA VAL B 72 20.68 -25.02 14.80
C VAL B 72 20.23 -26.47 14.59
N PHE B 73 19.02 -26.79 14.87
CA PHE B 73 18.50 -28.18 14.69
C PHE B 73 17.17 -28.03 13.92
N ASN B 74 16.69 -29.08 13.32
CA ASN B 74 15.43 -29.21 12.62
C ASN B 74 14.82 -30.60 12.82
N GLU B 75 13.66 -30.68 13.29
CA GLU B 75 12.84 -31.87 13.61
C GLU B 75 11.41 -31.35 13.75
N MET B 76 10.46 -32.16 13.35
CA MET B 76 9.03 -31.66 13.35
C MET B 76 8.40 -32.26 14.58
N LYS B 77 8.86 -31.92 15.75
CA LYS B 77 8.50 -32.63 17.02
C LYS B 77 9.58 -32.29 18.03
N PRO B 78 9.16 -31.54 19.07
CA PRO B 78 10.08 -31.04 20.08
C PRO B 78 10.49 -32.00 21.17
N GLU B 79 9.67 -33.02 21.37
CA GLU B 79 10.05 -34.03 22.41
C GLU B 79 11.30 -34.73 21.89
N ASN B 80 11.69 -34.30 20.68
CA ASN B 80 12.84 -34.79 19.92
C ASN B 80 14.08 -33.95 19.82
N ILE B 81 13.98 -32.65 19.86
CA ILE B 81 15.10 -31.72 19.85
C ILE B 81 16.02 -31.90 21.04
N PRO B 82 17.31 -31.90 20.76
CA PRO B 82 18.40 -32.02 21.75
C PRO B 82 18.38 -30.79 22.62
N TRP B 83 18.81 -30.83 23.80
CA TRP B 83 18.82 -29.64 24.74
C TRP B 83 19.69 -30.34 25.85
N SER B 84 19.71 -31.62 25.53
CA SER B 84 20.52 -32.68 26.13
C SER B 84 21.91 -32.28 25.47
N LYS B 85 22.42 -33.35 24.86
CA LYS B 85 23.64 -33.03 24.02
C LYS B 85 23.07 -31.76 23.39
N ALA B 86 23.64 -30.64 23.79
CA ALA B 86 23.03 -29.35 23.37
C ALA B 86 23.39 -28.21 24.31
N GLY B 87 23.16 -28.65 25.58
CA GLY B 87 23.38 -27.82 26.75
C GLY B 87 22.86 -26.40 26.51
N ALA B 88 21.57 -26.24 26.60
CA ALA B 88 20.81 -25.01 26.51
C ALA B 88 19.53 -25.17 27.34
N GLU B 89 19.48 -24.59 28.52
CA GLU B 89 18.35 -24.81 29.42
C GLU B 89 17.10 -24.00 29.31
N TYR B 90 17.01 -22.77 28.96
CA TYR B 90 15.72 -22.06 28.83
C TYR B 90 15.42 -22.02 27.32
N ILE B 91 14.32 -22.62 26.95
CA ILE B 91 13.80 -22.71 25.63
C ILE B 91 12.72 -21.57 25.57
N VAL B 92 12.60 -21.01 24.40
CA VAL B 92 11.64 -20.02 24.01
C VAL B 92 10.77 -20.73 22.96
N GLU B 93 9.51 -20.48 22.80
CA GLU B 93 8.68 -21.23 21.83
C GLU B 93 7.96 -20.30 20.90
N SER B 94 8.39 -20.27 19.63
CA SER B 94 7.74 -19.38 18.66
C SER B 94 6.77 -20.07 17.70
N THR B 95 7.15 -21.16 17.05
CA THR B 95 6.18 -21.91 16.23
C THR B 95 4.81 -21.27 16.01
N GLY B 96 4.04 -21.38 17.08
CA GLY B 96 2.63 -21.14 17.22
C GLY B 96 2.03 -22.49 17.68
N VAL B 97 2.37 -23.60 17.08
CA VAL B 97 1.73 -24.88 17.45
C VAL B 97 2.33 -25.47 18.71
N PHE B 98 2.04 -25.23 19.90
CA PHE B 98 2.72 -25.78 21.10
C PHE B 98 2.43 -24.76 22.24
N THR B 99 1.16 -24.40 22.32
CA THR B 99 0.86 -23.22 23.16
C THR B 99 0.53 -23.56 24.59
N THR B 100 0.39 -24.84 24.93
CA THR B 100 -0.10 -25.21 26.29
C THR B 100 0.81 -26.01 27.15
N ILE B 101 0.82 -25.85 28.44
CA ILE B 101 1.68 -26.50 29.41
C ILE B 101 1.94 -27.96 28.99
N GLU B 102 0.82 -28.52 28.60
CA GLU B 102 0.71 -29.86 28.05
C GLU B 102 1.67 -29.90 26.87
N LYS B 103 1.45 -29.04 25.92
CA LYS B 103 2.14 -28.92 24.65
C LYS B 103 3.60 -28.52 24.77
N ALA B 104 3.95 -27.68 25.68
CA ALA B 104 5.33 -27.24 25.92
C ALA B 104 6.14 -28.29 26.68
N SER B 105 5.65 -28.53 27.87
CA SER B 105 6.24 -29.55 28.79
C SER B 105 6.97 -30.52 27.86
N ALA B 106 6.17 -31.02 26.94
CA ALA B 106 6.65 -31.81 25.82
C ALA B 106 8.17 -31.74 25.76
N HIS B 107 8.66 -30.58 25.42
CA HIS B 107 10.09 -30.40 25.27
C HIS B 107 10.80 -31.54 25.99
N PHE B 108 11.04 -31.42 27.25
CA PHE B 108 11.83 -32.36 28.04
C PHE B 108 12.09 -33.76 27.52
N LYS B 109 11.08 -34.59 27.25
CA LYS B 109 11.31 -35.99 26.91
C LYS B 109 12.74 -36.06 26.32
N GLY B 110 12.82 -35.51 25.16
CA GLY B 110 14.10 -35.45 24.40
C GLY B 110 15.19 -35.31 25.48
N GLY B 111 15.00 -34.29 26.27
CA GLY B 111 15.98 -33.87 27.33
C GLY B 111 15.95 -32.31 27.17
N ALA B 112 15.79 -31.58 28.25
CA ALA B 112 15.66 -30.12 28.17
C ALA B 112 15.53 -29.46 29.53
N LYS B 113 14.63 -28.43 29.67
CA LYS B 113 14.37 -28.11 31.10
C LYS B 113 13.44 -27.04 31.57
N LYS B 114 13.49 -25.90 30.93
CA LYS B 114 12.69 -24.68 31.45
C LYS B 114 12.20 -23.86 30.31
N VAL B 115 10.92 -23.44 30.23
CA VAL B 115 10.28 -22.80 29.10
C VAL B 115 9.31 -21.64 29.26
N VAL B 116 9.24 -20.76 28.24
CA VAL B 116 8.37 -19.60 28.09
C VAL B 116 7.78 -19.61 26.64
N ILE B 117 6.53 -19.32 26.58
CA ILE B 117 5.62 -19.32 25.48
C ILE B 117 5.38 -17.87 25.09
N SER B 118 6.03 -17.47 23.98
CA SER B 118 5.92 -16.07 23.53
C SER B 118 4.53 -15.84 22.97
N ALA B 119 3.62 -16.76 23.23
CA ALA B 119 2.18 -16.72 22.89
C ALA B 119 1.30 -16.65 24.16
N PRO B 120 0.04 -16.53 23.89
CA PRO B 120 -0.98 -16.55 24.98
C PRO B 120 -1.22 -18.02 25.19
N SER B 121 -1.51 -18.48 26.39
CA SER B 121 -1.69 -19.96 26.60
C SER B 121 -2.96 -20.19 27.40
N ALA B 122 -3.44 -21.41 27.39
CA ALA B 122 -4.70 -21.74 28.06
C ALA B 122 -4.45 -21.61 29.56
N ASP B 123 -3.62 -22.58 29.99
CA ASP B 123 -3.28 -22.87 31.34
C ASP B 123 -2.03 -22.31 31.92
N ALA B 124 -0.99 -22.08 31.15
CA ALA B 124 0.30 -21.60 31.72
C ALA B 124 0.11 -20.22 32.27
N PRO B 125 0.88 -19.80 33.24
CA PRO B 125 0.80 -18.49 33.86
C PRO B 125 0.67 -17.53 32.74
N MET B 126 0.50 -16.29 32.94
CA MET B 126 0.54 -15.30 31.81
C MET B 126 1.12 -14.05 32.53
N PHE B 127 2.43 -14.01 32.26
CA PHE B 127 3.28 -12.93 32.79
C PHE B 127 3.26 -11.85 31.74
N VAL B 128 3.48 -10.64 32.12
CA VAL B 128 3.57 -9.46 31.20
C VAL B 128 4.55 -8.60 31.98
N CYS B 129 5.49 -7.86 31.51
CA CYS B 129 6.50 -7.28 32.41
C CYS B 129 5.91 -6.49 33.55
N GLY B 130 5.51 -5.28 33.41
CA GLY B 130 4.95 -4.45 34.46
C GLY B 130 4.52 -5.17 35.73
N VAL B 131 3.44 -5.89 35.61
CA VAL B 131 2.76 -6.75 36.63
C VAL B 131 3.34 -8.14 36.79
N ASN B 132 3.37 -9.01 35.83
CA ASN B 132 3.94 -10.37 35.80
C ASN B 132 4.70 -10.67 37.12
N LEU B 133 5.93 -10.26 37.12
CA LEU B 133 6.95 -10.31 38.11
C LEU B 133 6.66 -10.95 39.43
N GLU B 134 6.13 -10.28 40.42
CA GLU B 134 5.81 -10.83 41.74
C GLU B 134 4.97 -12.09 41.62
N LYS B 135 3.84 -12.06 40.98
CA LYS B 135 3.06 -13.31 40.84
C LYS B 135 4.01 -14.35 40.32
N TYR B 136 5.17 -14.07 39.78
CA TYR B 136 6.09 -15.09 39.30
C TYR B 136 7.18 -15.54 40.27
N SER B 137 7.23 -16.85 40.43
CA SER B 137 8.34 -17.53 41.14
C SER B 137 8.57 -18.96 40.68
N LYS B 138 9.65 -19.54 41.16
CA LYS B 138 10.21 -20.81 40.69
C LYS B 138 9.32 -22.00 40.54
N ASP B 139 8.07 -21.99 40.88
CA ASP B 139 7.16 -23.15 40.80
C ASP B 139 6.92 -23.47 39.31
N MET B 140 6.90 -22.35 38.61
CA MET B 140 6.38 -22.33 37.19
C MET B 140 7.50 -22.72 36.28
N THR B 141 7.28 -23.72 35.48
CA THR B 141 8.16 -24.39 34.59
C THR B 141 7.98 -23.95 33.10
N VAL B 142 6.70 -23.83 32.75
CA VAL B 142 6.30 -23.41 31.44
C VAL B 142 5.37 -22.18 31.41
N VAL B 143 5.84 -21.10 31.97
CA VAL B 143 5.21 -19.80 32.13
C VAL B 143 5.19 -19.13 30.75
N SER B 144 4.29 -18.26 30.42
CA SER B 144 4.06 -17.68 29.16
C SER B 144 3.75 -16.17 29.36
N ASN B 145 4.04 -15.46 28.29
CA ASN B 145 4.05 -14.04 28.18
C ASN B 145 3.08 -13.45 27.17
N ALA B 146 1.82 -13.69 27.26
CA ALA B 146 0.74 -13.08 26.52
C ALA B 146 1.29 -11.95 25.63
N SER B 147 0.70 -11.91 24.45
CA SER B 147 0.96 -11.05 23.36
C SER B 147 1.26 -9.57 23.66
N CYS B 148 1.39 -8.90 22.53
CA CYS B 148 1.79 -7.57 22.25
C CYS B 148 0.71 -6.56 22.48
N THR B 149 -0.53 -6.81 22.15
CA THR B 149 -1.64 -5.86 22.41
C THR B 149 -1.70 -5.64 23.92
N THR B 150 -1.85 -6.77 24.60
CA THR B 150 -1.87 -6.94 26.03
C THR B 150 -0.65 -6.22 26.59
N ASN B 151 0.48 -6.63 25.94
CA ASN B 151 1.76 -6.01 26.43
C ASN B 151 1.42 -4.56 26.33
N CYS B 152 0.62 -4.18 25.36
CA CYS B 152 0.32 -2.77 25.03
C CYS B 152 -0.60 -2.04 26.01
N LEU B 153 -1.52 -2.85 26.49
CA LEU B 153 -2.60 -2.41 27.39
C LEU B 153 -2.35 -2.71 28.83
N ALA B 154 -1.71 -3.74 29.29
CA ALA B 154 -1.38 -3.85 30.71
C ALA B 154 -1.00 -2.47 31.23
N PRO B 155 0.18 -1.93 30.97
CA PRO B 155 0.67 -0.70 31.60
C PRO B 155 -0.37 0.41 31.67
N VAL B 156 -0.92 0.76 30.57
CA VAL B 156 -1.97 1.72 30.31
C VAL B 156 -3.24 1.44 31.09
N ALA B 157 -3.51 0.17 31.30
CA ALA B 157 -4.62 -0.28 32.20
C ALA B 157 -4.13 0.10 33.60
N LYS B 158 -3.28 -0.64 34.21
CA LYS B 158 -2.68 -0.53 35.51
C LYS B 158 -2.50 0.92 35.95
N VAL B 159 -2.07 1.79 35.06
CA VAL B 159 -1.90 3.24 35.40
C VAL B 159 -3.28 3.81 35.60
N LEU B 160 -4.11 3.90 34.59
CA LEU B 160 -5.51 4.39 34.71
C LEU B 160 -6.24 3.85 35.93
N HIS B 161 -6.53 2.58 36.01
CA HIS B 161 -7.21 1.82 37.04
C HIS B 161 -6.70 2.06 38.45
N GLU B 162 -5.64 1.42 38.82
CA GLU B 162 -5.15 1.60 40.20
C GLU B 162 -5.44 3.02 40.66
N ASN B 163 -5.20 3.95 39.84
CA ASN B 163 -5.32 5.38 39.88
C ASN B 163 -6.58 6.14 39.69
N PHE B 164 -7.60 5.67 39.02
CA PHE B 164 -8.89 6.42 38.83
C PHE B 164 -9.92 5.25 38.77
N GLU B 165 -9.24 4.12 39.08
CA GLU B 165 -9.98 2.84 39.19
C GLU B 165 -10.41 2.14 37.95
N ILE B 166 -11.20 2.58 37.00
CA ILE B 166 -11.64 1.78 35.87
C ILE B 166 -12.82 0.86 36.24
N VAL B 167 -13.99 1.30 35.79
CA VAL B 167 -15.23 0.51 36.02
C VAL B 167 -15.67 -0.29 34.86
N GLU B 168 -15.51 0.10 33.67
CA GLU B 168 -15.81 -0.62 32.41
C GLU B 168 -15.15 0.10 31.23
N GLY B 169 -14.59 -0.66 30.34
CA GLY B 169 -13.89 -0.25 29.16
C GLY B 169 -14.13 -1.15 27.98
N LEU B 170 -13.74 -0.70 26.86
CA LEU B 170 -13.77 -1.32 25.53
C LEU B 170 -12.48 -0.90 24.84
N MET B 171 -12.10 -1.60 23.79
CA MET B 171 -10.87 -1.27 23.12
C MET B 171 -10.80 -1.72 21.69
N THR B 172 -10.20 -0.84 20.91
CA THR B 172 -9.95 -1.09 19.52
C THR B 172 -8.41 -1.05 19.31
N THR B 173 -8.01 -2.14 18.79
CA THR B 173 -6.67 -2.33 18.21
C THR B 173 -6.80 -2.24 16.64
N VAL B 174 -6.00 -1.35 16.11
CA VAL B 174 -5.70 -1.07 14.73
C VAL B 174 -4.42 -1.86 14.42
N HIS B 175 -4.59 -3.10 14.20
CA HIS B 175 -3.41 -3.99 13.95
C HIS B 175 -2.83 -3.71 12.55
N ALA B 176 -1.57 -4.07 12.37
CA ALA B 176 -0.88 -3.69 11.08
C ALA B 176 -0.42 -4.98 10.54
N VAL B 177 -0.84 -5.45 9.42
CA VAL B 177 -0.62 -6.79 8.84
C VAL B 177 0.34 -7.74 9.62
N THR B 178 0.00 -8.99 9.38
CA THR B 178 0.63 -10.18 9.89
C THR B 178 1.09 -11.27 8.92
N ALA B 179 1.70 -12.30 9.50
CA ALA B 179 2.03 -13.50 8.72
C ALA B 179 0.74 -13.94 8.00
N THR B 180 -0.30 -14.17 8.79
CA THR B 180 -1.51 -14.78 8.19
C THR B 180 -2.08 -14.16 6.89
N GLN B 181 -2.69 -12.99 7.21
CA GLN B 181 -3.31 -12.09 6.27
C GLN B 181 -2.83 -12.24 4.84
N LYS B 182 -3.43 -13.16 4.12
CA LYS B 182 -3.17 -13.47 2.71
C LYS B 182 -3.04 -12.19 1.91
N THR B 183 -2.14 -12.21 0.94
CA THR B 183 -1.86 -11.19 -0.04
C THR B 183 -2.91 -11.00 -1.14
N VAL B 184 -3.91 -11.84 -1.21
CA VAL B 184 -4.92 -11.68 -2.24
C VAL B 184 -6.02 -12.68 -1.99
N ASP B 185 -6.74 -12.43 -0.93
CA ASP B 185 -7.85 -13.33 -0.55
C ASP B 185 -7.33 -14.73 -0.16
N GLY B 186 -8.28 -15.67 -0.20
CA GLY B 186 -7.97 -17.05 0.03
C GLY B 186 -8.57 -17.62 1.29
N PRO B 187 -8.22 -18.91 1.47
CA PRO B 187 -8.72 -19.62 2.65
C PRO B 187 -8.40 -18.84 3.91
N SER B 188 -9.29 -19.05 4.84
CA SER B 188 -9.25 -18.66 6.23
C SER B 188 -10.15 -19.67 6.98
N ALA B 189 -10.24 -20.80 6.38
CA ALA B 189 -10.98 -21.99 6.70
C ALA B 189 -11.44 -21.91 8.15
N LYS B 190 -10.58 -21.37 9.02
CA LYS B 190 -11.08 -21.13 10.41
C LYS B 190 -11.13 -19.58 10.56
N ASP B 191 -10.18 -18.87 9.89
CA ASP B 191 -10.27 -17.38 10.02
C ASP B 191 -10.82 -16.50 8.93
N TRP B 192 -11.70 -16.77 8.09
CA TRP B 192 -12.34 -16.11 7.02
C TRP B 192 -12.28 -14.67 6.52
N ARG B 193 -12.36 -13.63 7.23
CA ARG B 193 -12.33 -12.20 6.78
C ARG B 193 -10.90 -11.66 6.82
N GLY B 194 -9.93 -12.54 7.05
CA GLY B 194 -8.47 -12.32 7.07
C GLY B 194 -7.81 -13.52 6.26
N GLY B 195 -8.65 -13.91 5.29
CA GLY B 195 -8.40 -14.89 4.27
C GLY B 195 -8.57 -14.03 2.94
N ARG B 196 -9.17 -12.92 3.21
CA ARG B 196 -9.51 -11.97 2.10
C ARG B 196 -8.32 -11.07 1.94
N GLY B 197 -8.29 -10.26 0.89
CA GLY B 197 -7.22 -9.35 0.54
C GLY B 197 -6.82 -8.36 1.59
N ALA B 198 -5.66 -8.56 2.22
CA ALA B 198 -5.26 -7.72 3.34
C ALA B 198 -4.27 -6.62 3.01
N ALA B 199 -4.43 -6.07 1.85
CA ALA B 199 -3.60 -4.90 1.46
C ALA B 199 -4.50 -3.90 0.73
N GLN B 200 -5.79 -4.20 0.75
CA GLN B 200 -6.81 -3.44 0.08
C GLN B 200 -7.78 -2.91 1.13
N ASN B 201 -7.93 -3.76 2.14
CA ASN B 201 -8.86 -3.75 3.22
C ASN B 201 -8.62 -3.37 4.66
N ILE B 202 -9.66 -2.78 5.28
CA ILE B 202 -9.67 -2.60 6.76
C ILE B 202 -10.54 -3.84 7.08
N ILE B 203 -9.97 -4.78 7.75
CA ILE B 203 -10.51 -6.10 8.04
C ILE B 203 -10.62 -6.33 9.50
N PRO B 204 -11.63 -6.09 10.22
CA PRO B 204 -11.68 -6.46 11.65
C PRO B 204 -10.95 -7.74 12.18
N SER B 205 -11.06 -8.02 13.50
CA SER B 205 -10.45 -9.18 14.08
C SER B 205 -10.71 -9.34 15.58
N SER B 206 -11.19 -10.50 15.90
CA SER B 206 -11.40 -10.85 17.32
C SER B 206 -10.06 -10.57 17.97
N THR B 207 -10.09 -10.31 19.26
CA THR B 207 -8.93 -10.15 20.09
C THR B 207 -9.18 -10.31 21.60
N GLY B 208 -8.08 -10.32 22.35
CA GLY B 208 -7.86 -10.46 23.74
C GLY B 208 -7.50 -9.23 24.57
N ALA B 209 -8.56 -8.42 24.81
CA ALA B 209 -8.58 -7.32 25.77
C ALA B 209 -8.67 -7.96 27.18
N ALA B 210 -9.63 -8.82 27.29
CA ALA B 210 -10.06 -9.74 28.27
C ALA B 210 -8.91 -10.74 28.63
N LYS B 211 -8.52 -11.35 27.50
CA LYS B 211 -7.46 -12.34 27.50
C LYS B 211 -6.56 -12.01 28.72
N ALA B 212 -5.35 -11.71 28.32
CA ALA B 212 -4.23 -11.52 29.22
C ALA B 212 -4.48 -10.47 30.32
N VAL B 213 -5.40 -9.52 30.01
CA VAL B 213 -5.51 -8.41 30.96
C VAL B 213 -6.22 -8.91 32.20
N GLY B 214 -7.39 -9.45 31.94
CA GLY B 214 -8.04 -10.05 33.19
C GLY B 214 -6.93 -10.90 33.82
N LYS B 215 -6.61 -11.90 33.05
CA LYS B 215 -5.66 -12.95 33.37
C LYS B 215 -4.32 -12.50 33.89
N VAL B 216 -4.04 -11.23 33.96
CA VAL B 216 -2.68 -10.66 34.21
C VAL B 216 -2.89 -9.78 35.40
N ILE B 217 -3.90 -8.92 35.21
CA ILE B 217 -4.30 -7.96 36.27
C ILE B 217 -5.70 -8.24 36.76
N PRO B 218 -5.74 -9.15 37.72
CA PRO B 218 -6.89 -9.71 38.42
C PRO B 218 -8.12 -8.90 38.62
N GLU B 219 -8.04 -7.87 39.40
CA GLU B 219 -9.13 -6.92 39.61
C GLU B 219 -9.98 -6.61 38.38
N LEU B 220 -9.46 -6.71 37.19
CA LEU B 220 -10.17 -6.44 35.93
C LEU B 220 -10.90 -7.74 35.47
N ASP B 221 -10.22 -8.79 35.45
CA ASP B 221 -10.78 -10.08 34.98
C ASP B 221 -12.28 -9.99 34.92
N GLY B 222 -12.85 -9.13 34.05
CA GLY B 222 -14.26 -9.08 33.65
C GLY B 222 -14.77 -7.77 33.09
N LYS B 223 -13.94 -6.77 33.04
CA LYS B 223 -14.27 -5.42 32.66
C LYS B 223 -13.71 -4.93 31.36
N LEU B 224 -13.00 -5.72 30.60
CA LEU B 224 -12.48 -5.10 29.33
C LEU B 224 -12.72 -6.17 28.29
N THR B 225 -12.88 -5.71 27.08
CA THR B 225 -13.12 -6.51 25.90
C THR B 225 -12.71 -5.57 24.75
N GLY B 226 -12.54 -6.11 23.61
CA GLY B 226 -12.11 -5.36 22.46
C GLY B 226 -12.27 -5.97 21.09
N MET B 227 -11.58 -5.24 20.21
CA MET B 227 -11.58 -5.69 18.79
C MET B 227 -10.34 -5.14 18.12
N ALA B 228 -10.26 -5.54 16.81
CA ALA B 228 -9.09 -5.13 16.01
C ALA B 228 -9.46 -4.87 14.57
N PHE B 229 -8.65 -4.04 14.02
CA PHE B 229 -8.61 -3.61 12.59
C PHE B 229 -7.17 -3.90 12.11
N ARG B 230 -7.10 -4.67 11.10
CA ARG B 230 -5.80 -4.90 10.44
C ARG B 230 -5.81 -3.82 9.34
N VAL B 231 -4.78 -3.03 9.24
CA VAL B 231 -4.74 -2.03 8.11
C VAL B 231 -3.43 -2.34 7.38
N PRO B 232 -3.32 -1.86 6.18
CA PRO B 232 -2.11 -2.00 5.38
C PRO B 232 -0.86 -1.91 6.22
N THR B 233 -0.58 -0.83 6.85
CA THR B 233 0.68 -0.77 7.68
C THR B 233 1.41 -2.07 7.73
N PRO B 234 2.75 -1.93 7.57
CA PRO B 234 3.70 -3.04 7.70
C PRO B 234 4.05 -3.42 9.12
N ASP B 235 4.12 -2.45 10.07
CA ASP B 235 4.51 -2.83 11.44
C ASP B 235 4.02 -2.02 12.57
N VAL B 236 3.11 -1.07 12.68
CA VAL B 236 3.05 -0.54 14.17
C VAL B 236 1.74 -0.85 14.74
N SER B 237 0.76 -0.15 15.12
CA SER B 237 -0.45 -0.70 15.80
C SER B 237 -0.71 0.15 17.06
N VAL B 238 -1.92 0.65 17.14
CA VAL B 238 -2.33 1.62 18.16
C VAL B 238 -3.51 1.10 18.94
N VAL B 239 -3.32 1.14 20.25
CA VAL B 239 -4.55 0.62 21.00
C VAL B 239 -5.36 1.85 21.40
N ASP B 240 -6.64 1.62 21.01
CA ASP B 240 -7.63 2.71 21.34
C ASP B 240 -8.44 2.02 22.46
N LEU B 241 -8.56 2.71 23.57
CA LEU B 241 -9.15 2.35 24.81
C LEU B 241 -10.05 3.46 25.41
N THR B 242 -11.27 3.05 25.57
CA THR B 242 -12.31 3.83 26.22
C THR B 242 -12.58 3.16 27.60
N VAL B 243 -12.72 4.05 28.58
CA VAL B 243 -13.02 3.65 29.95
C VAL B 243 -14.00 4.66 30.56
N ARG B 244 -14.93 4.06 31.24
CA ARG B 244 -15.88 4.70 32.18
C ARG B 244 -14.92 4.62 33.42
N LEU B 245 -14.56 5.75 34.00
CA LEU B 245 -13.47 5.75 34.98
C LEU B 245 -13.63 5.37 36.44
N GLY B 246 -14.46 5.99 37.24
CA GLY B 246 -14.52 5.58 38.68
C GLY B 246 -14.30 6.84 39.49
N LYS B 247 -13.05 7.37 39.46
CA LYS B 247 -12.75 8.61 40.18
C LYS B 247 -12.85 9.69 39.09
N GLU B 248 -13.78 10.58 39.29
CA GLU B 248 -13.76 11.77 38.35
C GLU B 248 -12.28 12.21 38.31
N CYS B 249 -11.88 12.89 37.29
CA CYS B 249 -10.62 13.53 37.03
C CYS B 249 -10.70 14.24 35.64
N SER B 250 -9.52 14.59 35.12
CA SER B 250 -9.54 15.42 33.87
C SER B 250 -8.46 14.89 32.95
N TYR B 251 -8.90 14.68 31.72
CA TYR B 251 -8.07 14.15 30.66
C TYR B 251 -6.62 14.35 31.13
N ASP B 252 -6.42 15.58 31.58
CA ASP B 252 -5.15 15.90 32.20
C ASP B 252 -4.58 14.80 33.14
N ASP B 253 -5.20 14.59 34.33
CA ASP B 253 -4.39 13.75 35.27
C ASP B 253 -4.09 12.46 34.53
N ILE B 254 -4.95 12.07 33.59
CA ILE B 254 -4.57 10.88 32.74
C ILE B 254 -3.13 11.01 32.27
N LYS B 255 -2.73 12.26 31.99
CA LYS B 255 -1.47 12.70 31.44
C LYS B 255 -0.41 12.48 32.47
N ALA B 256 -0.17 13.24 33.48
CA ALA B 256 0.78 12.99 34.55
C ALA B 256 0.73 11.52 35.10
N ALA B 257 -0.45 10.97 35.21
CA ALA B 257 -0.56 9.58 35.67
C ALA B 257 0.46 8.78 34.82
N MET B 258 0.29 8.92 33.50
CA MET B 258 1.20 8.14 32.66
C MET B 258 2.58 8.71 32.75
N LYS B 259 2.78 9.98 32.99
CA LYS B 259 4.19 10.49 32.75
C LYS B 259 4.94 10.03 33.99
N THR B 260 4.28 10.40 35.10
CA THR B 260 4.86 10.05 36.43
C THR B 260 5.26 8.58 36.44
N ALA B 261 4.54 7.79 35.65
CA ALA B 261 4.77 6.36 35.52
C ALA B 261 5.90 6.06 34.51
N SER B 262 5.83 6.60 33.29
CA SER B 262 6.98 6.47 32.36
C SER B 262 8.29 6.47 33.19
N GLU B 263 8.39 7.39 34.20
CA GLU B 263 9.67 7.36 34.96
C GLU B 263 9.64 6.41 36.17
N GLY B 264 8.65 6.65 37.02
CA GLY B 264 8.51 5.95 38.29
C GLY B 264 8.87 4.46 38.21
N PRO B 265 7.74 3.75 38.02
CA PRO B 265 7.81 2.28 37.92
C PRO B 265 7.69 1.72 36.55
N LEU B 266 6.80 2.16 35.68
CA LEU B 266 6.69 1.43 34.39
C LEU B 266 7.93 1.74 33.53
N GLN B 267 8.88 2.38 34.14
CA GLN B 267 10.13 2.81 33.58
C GLN B 267 10.37 2.47 32.13
N GLY B 268 11.14 1.39 31.92
CA GLY B 268 11.42 1.03 30.54
C GLY B 268 10.20 0.54 29.80
N PHE B 269 9.12 0.22 30.43
CA PHE B 269 8.00 -0.46 29.75
C PHE B 269 6.91 0.48 29.29
N LEU B 270 6.71 1.59 29.97
CA LEU B 270 5.74 2.59 29.45
C LEU B 270 6.55 3.86 29.11
N GLY B 271 6.18 4.45 28.02
CA GLY B 271 6.69 5.52 27.28
C GLY B 271 6.07 6.84 27.38
N TYR B 272 5.02 7.29 26.75
CA TYR B 272 4.57 8.66 26.94
C TYR B 272 5.28 9.77 26.14
N THR B 273 4.47 10.32 25.19
CA THR B 273 4.84 11.36 24.26
C THR B 273 3.86 12.53 24.20
N GLU B 274 4.26 13.78 24.02
CA GLU B 274 3.31 14.86 23.88
C GLU B 274 3.68 15.65 22.59
N ASP B 275 4.75 15.17 22.08
CA ASP B 275 5.55 15.65 20.95
C ASP B 275 5.02 14.85 19.77
N ASP B 276 3.75 14.99 19.73
CA ASP B 276 2.74 14.66 18.83
C ASP B 276 3.06 13.77 17.68
N VAL B 277 2.37 14.29 16.62
CA VAL B 277 2.43 13.60 15.30
C VAL B 277 2.68 12.10 15.54
N VAL B 278 3.92 11.76 15.74
CA VAL B 278 4.20 10.32 15.78
C VAL B 278 3.26 9.79 14.70
N SER B 279 3.40 8.54 14.43
CA SER B 279 2.53 7.80 13.51
C SER B 279 3.29 6.50 13.58
N SER B 280 3.33 5.60 12.72
CA SER B 280 4.17 4.38 12.85
C SER B 280 5.64 4.69 12.91
N ASP B 281 6.01 5.76 13.67
CA ASP B 281 7.42 6.13 13.99
C ASP B 281 7.91 4.80 14.67
N PHE B 282 7.86 4.70 15.99
CA PHE B 282 8.04 3.55 16.85
C PHE B 282 8.62 2.33 16.21
N ILE B 283 8.61 2.33 14.89
CA ILE B 283 9.29 1.32 14.08
C ILE B 283 10.58 1.04 14.85
N GLY B 284 10.79 -0.14 15.43
CA GLY B 284 12.16 -0.23 16.01
C GLY B 284 12.07 1.07 16.95
N ASP B 285 11.82 0.56 18.17
CA ASP B 285 11.55 1.17 19.40
C ASP B 285 11.35 0.01 20.45
N ASN B 286 12.51 -0.40 20.99
CA ASN B 286 12.51 -1.47 22.02
C ASN B 286 11.62 -0.85 23.06
N ARG B 287 10.36 -1.19 23.26
CA ARG B 287 9.70 -0.49 24.44
C ARG B 287 8.63 -1.38 25.10
N SER B 288 7.35 -1.07 24.80
CA SER B 288 6.25 -1.85 25.38
C SER B 288 4.84 -1.41 24.93
N SER B 289 4.69 -0.15 24.97
CA SER B 289 3.47 0.59 24.72
C SER B 289 3.93 1.98 25.01
N ILE B 290 3.61 2.99 24.21
CA ILE B 290 4.01 4.37 24.59
C ILE B 290 2.70 5.12 24.66
N PHE B 291 2.45 5.95 25.70
CA PHE B 291 1.16 6.74 25.68
C PHE B 291 1.44 8.04 24.90
N ASP B 292 0.46 8.28 24.04
CA ASP B 292 0.49 9.54 23.19
C ASP B 292 -0.49 10.53 23.80
N ALA B 293 0.12 11.53 24.43
CA ALA B 293 -0.60 12.51 25.25
C ALA B 293 -1.22 13.47 24.31
N LYS B 294 -2.47 13.42 23.88
CA LYS B 294 -2.90 14.58 23.02
C LYS B 294 -3.31 14.15 21.63
N ALA B 295 -2.86 12.99 21.27
CA ALA B 295 -3.18 12.35 20.04
C ALA B 295 -4.00 11.07 20.13
N GLY B 296 -5.30 11.37 20.26
CA GLY B 296 -6.20 10.08 19.90
C GLY B 296 -6.66 9.86 21.34
N ILE B 297 -6.49 11.01 21.97
CA ILE B 297 -7.01 11.23 23.35
C ILE B 297 -8.20 12.18 23.22
N GLN B 298 -9.04 12.25 24.20
CA GLN B 298 -10.36 12.95 24.15
C GLN B 298 -10.93 12.83 25.54
N LEU B 299 -11.61 13.80 26.15
CA LEU B 299 -12.23 13.56 27.49
C LEU B 299 -13.68 14.00 27.44
N SER B 300 -14.38 13.72 28.49
CA SER B 300 -15.82 13.99 28.84
C SER B 300 -16.08 13.36 30.31
N LYS B 301 -15.73 14.22 31.29
CA LYS B 301 -16.01 13.93 32.65
C LYS B 301 -15.37 12.80 33.42
N THR B 302 -15.51 11.61 32.94
CA THR B 302 -14.96 10.38 33.52
C THR B 302 -15.23 9.17 32.57
N PHE B 303 -15.50 9.56 31.33
CA PHE B 303 -15.68 8.74 30.13
C PHE B 303 -14.43 9.23 29.31
N VAL B 304 -13.55 8.37 28.97
CA VAL B 304 -12.39 8.79 28.25
C VAL B 304 -11.91 7.84 27.16
N LYS B 305 -10.98 8.31 26.30
CA LYS B 305 -10.34 7.59 25.20
C LYS B 305 -8.84 7.89 25.35
N VAL B 306 -8.06 6.83 25.21
CA VAL B 306 -6.57 6.97 25.35
C VAL B 306 -5.94 6.24 24.19
N VAL B 307 -4.75 6.61 23.88
CA VAL B 307 -4.01 6.05 22.72
C VAL B 307 -2.59 5.68 23.12
N SER B 308 -2.21 4.45 23.10
CA SER B 308 -0.85 3.96 23.11
C SER B 308 -0.53 3.14 21.82
N TRP B 309 0.63 3.38 21.19
CA TRP B 309 1.12 2.51 20.12
C TRP B 309 2.22 1.52 20.51
N TYR B 310 2.29 0.35 19.81
CA TYR B 310 3.24 -0.67 20.09
C TYR B 310 4.57 -0.79 19.31
N ASP B 311 4.61 -1.68 18.40
CA ASP B 311 5.62 -2.17 17.51
C ASP B 311 5.47 -3.72 17.60
N ASN B 312 4.23 -4.11 17.76
CA ASN B 312 3.94 -5.57 17.68
C ASN B 312 5.18 -6.30 17.21
N GLU B 313 5.82 -6.09 16.05
CA GLU B 313 7.01 -6.98 15.78
C GLU B 313 8.03 -6.96 16.97
N PHE B 314 8.52 -5.80 17.42
CA PHE B 314 9.63 -5.91 18.38
C PHE B 314 9.72 -5.18 19.67
N GLY B 315 8.65 -4.61 20.19
CA GLY B 315 8.71 -4.14 21.66
C GLY B 315 8.65 -5.48 22.45
N TYR B 316 7.59 -6.19 22.08
CA TYR B 316 7.32 -7.55 22.49
C TYR B 316 8.59 -8.36 22.49
N SER B 317 9.39 -8.43 21.52
CA SER B 317 10.64 -9.19 21.38
C SER B 317 11.60 -8.89 22.52
N GLN B 318 11.69 -7.64 22.96
CA GLN B 318 12.54 -7.23 24.13
C GLN B 318 12.09 -7.96 25.40
N ARG B 319 10.84 -7.87 25.71
CA ARG B 319 10.09 -8.53 26.75
C ARG B 319 10.37 -10.00 26.90
N VAL B 320 9.98 -10.80 25.93
CA VAL B 320 10.42 -12.27 26.02
C VAL B 320 11.80 -12.21 26.65
N ILE B 321 12.77 -11.54 26.15
CA ILE B 321 14.11 -11.30 26.74
C ILE B 321 14.01 -10.93 28.20
N ASP B 322 13.30 -9.95 28.62
CA ASP B 322 13.07 -9.59 30.03
C ASP B 322 12.38 -10.74 30.77
N LEU B 323 11.28 -11.19 30.21
CA LEU B 323 10.57 -12.33 30.93
C LEU B 323 11.74 -13.30 31.14
N LEU B 324 12.32 -13.74 30.08
CA LEU B 324 13.39 -14.73 29.97
C LEU B 324 14.50 -14.48 30.99
N LYS B 325 14.62 -13.20 31.30
CA LYS B 325 15.67 -12.70 32.22
C LYS B 325 15.17 -12.90 33.61
N HIS B 326 14.53 -11.97 34.22
CA HIS B 326 13.92 -12.05 35.56
C HIS B 326 13.92 -13.49 36.09
N MET B 327 13.26 -14.37 35.39
CA MET B 327 13.18 -15.82 35.66
C MET B 327 14.56 -16.17 36.17
N GLN B 328 15.52 -16.30 35.30
CA GLN B 328 16.94 -16.50 35.67
C GLN B 328 17.22 -16.00 37.10
N LYS B 329 16.95 -14.77 37.39
CA LYS B 329 17.34 -14.21 38.70
C LYS B 329 16.60 -14.99 39.78
N VAL B 330 15.30 -15.01 39.74
CA VAL B 330 14.50 -15.92 40.63
C VAL B 330 15.03 -17.33 40.48
N ASP B 331 14.69 -17.94 39.31
CA ASP B 331 15.07 -19.33 39.00
C ASP B 331 16.50 -19.70 39.37
N SER B 332 17.45 -18.85 39.12
CA SER B 332 18.87 -19.20 39.37
C SER B 332 19.29 -18.74 40.74
N ALA B 333 20.13 -19.54 41.39
CA ALA B 333 20.62 -19.18 42.73
C ALA B 333 21.48 -20.21 43.40
N SER C 1 -36.01 20.34 -13.38
CA SER C 1 -34.66 20.08 -12.82
C SER C 1 -33.59 20.90 -13.60
N LYS C 2 -32.70 21.45 -12.76
CA LYS C 2 -31.62 22.30 -13.23
C LYS C 2 -30.56 22.14 -12.17
N ILE C 3 -29.31 21.87 -12.37
CA ILE C 3 -28.33 21.88 -11.21
C ILE C 3 -27.16 22.78 -11.63
N GLY C 4 -26.02 22.52 -11.10
CA GLY C 4 -24.87 23.47 -11.24
C GLY C 4 -23.98 22.97 -10.04
N ILE C 5 -22.72 22.95 -10.41
CA ILE C 5 -21.71 22.34 -9.59
C ILE C 5 -20.49 23.19 -9.53
N ASN C 6 -20.39 24.09 -8.61
CA ASN C 6 -19.20 24.97 -8.50
C ASN C 6 -17.92 24.23 -8.04
N GLY C 7 -17.03 24.11 -9.05
CA GLY C 7 -15.70 23.45 -8.95
C GLY C 7 -15.94 22.00 -9.25
N PHE C 8 -15.04 21.11 -9.04
CA PHE C 8 -15.32 19.66 -9.24
C PHE C 8 -14.04 18.82 -9.30
N GLY C 9 -13.91 18.03 -8.29
CA GLY C 9 -12.81 17.13 -8.01
C GLY C 9 -13.61 15.86 -7.50
N ARG C 10 -13.07 15.35 -6.42
CA ARG C 10 -13.74 14.15 -5.87
C ARG C 10 -15.22 14.36 -5.76
N ILE C 11 -15.81 15.18 -4.93
CA ILE C 11 -17.27 15.38 -4.86
C ILE C 11 -17.78 16.01 -6.11
N GLY C 12 -17.43 17.21 -6.47
CA GLY C 12 -17.86 17.93 -7.72
C GLY C 12 -18.31 16.93 -8.79
N ARG C 13 -17.38 16.03 -9.10
CA ARG C 13 -17.44 14.97 -10.06
C ARG C 13 -18.59 14.01 -9.80
N LEU C 14 -18.34 12.99 -8.95
CA LEU C 14 -19.39 12.01 -8.64
C LEU C 14 -20.74 12.75 -8.38
N VAL C 15 -20.72 14.03 -7.98
CA VAL C 15 -22.08 14.62 -7.82
C VAL C 15 -22.60 14.82 -9.25
N LEU C 16 -21.67 14.85 -10.22
CA LEU C 16 -22.07 15.02 -11.65
C LEU C 16 -22.59 13.62 -11.94
N ARG C 17 -21.61 12.74 -11.80
CA ARG C 17 -21.90 11.31 -12.17
C ARG C 17 -22.95 10.76 -11.21
N ALA C 18 -23.25 11.51 -10.17
CA ALA C 18 -24.32 10.95 -9.23
C ALA C 18 -25.62 11.44 -9.87
N ALA C 19 -25.78 12.73 -9.94
CA ALA C 19 -26.94 13.30 -10.66
C ALA C 19 -27.45 12.36 -11.73
N LEU C 20 -26.55 12.03 -12.67
CA LEU C 20 -26.88 11.23 -13.85
C LEU C 20 -27.45 9.86 -13.57
N SER C 21 -26.99 9.13 -12.63
CA SER C 21 -27.46 7.76 -12.28
C SER C 21 -28.88 7.90 -11.73
N CYS C 22 -29.18 9.22 -11.62
CA CYS C 22 -30.41 9.64 -10.95
C CYS C 22 -31.51 10.07 -11.88
N GLY C 23 -31.78 11.34 -11.81
CA GLY C 23 -32.84 11.98 -12.61
C GLY C 23 -32.65 13.49 -12.28
N ALA C 24 -31.33 13.70 -12.12
CA ALA C 24 -30.84 15.08 -11.88
C ALA C 24 -30.68 15.78 -13.23
N GLN C 25 -30.49 17.08 -13.18
CA GLN C 25 -30.25 17.84 -14.40
C GLN C 25 -28.70 17.99 -14.55
N VAL C 26 -28.33 17.98 -15.81
CA VAL C 26 -26.94 18.31 -16.26
C VAL C 26 -26.87 19.79 -15.90
N VAL C 27 -26.06 20.65 -16.52
CA VAL C 27 -25.93 21.95 -15.82
C VAL C 27 -24.96 22.94 -16.39
N ALA C 28 -23.84 22.92 -15.71
CA ALA C 28 -22.67 23.79 -16.00
C ALA C 28 -21.76 23.52 -14.81
N VAL C 29 -20.47 23.41 -15.04
CA VAL C 29 -19.48 23.14 -14.00
C VAL C 29 -18.72 24.45 -13.83
N ASN C 30 -17.80 24.65 -12.93
CA ASN C 30 -17.02 25.93 -12.99
C ASN C 30 -15.79 25.85 -12.07
N ASP C 31 -14.76 25.28 -12.71
CA ASP C 31 -13.54 24.84 -12.01
C ASP C 31 -12.22 25.40 -12.56
N PRO C 32 -11.88 26.60 -12.13
CA PRO C 32 -10.57 27.17 -12.46
C PRO C 32 -9.55 26.10 -12.04
N PHE C 33 -8.50 26.09 -12.81
CA PHE C 33 -7.36 25.20 -12.70
C PHE C 33 -7.64 23.91 -13.49
N ILE C 34 -8.71 23.94 -14.28
CA ILE C 34 -8.99 22.69 -15.09
C ILE C 34 -9.71 23.01 -16.37
N ALA C 35 -9.14 22.66 -17.48
CA ALA C 35 -9.60 22.92 -18.84
C ALA C 35 -10.77 22.12 -19.29
N LEU C 36 -11.59 22.54 -20.24
CA LEU C 36 -12.71 21.68 -20.71
C LEU C 36 -12.25 20.24 -21.01
N GLU C 37 -11.23 20.04 -21.88
CA GLU C 37 -10.84 18.66 -22.20
C GLU C 37 -10.11 17.90 -21.17
N TYR C 38 -9.74 18.44 -20.02
CA TYR C 38 -9.09 17.59 -18.93
C TYR C 38 -10.24 16.98 -18.14
N MET C 39 -11.28 17.82 -17.94
CA MET C 39 -12.55 17.47 -17.28
C MET C 39 -13.00 16.10 -17.83
N VAL C 40 -13.48 16.13 -19.04
CA VAL C 40 -13.89 14.98 -19.83
C VAL C 40 -12.99 13.78 -19.48
N TYR C 41 -11.67 13.97 -19.56
CA TYR C 41 -10.78 12.83 -19.32
C TYR C 41 -10.85 12.52 -17.83
N MET C 42 -11.03 13.62 -17.10
CA MET C 42 -11.04 13.52 -15.61
C MET C 42 -12.34 13.10 -14.98
N PHE C 43 -13.40 13.09 -15.76
CA PHE C 43 -14.76 12.65 -15.53
C PHE C 43 -14.85 11.18 -15.96
N LYS C 44 -14.46 10.85 -17.16
CA LYS C 44 -14.32 9.57 -17.70
C LYS C 44 -13.68 8.45 -16.93
N TYR C 45 -12.60 8.75 -16.22
CA TYR C 45 -11.62 7.81 -15.63
C TYR C 45 -11.35 8.01 -14.14
N ASP C 46 -11.37 6.91 -13.37
CA ASP C 46 -11.30 7.01 -11.95
C ASP C 46 -10.54 5.88 -11.36
N SER C 47 -9.59 6.22 -10.49
CA SER C 47 -8.81 5.06 -9.91
C SER C 47 -9.76 4.20 -9.15
N THR C 48 -10.49 4.72 -8.21
CA THR C 48 -11.40 3.95 -7.36
C THR C 48 -12.72 3.66 -8.02
N HIS C 49 -13.42 4.53 -8.62
CA HIS C 49 -14.77 4.37 -9.14
C HIS C 49 -14.96 3.82 -10.50
N GLY C 50 -14.18 4.35 -11.44
CA GLY C 50 -13.82 4.33 -12.73
C GLY C 50 -14.41 4.11 -14.03
N VAL C 51 -14.04 4.89 -15.02
CA VAL C 51 -14.53 4.86 -16.40
C VAL C 51 -16.00 5.28 -16.31
N PHE C 52 -16.82 4.82 -17.20
CA PHE C 52 -18.21 5.31 -17.29
C PHE C 52 -18.77 4.59 -18.50
N LYS C 53 -19.17 5.39 -19.51
CA LYS C 53 -19.60 4.89 -20.82
C LYS C 53 -20.24 6.06 -21.62
N GLY C 54 -20.30 7.12 -20.84
CA GLY C 54 -21.03 8.32 -21.35
C GLY C 54 -20.43 8.81 -22.68
N GLU C 55 -21.33 9.53 -23.29
CA GLU C 55 -20.97 10.31 -24.49
C GLU C 55 -20.15 11.39 -23.74
N VAL C 56 -18.87 11.02 -23.53
CA VAL C 56 -17.97 11.96 -22.83
C VAL C 56 -16.99 12.68 -23.76
N LYS C 57 -17.46 13.82 -24.27
CA LYS C 57 -16.74 14.66 -25.19
C LYS C 57 -17.13 16.14 -25.08
N MET C 58 -16.21 16.94 -25.61
CA MET C 58 -16.24 18.37 -25.79
C MET C 58 -16.83 18.58 -27.20
N GLU C 59 -17.59 19.63 -27.29
CA GLU C 59 -18.37 20.08 -28.45
C GLU C 59 -18.69 21.57 -28.34
N ASP C 60 -19.05 22.24 -29.41
CA ASP C 60 -19.37 23.70 -29.38
C ASP C 60 -19.05 24.25 -27.96
N GLY C 61 -17.74 24.31 -27.72
CA GLY C 61 -17.06 24.81 -26.57
C GLY C 61 -17.56 24.54 -25.17
N ALA C 62 -17.99 23.31 -24.94
CA ALA C 62 -18.57 22.82 -23.69
C ALA C 62 -18.46 21.30 -23.69
N LEU C 63 -18.84 20.75 -22.56
CA LEU C 63 -18.79 19.27 -22.37
C LEU C 63 -20.25 18.80 -22.62
N VAL C 64 -20.26 17.77 -23.43
CA VAL C 64 -21.51 17.08 -23.75
C VAL C 64 -21.28 15.67 -23.14
N VAL C 65 -22.05 15.37 -22.14
CA VAL C 65 -21.82 13.97 -21.59
C VAL C 65 -23.11 13.30 -21.99
N ASP C 66 -23.00 12.13 -22.62
CA ASP C 66 -24.25 11.36 -22.83
C ASP C 66 -25.24 12.18 -23.62
N GLY C 67 -24.67 12.84 -24.65
CA GLY C 67 -25.43 13.72 -25.52
C GLY C 67 -26.39 14.51 -24.61
N LYS C 68 -25.81 15.38 -23.80
CA LYS C 68 -26.56 16.37 -23.00
C LYS C 68 -25.64 17.58 -22.78
N LYS C 69 -25.84 18.69 -23.52
CA LYS C 69 -24.86 19.79 -23.43
C LYS C 69 -24.83 20.53 -22.08
N ILE C 70 -23.91 19.98 -21.26
CA ILE C 70 -23.64 20.60 -19.97
C ILE C 70 -22.42 21.50 -20.09
N THR C 71 -22.74 22.80 -20.06
CA THR C 71 -21.80 23.91 -20.06
C THR C 71 -20.75 23.86 -18.95
N VAL C 72 -19.63 24.47 -19.24
CA VAL C 72 -18.52 24.45 -18.21
C VAL C 72 -18.08 25.87 -18.16
N PHE C 73 -17.42 26.28 -17.12
CA PHE C 73 -17.02 27.78 -17.07
C PHE C 73 -15.74 27.74 -16.23
N ASN C 74 -14.99 28.79 -16.05
CA ASN C 74 -13.79 28.97 -15.31
C ASN C 74 -13.56 30.45 -14.96
N GLU C 75 -13.23 30.70 -13.71
CA GLU C 75 -12.94 31.96 -13.08
C GLU C 75 -12.79 31.71 -11.54
N MET C 76 -11.84 32.44 -10.94
CA MET C 76 -11.50 32.24 -9.53
C MET C 76 -12.28 33.18 -8.61
N LYS C 77 -13.61 33.04 -8.63
CA LYS C 77 -14.58 33.74 -7.82
C LYS C 77 -15.96 33.74 -8.51
N PRO C 78 -16.80 32.97 -7.77
CA PRO C 78 -18.16 32.69 -8.20
C PRO C 78 -19.07 33.87 -8.13
N GLU C 79 -18.74 34.99 -7.44
CA GLU C 79 -19.78 36.09 -7.42
C GLU C 79 -19.91 36.58 -8.85
N ASN C 80 -19.04 35.96 -9.65
CA ASN C 80 -18.87 36.28 -11.09
C ASN C 80 -19.39 35.24 -12.05
N ILE C 81 -19.65 34.07 -11.51
CA ILE C 81 -20.01 32.93 -12.42
C ILE C 81 -21.35 33.28 -12.99
N PRO C 82 -21.54 32.91 -14.24
CA PRO C 82 -22.85 33.15 -14.94
C PRO C 82 -23.79 32.13 -14.35
N TRP C 83 -25.00 32.16 -14.57
CA TRP C 83 -26.01 31.19 -13.99
C TRP C 83 -27.31 32.05 -14.29
N SER C 84 -26.83 33.22 -14.68
CA SER C 84 -27.77 34.26 -15.34
C SER C 84 -27.55 33.86 -16.78
N LYS C 85 -26.87 34.59 -17.64
CA LYS C 85 -26.65 33.86 -19.01
C LYS C 85 -26.18 32.51 -18.46
N ALA C 86 -26.90 31.46 -18.77
CA ALA C 86 -26.51 30.20 -18.04
C ALA C 86 -27.63 29.26 -17.63
N GLY C 87 -28.44 29.89 -16.75
CA GLY C 87 -29.68 29.27 -16.28
C GLY C 87 -29.56 27.87 -15.68
N ALA C 88 -29.01 27.80 -14.50
CA ALA C 88 -28.87 26.62 -13.65
C ALA C 88 -29.29 27.14 -12.27
N GLU C 89 -30.48 26.78 -11.90
CA GLU C 89 -31.17 27.26 -10.70
C GLU C 89 -30.37 27.00 -9.42
N TYR C 90 -30.29 25.73 -9.09
CA TYR C 90 -29.51 25.36 -7.91
C TYR C 90 -28.04 25.13 -8.22
N ILE C 91 -27.23 25.88 -7.48
CA ILE C 91 -25.78 25.85 -7.39
C ILE C 91 -25.31 24.90 -6.26
N VAL C 92 -24.38 24.03 -6.47
CA VAL C 92 -23.86 23.16 -5.41
C VAL C 92 -22.42 23.64 -5.15
N GLU C 93 -21.95 23.77 -3.92
CA GLU C 93 -20.56 24.18 -3.68
C GLU C 93 -19.55 23.14 -3.23
N SER C 94 -18.60 22.78 -4.05
CA SER C 94 -17.51 21.85 -3.92
C SER C 94 -16.16 22.45 -3.55
N THR C 95 -15.44 23.13 -4.44
CA THR C 95 -14.14 23.70 -4.10
C THR C 95 -13.64 23.24 -2.71
N GLY C 96 -14.27 23.92 -1.75
CA GLY C 96 -13.88 23.80 -0.35
C GLY C 96 -13.93 25.26 0.20
N VAL C 97 -13.21 26.10 -0.45
CA VAL C 97 -13.11 27.55 -0.14
C VAL C 97 -14.44 28.20 -0.52
N PHE C 98 -15.15 28.75 0.44
CA PHE C 98 -16.49 29.29 0.13
C PHE C 98 -17.45 28.40 0.92
N THR C 99 -17.25 28.30 2.20
CA THR C 99 -18.09 27.34 3.00
C THR C 99 -19.11 28.06 3.83
N THR C 100 -19.30 29.38 3.62
CA THR C 100 -20.28 30.01 4.53
C THR C 100 -21.40 30.73 3.87
N ILE C 101 -22.56 30.82 4.50
CA ILE C 101 -23.68 31.61 4.01
C ILE C 101 -23.15 32.84 3.27
N GLU C 102 -22.25 33.56 3.93
CA GLU C 102 -21.52 34.70 3.46
C GLU C 102 -20.79 34.42 2.15
N LYS C 103 -20.02 33.37 2.20
CA LYS C 103 -19.17 32.86 1.16
C LYS C 103 -19.98 32.41 -0.05
N ALA C 104 -21.09 31.71 0.11
CA ALA C 104 -21.83 31.26 -1.10
C ALA C 104 -22.76 32.42 -1.53
N SER C 105 -23.53 32.91 -0.55
CA SER C 105 -24.50 33.98 -0.95
C SER C 105 -23.75 34.60 -2.14
N ALA C 106 -22.56 35.03 -1.81
CA ALA C 106 -21.63 35.55 -2.80
C ALA C 106 -22.10 35.14 -4.19
N HIS C 107 -22.47 33.89 -4.33
CA HIS C 107 -22.83 33.42 -5.68
C HIS C 107 -23.61 34.54 -6.42
N PHE C 108 -24.76 34.86 -5.89
CA PHE C 108 -25.78 35.74 -6.37
C PHE C 108 -25.31 36.88 -7.27
N LYS C 109 -24.63 37.83 -6.63
CA LYS C 109 -24.04 38.98 -7.26
C LYS C 109 -23.91 38.90 -8.78
N GLY C 110 -23.40 37.75 -9.22
CA GLY C 110 -23.14 37.44 -10.63
C GLY C 110 -24.50 37.34 -11.32
N GLY C 111 -25.29 36.50 -10.73
CA GLY C 111 -26.73 36.27 -11.13
C GLY C 111 -26.96 34.80 -10.80
N ALA C 112 -27.81 34.39 -9.93
CA ALA C 112 -27.98 32.93 -9.62
C ALA C 112 -29.15 32.73 -8.67
N LYS C 113 -29.11 31.93 -7.63
CA LYS C 113 -30.27 31.89 -6.71
C LYS C 113 -30.34 30.87 -5.60
N LYS C 114 -30.18 29.60 -5.85
CA LYS C 114 -30.35 28.55 -4.75
C LYS C 114 -29.13 27.72 -4.53
N VAL C 115 -28.80 27.33 -3.27
CA VAL C 115 -27.50 26.72 -2.99
C VAL C 115 -27.38 25.72 -1.87
N VAL C 116 -26.38 24.85 -1.97
CA VAL C 116 -26.12 23.75 -1.04
C VAL C 116 -24.57 23.62 -0.95
N ILE C 117 -24.22 23.42 0.29
CA ILE C 117 -22.93 23.26 0.90
C ILE C 117 -22.65 21.78 1.18
N SER C 118 -22.06 21.12 0.16
CA SER C 118 -21.64 19.73 0.28
C SER C 118 -20.59 19.57 1.39
N ALA C 119 -20.61 20.49 2.30
CA ALA C 119 -19.59 20.61 3.35
C ALA C 119 -20.28 21.11 4.61
N PRO C 120 -19.55 20.98 5.66
CA PRO C 120 -20.13 21.44 6.99
C PRO C 120 -20.08 22.96 6.90
N SER C 121 -20.87 23.69 7.62
CA SER C 121 -20.80 25.14 7.62
C SER C 121 -20.87 25.59 9.10
N ALA C 122 -20.69 26.92 9.25
CA ALA C 122 -20.64 27.48 10.62
C ALA C 122 -21.99 28.14 10.96
N ASP C 123 -22.60 28.69 9.95
CA ASP C 123 -23.83 29.40 9.97
C ASP C 123 -24.86 28.68 9.09
N ALA C 124 -24.48 27.94 8.06
CA ALA C 124 -25.59 27.30 7.23
C ALA C 124 -26.14 26.04 7.89
N PRO C 125 -27.47 25.86 7.80
CA PRO C 125 -28.17 24.74 8.38
C PRO C 125 -27.40 23.52 8.00
N MET C 126 -27.66 22.43 8.68
CA MET C 126 -26.87 21.20 8.44
C MET C 126 -27.92 20.09 8.43
N PHE C 127 -28.17 19.68 7.23
CA PHE C 127 -29.17 18.65 6.90
C PHE C 127 -28.36 17.41 6.50
N VAL C 128 -28.76 16.33 7.06
CA VAL C 128 -28.31 14.96 6.82
C VAL C 128 -29.59 14.26 6.31
N CYS C 129 -29.54 13.26 5.50
CA CYS C 129 -30.79 12.75 4.91
C CYS C 129 -31.73 12.31 5.99
N GLY C 130 -31.56 11.21 6.66
CA GLY C 130 -32.49 10.85 7.78
C GLY C 130 -33.15 12.05 8.42
N VAL C 131 -32.50 12.86 9.25
CA VAL C 131 -33.14 13.97 9.95
C VAL C 131 -33.21 15.35 9.26
N ASN C 132 -32.32 15.72 8.40
CA ASN C 132 -32.44 17.01 7.65
C ASN C 132 -33.92 17.39 7.38
N LEU C 133 -34.44 16.55 6.54
CA LEU C 133 -35.84 16.54 6.06
C LEU C 133 -36.72 17.59 6.62
N GLU C 134 -37.64 17.30 7.55
CA GLU C 134 -38.49 18.33 8.14
C GLU C 134 -37.70 19.55 8.60
N LYS C 135 -36.76 19.43 9.49
CA LYS C 135 -36.06 20.68 9.88
C LYS C 135 -36.03 21.69 8.72
N TYR C 136 -36.10 21.15 7.49
CA TYR C 136 -35.95 21.92 6.29
C TYR C 136 -37.18 22.39 5.57
N SER C 137 -37.13 23.69 5.28
CA SER C 137 -38.18 24.31 4.42
C SER C 137 -37.58 25.60 3.80
N LYS C 138 -38.28 26.06 2.81
CA LYS C 138 -38.02 27.17 1.96
C LYS C 138 -37.49 28.49 2.41
N ASP C 139 -37.31 28.80 3.69
CA ASP C 139 -36.82 30.20 4.08
C ASP C 139 -35.30 30.12 3.95
N MET C 140 -34.88 28.90 3.60
CA MET C 140 -33.45 28.55 3.46
C MET C 140 -33.06 28.40 1.98
N THR C 141 -32.19 29.32 1.59
CA THR C 141 -31.59 29.60 0.33
C THR C 141 -30.16 29.04 0.21
N VAL C 142 -29.38 29.23 1.25
CA VAL C 142 -28.00 28.66 1.11
C VAL C 142 -27.69 27.60 2.10
N VAL C 143 -28.51 26.55 2.15
CA VAL C 143 -28.41 25.39 3.02
C VAL C 143 -27.11 24.61 2.91
N SER C 144 -26.67 23.99 3.99
CA SER C 144 -25.51 23.13 4.11
C SER C 144 -25.89 21.68 4.48
N ASN C 145 -25.09 20.73 4.07
CA ASN C 145 -25.39 19.29 4.19
C ASN C 145 -24.26 18.42 4.74
N ALA C 146 -23.92 18.56 5.98
CA ALA C 146 -22.85 17.90 6.65
C ALA C 146 -22.23 16.83 5.80
N SER C 147 -20.99 16.53 5.98
CA SER C 147 -20.12 15.53 5.50
C SER C 147 -20.37 14.06 5.76
N CYS C 148 -19.29 13.34 5.43
CA CYS C 148 -19.17 11.88 5.32
C CYS C 148 -19.51 11.11 6.57
N THR C 149 -18.69 11.29 7.54
CA THR C 149 -18.65 10.67 8.84
C THR C 149 -20.01 10.84 9.42
N THR C 150 -20.40 12.09 9.63
CA THR C 150 -21.69 12.53 10.11
C THR C 150 -22.88 11.73 9.51
N ASN C 151 -22.82 11.70 8.18
CA ASN C 151 -23.84 11.03 7.39
C ASN C 151 -23.75 9.60 7.93
N CYS C 152 -22.55 9.09 8.10
CA CYS C 152 -22.40 7.71 8.69
C CYS C 152 -22.92 7.60 10.14
N LEU C 153 -22.87 8.61 10.96
CA LEU C 153 -23.27 8.54 12.35
C LEU C 153 -24.74 8.87 12.54
N ALA C 154 -25.19 10.07 12.13
CA ALA C 154 -26.57 10.39 11.98
C ALA C 154 -27.43 9.14 12.15
N PRO C 155 -27.58 8.31 11.12
CA PRO C 155 -28.55 7.16 11.25
C PRO C 155 -28.34 6.30 12.47
N VAL C 156 -27.15 5.82 12.63
CA VAL C 156 -26.73 4.91 13.72
C VAL C 156 -27.05 5.52 15.06
N ALA C 157 -26.65 6.74 15.29
CA ALA C 157 -26.99 7.41 16.62
C ALA C 157 -28.50 7.46 16.62
N LYS C 158 -29.21 8.06 15.71
CA LYS C 158 -30.68 8.19 15.58
C LYS C 158 -31.52 6.98 15.98
N VAL C 159 -31.21 5.81 15.47
CA VAL C 159 -31.79 4.55 15.99
C VAL C 159 -31.34 4.33 17.42
N LEU C 160 -30.10 4.01 17.72
CA LEU C 160 -29.60 3.75 19.04
C LEU C 160 -30.29 4.66 20.06
N HIS C 161 -30.04 5.92 20.00
CA HIS C 161 -30.54 6.93 20.92
C HIS C 161 -32.04 6.76 21.16
N GLU C 162 -32.69 7.59 20.37
CA GLU C 162 -34.18 7.67 20.42
C GLU C 162 -34.50 6.34 21.10
N ASN C 163 -34.14 5.31 20.50
CA ASN C 163 -34.41 3.96 20.93
C ASN C 163 -33.79 3.27 22.12
N PHE C 164 -32.70 3.67 22.72
CA PHE C 164 -32.10 2.98 23.89
C PHE C 164 -31.44 4.15 24.69
N GLU C 165 -31.39 5.25 23.93
CA GLU C 165 -31.14 6.57 24.42
C GLU C 165 -29.83 7.24 24.19
N ILE C 166 -28.67 6.68 24.34
CA ILE C 166 -27.42 7.42 24.22
C ILE C 166 -27.32 8.51 25.30
N VAL C 167 -26.37 8.24 26.18
CA VAL C 167 -26.11 9.16 27.34
C VAL C 167 -24.75 9.76 27.07
N GLU C 168 -23.73 8.89 27.12
CA GLU C 168 -22.33 9.28 26.81
C GLU C 168 -21.87 8.25 25.75
N GLY C 169 -21.21 8.61 24.68
CA GLY C 169 -20.64 7.88 23.63
C GLY C 169 -19.35 8.48 23.04
N LEU C 170 -18.47 7.73 22.46
CA LEU C 170 -17.24 8.22 21.81
C LEU C 170 -17.16 7.54 20.42
N MET C 171 -16.36 8.13 19.45
CA MET C 171 -16.24 7.39 18.20
C MET C 171 -14.87 7.38 17.56
N THR C 172 -14.64 6.28 16.89
CA THR C 172 -13.39 6.13 16.09
C THR C 172 -13.81 6.00 14.63
N THR C 173 -13.22 6.93 13.89
CA THR C 173 -13.36 6.82 12.40
C THR C 173 -11.95 6.41 11.97
N VAL C 174 -11.99 5.35 11.16
CA VAL C 174 -10.86 4.74 10.48
C VAL C 174 -11.04 5.18 9.00
N HIS C 175 -10.71 6.41 8.74
CA HIS C 175 -10.82 6.99 7.41
C HIS C 175 -9.76 6.36 6.53
N ALA C 176 -9.80 6.43 5.25
CA ALA C 176 -8.96 5.97 4.19
C ALA C 176 -8.46 7.17 3.48
N VAL C 177 -7.37 7.39 2.87
CA VAL C 177 -6.85 8.70 2.32
C VAL C 177 -7.79 9.57 1.52
N THR C 178 -7.38 10.84 1.50
CA THR C 178 -7.77 12.10 1.10
C THR C 178 -7.02 12.98 0.12
N ALA C 179 -7.83 13.87 -0.55
CA ALA C 179 -7.17 14.79 -1.47
C ALA C 179 -5.86 15.27 -0.82
N THR C 180 -5.89 15.76 0.42
CA THR C 180 -4.72 16.29 1.07
C THR C 180 -3.57 15.34 1.41
N GLN C 181 -3.75 14.59 2.45
CA GLN C 181 -2.72 13.62 2.82
C GLN C 181 -1.66 13.40 1.78
N LYS C 182 -0.63 14.25 1.82
CA LYS C 182 0.65 14.08 1.14
C LYS C 182 1.12 12.66 1.02
N THR C 183 1.56 12.28 -0.20
CA THR C 183 2.18 10.94 -0.44
C THR C 183 3.67 10.85 -0.07
N VAL C 184 4.25 11.57 0.80
CA VAL C 184 5.68 11.49 1.07
C VAL C 184 5.96 12.72 1.95
N ASP C 185 5.50 12.61 3.19
CA ASP C 185 5.87 13.64 4.18
C ASP C 185 5.50 14.97 3.65
N GLY C 186 5.80 15.98 4.51
CA GLY C 186 5.70 17.35 3.95
C GLY C 186 4.71 18.23 4.63
N PRO C 187 4.64 19.42 4.03
CA PRO C 187 3.87 20.51 4.60
C PRO C 187 2.51 20.12 5.08
N SER C 188 1.97 20.68 6.14
CA SER C 188 0.63 20.55 6.70
C SER C 188 0.56 21.68 7.71
N ALA C 189 1.29 22.71 7.24
CA ALA C 189 1.51 24.01 7.92
C ALA C 189 0.36 24.21 8.91
N LYS C 190 -0.83 23.94 8.42
CA LYS C 190 -2.01 24.09 9.28
C LYS C 190 -2.24 22.77 9.97
N ASP C 191 -2.36 21.75 9.19
CA ASP C 191 -2.57 20.34 9.55
C ASP C 191 -1.44 19.34 9.61
N TRP C 192 -0.36 19.51 10.28
CA TRP C 192 0.86 18.79 10.39
C TRP C 192 1.04 17.28 10.42
N ARG C 193 0.29 16.50 11.17
CA ARG C 193 0.54 15.04 11.31
C ARG C 193 0.04 14.30 10.09
N GLY C 194 -0.48 15.05 9.17
CA GLY C 194 -1.10 14.65 7.92
C GLY C 194 -0.28 15.22 6.74
N GLY C 195 0.72 16.02 7.15
CA GLY C 195 1.72 16.63 6.24
C GLY C 195 2.70 15.42 6.04
N ARG C 196 2.66 14.68 7.12
CA ARG C 196 3.58 13.44 7.17
C ARG C 196 3.07 12.47 6.15
N GLY C 197 3.74 11.42 5.83
CA GLY C 197 3.47 10.51 4.76
C GLY C 197 2.47 9.46 4.84
N ALA C 198 1.34 9.74 4.23
CA ALA C 198 0.09 9.14 4.08
C ALA C 198 0.02 7.73 3.68
N ALA C 199 1.12 7.11 3.50
CA ALA C 199 1.15 5.75 2.79
C ALA C 199 1.84 4.66 3.56
N GLN C 200 2.61 5.11 4.52
CA GLN C 200 3.42 4.39 5.43
C GLN C 200 2.68 4.13 6.75
N ASN C 201 2.06 5.14 7.27
CA ASN C 201 1.33 5.46 8.39
C ASN C 201 -0.18 5.50 8.66
N ILE C 202 -0.37 5.20 9.97
CA ILE C 202 -1.60 5.31 10.74
C ILE C 202 -1.59 6.70 11.37
N ILE C 203 -2.48 7.61 11.07
CA ILE C 203 -2.28 9.02 11.41
C ILE C 203 -3.46 9.58 12.05
N PRO C 204 -3.47 10.00 13.27
CA PRO C 204 -4.67 10.69 13.85
C PRO C 204 -5.34 11.66 12.93
N SER C 205 -6.53 12.17 13.26
CA SER C 205 -7.30 13.14 12.59
C SER C 205 -8.33 13.80 13.52
N SER C 206 -8.13 15.05 13.89
CA SER C 206 -9.31 15.73 14.45
C SER C 206 -10.48 15.43 13.49
N THR C 207 -11.66 15.32 14.12
CA THR C 207 -12.97 15.27 13.46
C THR C 207 -14.12 15.89 14.33
N GLY C 208 -15.28 15.91 13.67
CA GLY C 208 -16.57 16.35 14.22
C GLY C 208 -17.72 15.34 14.13
N ALA C 209 -17.82 14.64 15.28
CA ALA C 209 -18.87 13.73 15.76
C ALA C 209 -19.88 14.72 16.41
N ALA C 210 -19.25 15.67 17.05
CA ALA C 210 -19.71 16.80 17.76
C ALA C 210 -20.55 17.63 16.76
N LYS C 211 -19.83 17.79 15.66
CA LYS C 211 -20.25 18.66 14.59
C LYS C 211 -21.73 18.60 14.32
N ALA C 212 -22.05 18.00 13.16
CA ALA C 212 -23.41 17.97 12.70
C ALA C 212 -24.24 17.09 13.63
N VAL C 213 -23.78 15.99 14.19
CA VAL C 213 -24.75 15.21 14.98
C VAL C 213 -25.37 16.13 16.06
N GLY C 214 -24.50 16.74 16.86
CA GLY C 214 -24.94 17.73 17.87
C GLY C 214 -25.89 18.68 17.12
N LYS C 215 -25.31 19.39 16.14
CA LYS C 215 -26.11 20.33 15.32
C LYS C 215 -27.01 19.61 14.33
N VAL C 216 -27.39 18.35 14.47
CA VAL C 216 -28.31 17.73 13.47
C VAL C 216 -29.57 17.24 14.19
N ILE C 217 -29.22 16.31 15.05
CA ILE C 217 -30.12 15.67 16.05
C ILE C 217 -29.84 16.51 17.31
N PRO C 218 -30.66 17.50 17.46
CA PRO C 218 -30.72 18.47 18.53
C PRO C 218 -30.38 17.97 19.89
N GLU C 219 -31.26 17.11 20.36
CA GLU C 219 -31.21 16.42 21.64
C GLU C 219 -29.82 16.00 22.09
N LEU C 220 -28.81 15.81 21.24
CA LEU C 220 -27.51 15.31 21.72
C LEU C 220 -26.51 16.50 21.79
N ASP C 221 -26.80 17.54 21.06
CA ASP C 221 -25.79 18.67 21.00
C ASP C 221 -25.00 18.62 22.26
N GLY C 222 -24.04 17.78 22.49
CA GLY C 222 -23.28 17.67 23.73
C GLY C 222 -22.86 16.30 24.19
N LYS C 223 -23.55 15.20 23.91
CA LYS C 223 -23.16 13.87 24.34
C LYS C 223 -22.09 13.12 23.55
N LEU C 224 -21.63 13.63 22.43
CA LEU C 224 -20.63 12.78 21.70
C LEU C 224 -19.49 13.66 21.17
N THR C 225 -18.46 12.91 20.83
CA THR C 225 -17.22 13.53 20.31
C THR C 225 -16.40 12.48 19.63
N GLY C 226 -15.18 12.75 19.17
CA GLY C 226 -14.56 11.52 18.51
C GLY C 226 -13.24 11.76 17.86
N MET C 227 -12.72 10.85 17.12
CA MET C 227 -11.46 11.07 16.41
C MET C 227 -11.44 10.26 15.12
N ALA C 228 -10.33 10.19 14.43
CA ALA C 228 -10.08 9.54 13.17
C ALA C 228 -8.59 9.16 12.98
N PHE C 229 -8.48 8.04 12.35
CA PHE C 229 -7.24 7.39 11.90
C PHE C 229 -7.43 7.30 10.37
N ARG C 230 -6.47 7.88 9.69
CA ARG C 230 -6.44 7.53 8.21
C ARG C 230 -5.33 6.43 8.12
N VAL C 231 -5.55 5.43 7.35
CA VAL C 231 -4.91 4.28 6.83
C VAL C 231 -4.84 4.34 5.29
N PRO C 232 -3.88 3.64 4.79
CA PRO C 232 -3.72 3.31 3.35
C PRO C 232 -5.02 3.12 2.70
N THR C 233 -5.73 2.05 2.74
CA THR C 233 -7.15 2.10 2.11
C THR C 233 -7.47 3.30 1.33
N PRO C 234 -7.67 3.20 0.02
CA PRO C 234 -8.09 4.17 -0.97
C PRO C 234 -9.44 4.87 -0.89
N ASP C 235 -10.47 4.16 -0.45
CA ASP C 235 -11.83 4.69 -0.35
C ASP C 235 -12.76 4.04 0.61
N VAL C 236 -12.61 3.31 1.67
CA VAL C 236 -14.00 2.98 2.35
C VAL C 236 -13.88 3.47 3.74
N SER C 237 -14.21 2.96 4.86
CA SER C 237 -14.07 3.81 6.13
C SER C 237 -15.07 3.23 7.14
N VAL C 238 -14.77 3.24 8.42
CA VAL C 238 -15.69 2.63 9.39
C VAL C 238 -15.65 3.47 10.65
N VAL C 239 -16.92 3.85 10.94
CA VAL C 239 -17.16 4.70 12.15
C VAL C 239 -17.30 3.67 13.29
N ASP C 240 -16.59 3.98 14.31
CA ASP C 240 -16.53 3.20 15.56
C ASP C 240 -17.23 4.00 16.68
N LEU C 241 -18.37 3.56 17.15
CA LEU C 241 -19.10 4.14 18.25
C LEU C 241 -19.19 3.18 19.44
N THR C 242 -18.90 3.73 20.55
CA THR C 242 -18.95 3.16 21.92
C THR C 242 -19.97 3.99 22.71
N VAL C 243 -20.87 3.38 23.44
CA VAL C 243 -21.90 4.27 24.06
C VAL C 243 -22.23 3.66 25.39
N ARG C 244 -22.55 4.52 26.30
CA ARG C 244 -23.07 4.17 27.70
C ARG C 244 -24.55 4.29 27.34
N LEU C 245 -25.36 3.26 27.33
CA LEU C 245 -26.70 3.35 26.75
C LEU C 245 -27.69 4.22 27.47
N GLY C 246 -28.22 3.67 28.56
CA GLY C 246 -29.42 4.45 29.20
C GLY C 246 -30.53 3.39 29.34
N LYS C 247 -31.17 3.06 28.24
CA LYS C 247 -32.26 1.99 28.41
C LYS C 247 -31.42 0.74 28.47
N GLU C 248 -31.53 -0.16 29.40
CA GLU C 248 -30.60 -1.35 29.22
C GLU C 248 -31.22 -2.05 28.00
N CYS C 249 -30.56 -3.01 27.48
CA CYS C 249 -30.96 -3.81 26.33
C CYS C 249 -29.71 -4.62 26.05
N SER C 250 -29.70 -5.25 24.91
CA SER C 250 -28.53 -6.20 24.78
C SER C 250 -28.20 -6.31 23.29
N TYR C 251 -26.88 -6.22 23.13
CA TYR C 251 -26.25 -6.19 21.86
C TYR C 251 -27.26 -6.52 20.72
N ASP C 252 -27.72 -7.74 20.79
CA ASP C 252 -28.90 -8.10 20.01
C ASP C 252 -29.85 -6.94 19.80
N ASP C 253 -30.83 -6.61 20.71
CA ASP C 253 -31.84 -5.63 20.18
C ASP C 253 -31.10 -4.53 19.43
N ILE C 254 -29.87 -4.32 19.66
CA ILE C 254 -29.07 -3.31 18.84
C ILE C 254 -29.24 -3.71 17.35
N LYS C 255 -29.22 -5.02 17.19
CA LYS C 255 -29.35 -5.62 15.83
C LYS C 255 -30.60 -5.02 15.21
N ALA C 256 -31.72 -5.70 15.44
CA ALA C 256 -33.05 -5.33 14.97
C ALA C 256 -33.46 -3.85 15.09
N ALA C 257 -32.98 -3.08 16.02
CA ALA C 257 -33.25 -1.61 16.01
C ALA C 257 -32.76 -1.02 14.66
N MET C 258 -31.58 -1.49 14.31
CA MET C 258 -30.84 -1.22 13.11
C MET C 258 -31.42 -1.97 11.92
N LYS C 259 -31.84 -3.19 12.15
CA LYS C 259 -32.43 -3.96 11.01
C LYS C 259 -33.82 -3.43 10.67
N THR C 260 -34.72 -3.41 11.68
CA THR C 260 -36.00 -2.77 11.35
C THR C 260 -35.85 -1.32 10.82
N ALA C 261 -34.72 -0.69 11.09
CA ALA C 261 -34.61 0.70 10.60
C ALA C 261 -34.25 0.64 9.12
N SER C 262 -33.42 -0.28 8.75
CA SER C 262 -32.98 -0.27 7.32
C SER C 262 -34.26 -0.32 6.52
N GLU C 263 -35.20 -1.17 7.01
CA GLU C 263 -36.42 -1.38 6.15
C GLU C 263 -37.30 -0.16 6.27
N GLY C 264 -37.81 0.05 7.48
CA GLY C 264 -38.76 1.05 7.86
C GLY C 264 -38.59 2.46 7.40
N PRO C 265 -37.91 3.23 8.24
CA PRO C 265 -37.66 4.66 7.95
C PRO C 265 -36.29 4.94 7.39
N LEU C 266 -35.15 4.59 8.01
CA LEU C 266 -33.88 5.01 7.40
C LEU C 266 -33.78 4.30 6.04
N GLN C 267 -34.89 3.64 5.69
CA GLN C 267 -35.02 2.93 4.43
C GLN C 267 -33.75 3.02 3.64
N GLY C 268 -33.60 3.59 2.54
CA GLY C 268 -32.35 3.63 1.79
C GLY C 268 -31.14 4.36 2.27
N PHE C 269 -31.13 4.79 3.51
CA PHE C 269 -29.98 5.48 4.10
C PHE C 269 -29.17 4.55 4.98
N LEU C 270 -29.70 3.95 6.01
CA LEU C 270 -28.91 2.94 6.81
C LEU C 270 -29.24 1.59 6.14
N GLY C 271 -28.28 0.72 6.14
CA GLY C 271 -28.42 -0.53 5.39
C GLY C 271 -28.17 -1.74 6.23
N TYR C 272 -27.18 -1.98 7.02
CA TYR C 272 -27.19 -3.24 7.79
C TYR C 272 -27.03 -4.55 7.03
N THR C 273 -26.14 -5.42 7.61
CA THR C 273 -25.65 -6.72 7.26
C THR C 273 -25.32 -7.61 8.44
N GLU C 274 -25.11 -8.89 8.23
CA GLU C 274 -24.84 -10.01 9.11
C GLU C 274 -24.14 -11.17 8.35
N ASP C 275 -24.08 -10.89 7.03
CA ASP C 275 -23.36 -11.86 6.11
C ASP C 275 -21.99 -11.14 5.97
N ASP C 276 -21.56 -10.88 7.17
CA ASP C 276 -20.44 -10.36 7.74
C ASP C 276 -19.39 -9.66 6.91
N VAL C 277 -18.26 -10.36 7.07
CA VAL C 277 -16.91 -9.98 6.65
C VAL C 277 -16.91 -8.58 6.06
N VAL C 278 -17.54 -8.63 4.90
CA VAL C 278 -17.44 -7.35 4.12
C VAL C 278 -16.01 -6.92 4.51
N SER C 279 -15.69 -5.69 4.18
CA SER C 279 -14.44 -5.05 4.34
C SER C 279 -14.75 -3.83 3.44
N SER C 280 -13.69 -3.30 2.96
CA SER C 280 -13.75 -2.19 1.99
C SER C 280 -14.36 -2.75 0.74
N ASP C 281 -15.50 -3.46 1.01
CA ASP C 281 -16.36 -4.04 -0.07
C ASP C 281 -17.01 -2.73 -0.53
N PHE C 282 -18.07 -2.37 0.14
CA PHE C 282 -18.78 -1.09 0.01
C PHE C 282 -18.37 -0.27 -1.13
N ILE C 283 -17.11 -0.13 -1.42
CA ILE C 283 -16.62 0.63 -2.59
C ILE C 283 -17.79 0.71 -3.59
N GLY C 284 -18.24 1.96 -3.80
CA GLY C 284 -19.36 2.03 -4.79
C GLY C 284 -20.34 1.01 -4.19
N ASP C 285 -21.26 1.68 -3.57
CA ASP C 285 -22.44 1.17 -2.87
C ASP C 285 -23.23 2.46 -2.61
N ASN C 286 -24.08 2.84 -3.57
CA ASN C 286 -24.76 4.20 -3.29
C ASN C 286 -25.39 4.03 -1.94
N ARG C 287 -25.06 4.67 -0.84
CA ARG C 287 -25.88 4.28 0.35
C ARG C 287 -25.96 5.34 1.44
N SER C 288 -25.14 5.22 2.49
CA SER C 288 -25.15 6.36 3.48
C SER C 288 -24.28 6.05 4.72
N SER C 289 -24.49 4.83 5.19
CA SER C 289 -24.00 4.18 6.39
C SER C 289 -24.61 2.79 6.42
N ILE C 290 -23.79 1.78 6.55
CA ILE C 290 -24.33 0.42 6.70
C ILE C 290 -23.88 -0.11 8.08
N PHE C 291 -24.80 -0.73 8.84
CA PHE C 291 -24.52 -1.31 10.12
C PHE C 291 -24.12 -2.79 9.84
N ASP C 292 -22.84 -3.01 10.27
CA ASP C 292 -22.32 -4.41 10.11
C ASP C 292 -22.64 -5.06 11.45
N ALA C 293 -23.56 -5.99 11.30
CA ALA C 293 -24.09 -6.65 12.52
C ALA C 293 -23.28 -7.80 12.92
N LYS C 294 -22.33 -7.75 13.78
CA LYS C 294 -21.51 -8.85 14.25
C LYS C 294 -20.00 -8.64 14.04
N ALA C 295 -19.70 -7.52 13.43
CA ALA C 295 -18.33 -7.18 13.13
C ALA C 295 -17.85 -5.97 13.86
N GLY C 296 -17.21 -6.45 14.95
CA GLY C 296 -16.41 -5.48 15.81
C GLY C 296 -17.50 -4.56 16.43
N ILE C 297 -18.40 -5.27 16.91
CA ILE C 297 -19.60 -5.09 17.68
C ILE C 297 -19.25 -5.93 18.92
N GLN C 298 -19.67 -5.59 20.08
CA GLN C 298 -19.35 -6.27 21.38
C GLN C 298 -20.29 -5.74 22.42
N LEU C 299 -20.92 -6.44 23.33
CA LEU C 299 -21.70 -5.66 24.34
C LEU C 299 -20.96 -5.80 25.69
N SER C 300 -21.68 -5.18 26.62
CA SER C 300 -21.44 -5.46 28.13
C SER C 300 -22.49 -4.54 28.80
N LYS C 301 -23.69 -4.99 28.84
CA LYS C 301 -25.03 -4.79 29.24
C LYS C 301 -25.62 -3.41 29.02
N THR C 302 -24.93 -2.33 29.18
CA THR C 302 -25.47 -1.01 28.72
C THR C 302 -24.34 -0.08 28.13
N PHE C 303 -23.27 -0.64 27.73
CA PHE C 303 -22.01 -0.29 27.20
C PHE C 303 -21.80 -1.22 25.97
N VAL C 304 -21.80 -0.65 24.81
CA VAL C 304 -21.74 -1.35 23.54
C VAL C 304 -20.73 -0.69 22.63
N LYS C 305 -20.62 -1.12 21.37
CA LYS C 305 -19.77 -0.66 20.32
C LYS C 305 -20.31 -1.31 19.04
N VAL C 306 -20.86 -0.38 18.24
CA VAL C 306 -21.49 -0.77 16.90
C VAL C 306 -20.55 -0.21 15.82
N VAL C 307 -20.35 -0.94 14.78
CA VAL C 307 -19.47 -0.59 13.66
C VAL C 307 -20.23 -0.34 12.35
N SER C 308 -20.06 0.81 11.75
CA SER C 308 -20.68 1.05 10.46
C SER C 308 -19.72 1.75 9.49
N TRP C 309 -19.67 1.14 8.26
CA TRP C 309 -18.96 1.72 7.15
C TRP C 309 -19.79 2.56 6.17
N TYR C 310 -19.08 3.44 5.49
CA TYR C 310 -19.56 4.43 4.53
C TYR C 310 -19.20 4.27 3.07
N ASP C 311 -18.25 4.97 2.52
CA ASP C 311 -17.87 5.04 1.13
C ASP C 311 -17.74 6.55 0.81
N ASN C 312 -17.19 7.23 1.78
CA ASN C 312 -16.85 8.63 1.82
C ASN C 312 -16.91 9.27 0.45
N GLU C 313 -16.17 8.73 -0.55
CA GLU C 313 -16.24 9.23 -1.94
C GLU C 313 -17.71 9.31 -2.32
N PHE C 314 -18.40 8.16 -2.46
CA PHE C 314 -19.77 8.35 -3.02
C PHE C 314 -21.01 7.78 -2.42
N GLY C 315 -21.11 7.64 -1.17
CA GLY C 315 -22.47 7.42 -0.53
C GLY C 315 -22.97 8.88 -0.34
N TYR C 316 -22.17 9.66 0.34
CA TYR C 316 -22.37 11.10 0.45
C TYR C 316 -22.66 11.75 -0.92
N SER C 317 -22.08 11.26 -1.99
CA SER C 317 -22.31 11.75 -3.36
C SER C 317 -23.77 11.66 -3.69
N GLN C 318 -24.45 10.59 -3.63
CA GLN C 318 -25.92 10.42 -3.81
C GLN C 318 -26.64 11.38 -2.87
N ARG C 319 -26.46 11.40 -1.61
CA ARG C 319 -27.03 12.39 -0.67
C ARG C 319 -27.10 13.78 -1.30
N VAL C 320 -25.94 14.45 -1.48
CA VAL C 320 -26.05 15.80 -2.09
C VAL C 320 -27.27 15.59 -3.03
N ILE C 321 -27.17 14.63 -3.92
CA ILE C 321 -28.26 14.36 -4.88
C ILE C 321 -29.59 14.59 -4.21
N ASP C 322 -30.11 13.79 -3.34
CA ASP C 322 -31.42 14.00 -2.71
C ASP C 322 -31.45 15.14 -1.73
N LEU C 323 -30.41 15.48 -0.96
CA LEU C 323 -30.66 16.77 -0.18
C LEU C 323 -31.26 17.66 -1.31
N LEU C 324 -30.49 17.83 -2.39
CA LEU C 324 -30.81 18.55 -3.59
C LEU C 324 -32.23 18.34 -4.15
N LYS C 325 -32.59 17.06 -4.23
CA LYS C 325 -33.93 16.70 -4.78
C LYS C 325 -34.94 17.34 -3.83
N HIS C 326 -35.29 16.60 -2.80
CA HIS C 326 -36.12 17.12 -1.70
C HIS C 326 -36.30 18.62 -1.77
N MET C 327 -35.24 19.41 -1.57
CA MET C 327 -35.28 20.85 -1.64
C MET C 327 -36.24 21.21 -2.74
N GLN C 328 -36.01 20.73 -3.93
CA GLN C 328 -36.86 20.99 -5.13
C GLN C 328 -38.29 20.63 -4.81
N LYS C 329 -38.67 19.43 -4.34
CA LYS C 329 -40.09 19.27 -4.14
C LYS C 329 -40.52 20.59 -3.45
N VAL C 330 -40.22 20.71 -2.20
CA VAL C 330 -40.60 21.90 -1.41
C VAL C 330 -40.38 23.17 -2.25
N ASP C 331 -39.13 23.60 -2.20
CA ASP C 331 -38.69 24.80 -2.90
C ASP C 331 -39.61 25.15 -4.05
N SER C 332 -40.13 24.15 -4.74
CA SER C 332 -40.99 24.45 -5.92
C SER C 332 -42.46 24.27 -5.54
N ALA C 333 -43.22 25.13 -6.26
CA ALA C 333 -44.67 25.26 -6.04
C ALA C 333 -45.43 25.99 -7.12
N SER D 1 34.93 24.16 6.38
CA SER D 1 33.61 23.99 5.77
C SER D 1 32.66 25.13 6.00
N LYS D 2 31.81 25.40 5.06
CA LYS D 2 30.79 26.52 5.29
C LYS D 2 29.66 26.17 4.31
N ILE D 3 28.41 26.07 4.58
CA ILE D 3 27.43 25.65 3.57
C ILE D 3 26.17 26.47 3.77
N GLY D 4 25.08 26.17 3.15
CA GLY D 4 23.86 26.96 3.11
C GLY D 4 22.91 26.03 2.38
N ILE D 5 21.68 26.09 2.85
CA ILE D 5 20.70 25.17 2.24
C ILE D 5 19.44 25.87 1.78
N ASN D 6 19.44 26.45 0.58
CA ASN D 6 18.22 27.08 0.08
C ASN D 6 16.99 26.16 0.02
N GLY D 7 16.10 26.45 0.94
CA GLY D 7 14.82 25.68 1.10
C GLY D 7 15.17 24.35 1.75
N PHE D 8 14.12 23.53 1.85
CA PHE D 8 14.38 22.23 2.52
C PHE D 8 13.14 21.41 2.76
N GLY D 9 13.09 20.32 2.00
CA GLY D 9 12.03 19.30 2.11
C GLY D 9 12.88 18.00 2.00
N ARG D 10 12.43 17.21 1.06
CA ARG D 10 13.14 15.92 0.82
C ARG D 10 14.60 16.22 0.72
N ILE D 11 15.14 16.76 -0.37
CA ILE D 11 16.62 16.96 -0.54
C ILE D 11 17.18 17.89 0.55
N GLY D 12 16.57 19.03 0.63
CA GLY D 12 16.92 20.08 1.58
C GLY D 12 17.41 19.56 2.90
N ARG D 13 16.67 18.61 3.48
CA ARG D 13 16.93 18.05 4.83
C ARG D 13 17.97 16.92 4.77
N LEU D 14 17.74 15.70 4.35
CA LEU D 14 18.80 14.71 4.16
C LEU D 14 20.14 15.37 3.69
N VAL D 15 20.11 16.32 2.75
CA VAL D 15 21.36 16.96 2.33
C VAL D 15 21.95 17.47 3.66
N LEU D 16 21.12 18.00 4.54
CA LEU D 16 21.56 18.67 5.75
C LEU D 16 22.03 17.54 6.66
N ARG D 17 21.05 16.68 6.84
CA ARG D 17 21.11 15.49 7.67
C ARG D 17 22.33 14.66 7.28
N ALA D 18 22.79 14.93 6.06
CA ALA D 18 23.91 14.23 5.41
C ALA D 18 25.20 14.96 5.81
N ALA D 19 25.16 16.25 5.53
CA ALA D 19 26.26 17.14 5.87
C ALA D 19 26.88 16.62 7.18
N LEU D 20 26.00 16.47 8.13
CA LEU D 20 26.27 16.13 9.50
C LEU D 20 27.02 14.86 9.74
N SER D 21 26.52 13.74 9.27
CA SER D 21 27.13 12.43 9.43
C SER D 21 28.47 12.37 8.70
N CYS D 22 28.65 13.28 7.78
CA CYS D 22 29.87 13.36 6.94
C CYS D 22 30.92 14.17 7.63
N GLY D 23 31.13 15.37 7.08
CA GLY D 23 32.01 16.34 7.80
C GLY D 23 31.78 17.75 7.30
N ALA D 24 30.51 18.01 7.05
CA ALA D 24 30.06 19.26 6.49
C ALA D 24 29.58 20.25 7.56
N GLN D 25 29.91 21.52 7.18
CA GLN D 25 29.64 22.69 8.02
C GLN D 25 28.11 22.90 7.99
N VAL D 26 27.71 23.17 9.22
CA VAL D 26 26.30 23.39 9.61
C VAL D 26 25.96 24.60 8.82
N VAL D 27 25.31 25.67 9.14
CA VAL D 27 25.16 26.65 7.97
C VAL D 27 24.19 27.75 8.19
N ALA D 28 23.20 27.76 7.32
CA ALA D 28 22.06 28.65 7.31
C ALA D 28 21.01 27.86 6.51
N VAL D 29 19.75 27.99 6.88
CA VAL D 29 18.72 27.24 6.14
C VAL D 29 17.78 28.31 5.62
N ASN D 30 17.04 28.16 4.56
CA ASN D 30 16.13 29.29 4.26
C ASN D 30 14.97 28.68 3.47
N ASP D 31 13.89 28.50 4.28
CA ASP D 31 12.71 27.90 3.70
C ASP D 31 11.35 28.44 3.93
N PRO D 32 10.90 29.48 3.28
CA PRO D 32 9.48 29.90 3.37
C PRO D 32 8.54 28.71 3.33
N PHE D 33 7.40 28.91 3.97
CA PHE D 33 6.35 27.88 4.04
C PHE D 33 6.70 26.85 5.12
N ILE D 34 7.81 27.05 5.82
CA ILE D 34 8.13 26.30 7.00
C ILE D 34 8.82 27.18 8.05
N ALA D 35 8.23 27.27 9.22
CA ALA D 35 8.65 28.05 10.36
C ALA D 35 9.68 27.32 11.18
N LEU D 36 10.51 28.11 11.90
CA LEU D 36 11.67 27.52 12.61
C LEU D 36 11.39 26.26 13.40
N GLU D 37 10.24 26.23 14.06
CA GLU D 37 9.79 25.14 14.93
C GLU D 37 9.11 23.97 14.29
N TYR D 38 8.89 24.00 13.01
CA TYR D 38 8.29 22.86 12.25
C TYR D 38 9.46 22.02 11.73
N MET D 39 10.55 22.69 11.35
CA MET D 39 11.77 22.15 10.81
C MET D 39 12.30 21.27 11.93
N VAL D 40 12.50 21.80 13.14
CA VAL D 40 13.04 20.93 14.20
C VAL D 40 12.23 19.61 14.15
N TYR D 41 10.95 19.70 14.35
CA TYR D 41 10.03 18.56 14.33
C TYR D 41 10.12 17.97 12.93
N MET D 42 10.32 18.85 11.93
CA MET D 42 10.22 18.35 10.55
C MET D 42 11.49 17.70 10.08
N PHE D 43 12.55 17.79 10.80
CA PHE D 43 13.79 17.12 10.36
C PHE D 43 14.19 16.03 11.37
N LYS D 44 13.70 16.14 12.56
CA LYS D 44 13.92 15.15 13.62
C LYS D 44 13.15 13.84 13.33
N TYR D 45 12.04 13.95 12.64
CA TYR D 45 11.21 12.80 12.30
C TYR D 45 11.05 12.43 10.87
N ASP D 46 11.28 11.15 10.59
CA ASP D 46 11.23 10.74 9.14
C ASP D 46 10.51 9.45 8.90
N SER D 47 9.43 9.50 8.08
CA SER D 47 8.62 8.28 7.88
C SER D 47 9.53 7.16 7.45
N THR D 48 10.35 7.40 6.41
CA THR D 48 11.21 6.36 5.87
C THR D 48 12.62 6.26 6.43
N HIS D 49 13.33 7.29 6.76
CA HIS D 49 14.70 7.11 7.24
C HIS D 49 14.85 7.14 8.73
N GLY D 50 13.91 7.70 9.42
CA GLY D 50 13.37 8.07 10.59
C GLY D 50 13.97 8.56 11.80
N VAL D 51 13.57 9.68 12.35
CA VAL D 51 14.00 10.25 13.69
C VAL D 51 15.46 10.58 13.51
N PHE D 52 16.22 10.77 14.53
CA PHE D 52 17.61 11.32 14.42
C PHE D 52 18.15 11.27 15.82
N LYS D 53 18.32 12.33 16.54
CA LYS D 53 18.82 12.23 17.92
C LYS D 53 19.64 13.40 18.41
N GLY D 54 19.99 14.25 17.49
CA GLY D 54 20.89 15.38 17.83
C GLY D 54 20.09 16.26 18.80
N GLU D 55 20.90 17.19 19.32
CA GLU D 55 20.24 18.27 20.11
C GLU D 55 19.47 18.96 18.97
N VAL D 56 18.18 18.60 18.94
CA VAL D 56 17.29 19.25 17.96
C VAL D 56 16.25 20.13 18.63
N LYS D 57 16.65 21.38 18.83
CA LYS D 57 15.77 22.40 19.40
C LYS D 57 16.26 23.80 19.00
N MET D 58 15.35 24.77 19.10
CA MET D 58 15.51 26.16 18.75
C MET D 58 16.29 26.81 19.92
N GLU D 59 16.67 28.03 19.66
CA GLU D 59 17.40 28.86 20.65
C GLU D 59 17.80 30.15 19.96
N ASP D 60 18.19 31.15 20.72
CA ASP D 60 18.41 32.53 20.25
C ASP D 60 18.03 32.65 18.74
N GLY D 61 16.71 32.46 18.54
CA GLY D 61 15.99 32.59 17.32
C GLY D 61 16.42 31.83 16.08
N ALA D 62 16.68 30.55 16.24
CA ALA D 62 17.20 29.72 15.15
C ALA D 62 17.34 28.28 15.62
N LEU D 63 17.76 27.48 14.64
CA LEU D 63 17.95 26.02 14.80
C LEU D 63 19.39 25.68 15.20
N VAL D 64 19.41 24.91 16.26
CA VAL D 64 20.58 24.39 16.92
C VAL D 64 20.44 22.84 16.98
N VAL D 65 21.02 22.19 16.02
CA VAL D 65 20.98 20.71 15.89
C VAL D 65 22.32 20.16 16.39
N ASP D 66 22.21 19.32 17.39
CA ASP D 66 23.46 18.62 17.88
C ASP D 66 24.42 19.64 18.45
N GLY D 67 23.95 20.70 19.11
CA GLY D 67 24.72 21.76 19.69
C GLY D 67 25.58 22.51 18.68
N LYS D 68 24.95 23.08 17.66
CA LYS D 68 25.56 23.87 16.64
C LYS D 68 24.53 24.79 15.95
N LYS D 69 24.73 26.07 16.12
CA LYS D 69 23.95 27.18 15.65
C LYS D 69 23.91 27.43 14.12
N ILE D 70 22.80 26.91 13.55
CA ILE D 70 22.58 27.02 12.12
C ILE D 70 21.49 28.03 11.86
N THR D 71 21.82 29.25 11.44
CA THR D 71 20.77 30.27 11.22
C THR D 71 19.71 29.61 10.38
N VAL D 72 18.54 30.14 10.38
CA VAL D 72 17.46 29.68 9.44
C VAL D 72 16.90 30.97 8.86
N PHE D 73 16.52 31.05 7.66
CA PHE D 73 16.04 32.44 7.20
C PHE D 73 14.76 32.18 6.41
N ASN D 74 14.08 33.11 5.85
CA ASN D 74 12.87 32.93 5.09
C ASN D 74 12.77 34.07 4.07
N GLU D 75 12.16 33.86 2.97
CA GLU D 75 12.02 34.84 1.90
C GLU D 75 11.67 34.09 0.60
N MET D 76 10.61 34.50 -0.08
CA MET D 76 10.21 33.88 -1.32
C MET D 76 11.00 34.53 -2.45
N LYS D 77 12.29 34.70 -2.29
CA LYS D 77 13.16 35.35 -3.29
C LYS D 77 14.59 35.33 -2.77
N PRO D 78 15.46 34.59 -3.44
CA PRO D 78 16.82 34.41 -3.01
C PRO D 78 17.72 35.60 -3.21
N GLU D 79 17.42 36.45 -4.16
CA GLU D 79 18.26 37.62 -4.42
C GLU D 79 18.23 38.40 -3.09
N ASN D 80 17.44 37.83 -2.20
CA ASN D 80 17.23 38.46 -0.88
C ASN D 80 17.87 37.72 0.28
N ILE D 81 18.13 36.44 0.12
CA ILE D 81 18.62 35.67 1.33
C ILE D 81 19.98 36.17 1.65
N PRO D 82 20.20 36.37 2.95
CA PRO D 82 21.51 36.82 3.44
C PRO D 82 22.48 35.62 3.39
N TRP D 83 23.75 35.88 3.37
CA TRP D 83 24.88 35.01 3.23
C TRP D 83 26.08 36.03 3.38
N SER D 84 25.65 37.27 3.30
CA SER D 84 26.52 38.45 3.65
C SER D 84 26.42 38.32 5.23
N LYS D 85 25.64 39.26 5.79
CA LYS D 85 25.19 38.96 7.19
C LYS D 85 24.69 37.51 7.06
N ALA D 86 25.48 36.59 7.60
CA ALA D 86 25.18 35.15 7.34
C ALA D 86 26.46 34.29 7.32
N GLY D 87 27.20 34.71 6.28
CA GLY D 87 28.55 34.22 6.01
C GLY D 87 28.62 32.73 5.80
N ALA D 88 27.80 32.29 4.84
CA ALA D 88 27.91 30.87 4.38
C ALA D 88 28.15 30.92 2.87
N GLU D 89 29.37 30.56 2.52
CA GLU D 89 29.80 30.69 1.11
C GLU D 89 29.26 29.68 0.16
N TYR D 90 29.23 28.40 0.40
CA TYR D 90 28.62 27.45 -0.53
C TYR D 90 27.16 27.24 -0.19
N ILE D 91 26.34 27.64 -1.11
CA ILE D 91 24.89 27.44 -1.08
C ILE D 91 24.43 26.24 -1.93
N VAL D 92 23.49 25.48 -1.42
CA VAL D 92 22.90 24.36 -2.18
C VAL D 92 21.50 24.82 -2.57
N GLU D 93 21.06 24.68 -3.78
CA GLU D 93 19.66 25.08 -4.13
C GLU D 93 18.75 23.87 -4.29
N SER D 94 17.83 23.74 -3.38
CA SER D 94 16.91 22.63 -3.22
C SER D 94 15.56 22.74 -3.85
N THR D 95 14.86 23.81 -3.46
CA THR D 95 13.52 24.21 -3.87
C THR D 95 12.80 23.41 -4.93
N GLY D 96 13.48 23.32 -6.08
CA GLY D 96 12.94 22.90 -7.35
C GLY D 96 12.87 24.16 -8.26
N VAL D 97 12.28 25.28 -7.88
CA VAL D 97 12.23 26.44 -8.73
C VAL D 97 13.48 27.28 -8.61
N PHE D 98 14.35 27.31 -9.52
CA PHE D 98 15.65 28.06 -9.42
C PHE D 98 16.75 27.08 -9.95
N THR D 99 16.41 26.55 -11.14
CA THR D 99 17.15 25.50 -11.76
C THR D 99 18.22 25.92 -12.73
N THR D 100 18.22 27.10 -13.27
CA THR D 100 19.17 27.52 -14.32
C THR D 100 20.15 28.55 -13.89
N ILE D 101 21.37 28.54 -14.45
CA ILE D 101 22.46 29.45 -14.11
C ILE D 101 21.87 30.87 -13.86
N GLU D 102 20.92 31.18 -14.74
CA GLU D 102 20.22 32.47 -14.55
C GLU D 102 19.51 32.53 -13.22
N LYS D 103 18.67 31.54 -12.94
CA LYS D 103 17.90 31.50 -11.70
C LYS D 103 18.80 31.34 -10.48
N ALA D 104 19.88 30.62 -10.52
CA ALA D 104 20.81 30.51 -9.37
C ALA D 104 21.59 31.80 -9.12
N SER D 105 22.49 32.05 -10.05
CA SER D 105 23.33 33.26 -10.05
C SER D 105 22.65 34.23 -9.11
N ALA D 106 21.42 34.53 -9.44
CA ALA D 106 20.54 35.34 -8.59
C ALA D 106 20.98 35.24 -7.13
N HIS D 107 21.50 34.10 -6.72
CA HIS D 107 21.95 34.06 -5.30
C HIS D 107 22.58 35.43 -5.06
N PHE D 108 23.86 35.52 -5.30
CA PHE D 108 24.63 36.74 -5.12
C PHE D 108 23.83 38.03 -4.88
N LYS D 109 23.04 38.51 -5.84
CA LYS D 109 22.52 39.83 -5.68
C LYS D 109 22.67 40.07 -4.13
N GLY D 110 21.79 39.32 -3.50
CA GLY D 110 21.74 39.52 -1.99
C GLY D 110 23.20 39.88 -1.54
N GLY D 111 23.94 38.83 -1.46
CA GLY D 111 25.35 38.84 -1.02
C GLY D 111 25.41 37.28 -0.85
N ALA D 112 26.47 36.73 -1.37
CA ALA D 112 26.53 35.23 -1.41
C ALA D 112 27.83 34.80 -2.07
N LYS D 113 27.81 33.88 -3.06
CA LYS D 113 28.93 33.61 -3.94
C LYS D 113 29.14 32.27 -4.60
N LYS D 114 29.04 31.11 -4.03
CA LYS D 114 29.26 29.87 -4.91
C LYS D 114 28.14 28.91 -4.67
N VAL D 115 27.56 28.27 -5.66
CA VAL D 115 26.40 27.46 -5.76
C VAL D 115 26.44 26.08 -6.46
N VAL D 116 25.60 25.17 -6.05
CA VAL D 116 25.36 23.84 -6.57
C VAL D 116 23.83 23.59 -6.62
N ILE D 117 23.36 23.31 -7.79
CA ILE D 117 21.96 23.05 -8.05
C ILE D 117 21.76 21.53 -8.04
N SER D 118 21.11 21.16 -6.93
CA SER D 118 20.70 19.80 -6.58
C SER D 118 19.86 19.07 -7.61
N ALA D 119 19.62 19.69 -8.76
CA ALA D 119 18.82 19.00 -9.81
C ALA D 119 19.46 19.23 -11.18
N PRO D 120 18.75 18.75 -12.14
CA PRO D 120 19.27 18.75 -13.55
C PRO D 120 19.08 20.17 -13.98
N SER D 121 19.90 20.73 -14.83
CA SER D 121 19.80 22.12 -15.29
C SER D 121 19.93 22.13 -16.83
N ALA D 122 19.36 23.24 -17.38
CA ALA D 122 19.45 23.34 -18.87
C ALA D 122 20.77 23.94 -19.36
N ASP D 123 21.28 24.88 -18.57
CA ASP D 123 22.58 25.51 -18.92
C ASP D 123 23.69 25.02 -18.01
N ALA D 124 23.58 25.10 -16.71
CA ALA D 124 24.62 24.65 -15.73
C ALA D 124 25.22 23.30 -16.08
N PRO D 125 26.52 23.15 -15.91
CA PRO D 125 27.16 21.81 -16.16
C PRO D 125 26.44 20.83 -15.24
N MET D 126 26.88 19.59 -15.20
CA MET D 126 26.07 18.48 -14.64
C MET D 126 27.08 17.43 -14.25
N PHE D 127 27.44 17.52 -13.04
CA PHE D 127 28.37 16.63 -12.32
C PHE D 127 27.56 15.48 -11.81
N VAL D 128 28.16 14.37 -11.60
CA VAL D 128 27.83 13.04 -11.17
C VAL D 128 29.19 12.43 -10.70
N CYS D 129 29.33 12.08 -9.45
CA CYS D 129 30.59 11.66 -8.80
C CYS D 129 31.56 10.86 -9.68
N GLY D 130 31.25 9.71 -10.16
CA GLY D 130 32.22 8.98 -11.02
C GLY D 130 33.07 9.93 -11.88
N VAL D 131 32.47 10.41 -12.96
CA VAL D 131 33.04 11.27 -13.99
C VAL D 131 33.08 12.78 -13.73
N ASN D 132 32.10 13.26 -12.97
CA ASN D 132 32.01 14.69 -12.57
C ASN D 132 33.50 15.18 -12.58
N LEU D 133 34.08 14.98 -11.46
CA LEU D 133 35.38 15.31 -11.00
C LEU D 133 36.18 16.14 -11.98
N GLU D 134 37.02 15.50 -12.80
CA GLU D 134 37.90 16.17 -13.71
C GLU D 134 37.20 17.30 -14.47
N LYS D 135 36.18 16.84 -15.19
CA LYS D 135 35.40 17.76 -16.04
C LYS D 135 35.26 19.03 -15.24
N TYR D 136 35.22 18.93 -13.93
CA TYR D 136 35.04 20.01 -12.94
C TYR D 136 36.28 20.76 -12.54
N SER D 137 36.10 22.06 -12.46
CA SER D 137 37.26 22.96 -12.06
C SER D 137 36.72 24.35 -11.81
N LYS D 138 37.41 25.22 -11.15
CA LYS D 138 37.14 26.52 -10.62
C LYS D 138 36.56 27.62 -11.45
N ASP D 139 36.38 27.48 -12.72
CA ASP D 139 35.77 28.42 -13.64
C ASP D 139 34.28 28.48 -13.24
N MET D 140 33.89 27.29 -12.73
CA MET D 140 32.53 26.95 -12.42
C MET D 140 32.02 27.53 -11.13
N THR D 141 30.93 28.26 -11.05
CA THR D 141 30.37 28.88 -9.90
C THR D 141 28.94 28.41 -9.59
N VAL D 142 28.17 28.11 -10.63
CA VAL D 142 26.83 27.51 -10.39
C VAL D 142 26.64 26.08 -10.89
N VAL D 143 27.56 25.19 -10.70
CA VAL D 143 27.58 23.78 -11.04
C VAL D 143 26.21 23.12 -10.81
N SER D 144 25.85 22.07 -11.48
CA SER D 144 24.58 21.35 -11.20
C SER D 144 24.89 19.85 -11.14
N ASN D 145 24.37 19.09 -10.27
CA ASN D 145 24.55 17.70 -10.03
C ASN D 145 23.35 16.85 -10.45
N ALA D 146 23.16 16.53 -11.69
CA ALA D 146 22.10 15.73 -12.27
C ALA D 146 21.44 14.73 -11.34
N SER D 147 20.20 14.52 -11.34
CA SER D 147 19.42 13.64 -10.52
C SER D 147 19.97 12.29 -10.07
N CYS D 148 18.99 11.64 -9.40
CA CYS D 148 18.97 10.34 -8.75
C CYS D 148 19.16 9.20 -9.70
N THR D 149 18.39 9.14 -10.74
CA THR D 149 18.48 8.12 -11.80
C THR D 149 19.76 8.13 -12.57
N THR D 150 20.08 9.32 -13.07
CA THR D 150 21.26 9.72 -13.86
C THR D 150 22.47 9.26 -13.07
N ASN D 151 22.30 9.45 -11.76
CA ASN D 151 23.39 9.12 -10.77
C ASN D 151 23.35 7.60 -10.73
N CYS D 152 22.26 6.97 -10.98
CA CYS D 152 22.22 5.50 -10.95
C CYS D 152 22.71 4.89 -12.26
N LEU D 153 22.57 5.42 -13.39
CA LEU D 153 22.97 4.86 -14.68
C LEU D 153 24.39 5.33 -15.03
N ALA D 154 24.73 6.53 -14.69
CA ALA D 154 26.08 7.05 -14.73
C ALA D 154 27.03 5.86 -14.49
N PRO D 155 27.31 5.49 -13.29
CA PRO D 155 28.24 4.47 -12.90
C PRO D 155 28.28 3.30 -13.83
N VAL D 156 27.23 2.59 -13.88
CA VAL D 156 26.73 1.47 -14.62
C VAL D 156 26.90 1.63 -16.12
N ALA D 157 26.68 2.80 -16.68
CA ALA D 157 27.05 3.02 -18.12
C ALA D 157 28.56 2.84 -18.29
N LYS D 158 29.35 3.72 -17.74
CA LYS D 158 30.77 3.83 -17.65
C LYS D 158 31.50 2.49 -17.65
N VAL D 159 30.90 1.55 -16.97
CA VAL D 159 31.45 0.19 -16.72
C VAL D 159 31.14 -0.53 -18.02
N LEU D 160 29.88 -0.89 -18.07
CA LEU D 160 29.36 -1.41 -19.34
C LEU D 160 30.20 -0.98 -20.51
N HIS D 161 30.00 0.18 -21.01
CA HIS D 161 30.50 0.79 -22.25
C HIS D 161 31.99 0.71 -22.51
N GLU D 162 32.60 1.57 -21.68
CA GLU D 162 34.05 1.84 -21.91
C GLU D 162 34.57 0.43 -22.17
N ASN D 163 34.30 -0.43 -21.27
CA ASN D 163 34.64 -1.86 -21.25
C ASN D 163 33.99 -2.82 -22.20
N PHE D 164 32.88 -2.60 -22.88
CA PHE D 164 32.18 -3.42 -23.92
C PHE D 164 31.53 -2.44 -24.90
N GLU D 165 31.57 -1.16 -24.58
CA GLU D 165 31.04 -0.14 -25.44
C GLU D 165 29.66 0.42 -25.36
N ILE D 166 28.60 -0.30 -25.47
CA ILE D 166 27.24 0.26 -25.52
C ILE D 166 27.13 0.99 -26.85
N VAL D 167 26.42 0.46 -27.76
CA VAL D 167 26.06 1.01 -29.07
C VAL D 167 24.68 1.55 -29.00
N GLU D 168 23.71 0.85 -28.46
CA GLU D 168 22.30 1.42 -28.32
C GLU D 168 21.73 0.77 -27.03
N GLY D 169 20.85 1.44 -26.33
CA GLY D 169 20.30 1.03 -25.06
C GLY D 169 19.04 1.72 -24.58
N LEU D 170 18.25 1.04 -23.81
CA LEU D 170 16.98 1.53 -23.25
C LEU D 170 16.96 1.39 -21.72
N MET D 171 16.07 2.20 -21.09
CA MET D 171 15.97 1.98 -19.62
C MET D 171 14.60 2.23 -18.98
N THR D 172 14.26 1.26 -18.13
CA THR D 172 13.08 1.43 -17.28
C THR D 172 13.53 1.77 -15.84
N THR D 173 12.96 2.82 -15.32
CA THR D 173 13.16 3.06 -13.87
C THR D 173 11.82 2.66 -13.28
N VAL D 174 11.91 1.94 -12.17
CA VAL D 174 10.71 1.71 -11.33
C VAL D 174 10.80 2.60 -10.10
N HIS D 175 10.33 3.85 -10.37
CA HIS D 175 10.37 4.89 -9.36
C HIS D 175 9.43 4.47 -8.24
N ALA D 176 9.68 5.05 -7.05
CA ALA D 176 8.87 4.71 -5.86
C ALA D 176 8.35 6.04 -5.43
N VAL D 177 7.11 6.24 -5.27
CA VAL D 177 6.35 7.49 -5.00
C VAL D 177 7.25 8.68 -4.67
N THR D 178 6.79 9.86 -5.18
CA THR D 178 7.39 11.15 -5.02
C THR D 178 6.51 12.28 -4.41
N ALA D 179 7.14 13.43 -4.18
CA ALA D 179 6.44 14.54 -3.50
C ALA D 179 5.13 14.72 -4.29
N THR D 180 5.28 14.95 -5.58
CA THR D 180 4.22 15.25 -6.47
C THR D 180 3.00 14.27 -6.38
N GLN D 181 3.32 13.11 -7.01
CA GLN D 181 2.28 12.07 -7.11
C GLN D 181 1.23 12.12 -5.98
N LYS D 182 0.07 12.72 -6.29
CA LYS D 182 -1.16 12.93 -5.62
C LYS D 182 -1.64 11.65 -4.88
N THR D 183 -2.35 11.95 -3.75
CA THR D 183 -2.83 10.91 -2.87
C THR D 183 -4.01 10.11 -3.44
N VAL D 184 -4.48 10.55 -4.60
CA VAL D 184 -5.88 10.05 -4.93
C VAL D 184 -6.26 11.03 -5.96
N ASP D 185 -6.18 10.73 -7.14
CA ASP D 185 -6.42 11.46 -8.40
C ASP D 185 -6.08 12.92 -8.28
N GLY D 186 -6.49 13.66 -9.30
CA GLY D 186 -6.32 15.09 -9.29
C GLY D 186 -5.47 15.65 -10.38
N PRO D 187 -5.34 16.96 -10.24
CA PRO D 187 -4.56 17.74 -11.20
C PRO D 187 -3.14 17.32 -11.59
N SER D 188 -2.72 17.48 -12.82
CA SER D 188 -1.25 17.44 -13.09
C SER D 188 -1.26 18.15 -14.45
N ALA D 189 -2.13 19.14 -14.33
CA ALA D 189 -2.54 20.09 -15.42
C ALA D 189 -1.38 20.20 -16.36
N LYS D 190 -0.18 19.76 -15.93
CA LYS D 190 1.00 19.77 -16.77
C LYS D 190 1.53 18.31 -16.88
N ASP D 191 1.46 17.64 -15.73
CA ASP D 191 2.00 16.30 -15.54
C ASP D 191 0.96 15.19 -15.59
N TRP D 192 -0.23 15.42 -16.00
CA TRP D 192 -1.44 14.68 -16.16
C TRP D 192 -1.59 13.19 -15.76
N ARG D 193 -0.75 12.29 -16.12
CA ARG D 193 -0.92 10.85 -15.72
C ARG D 193 -0.50 10.52 -14.28
N GLY D 194 -0.17 11.55 -13.55
CA GLY D 194 0.51 11.41 -12.22
C GLY D 194 -0.25 12.49 -11.39
N GLY D 195 -1.39 12.77 -12.05
CA GLY D 195 -2.39 13.62 -11.33
C GLY D 195 -3.28 12.57 -10.57
N ARG D 196 -3.13 11.39 -11.06
CA ARG D 196 -3.98 10.25 -10.68
C ARG D 196 -3.53 9.63 -9.42
N GLY D 197 -4.23 8.65 -8.93
CA GLY D 197 -4.03 7.96 -7.67
C GLY D 197 -2.82 7.12 -7.47
N ALA D 198 -1.78 7.72 -6.97
CA ALA D 198 -0.47 7.29 -6.70
C ALA D 198 -0.32 5.99 -5.94
N ALA D 199 -1.40 5.45 -5.43
CA ALA D 199 -1.26 4.25 -4.58
C ALA D 199 -2.01 3.03 -5.06
N GLN D 200 -2.65 3.09 -6.19
CA GLN D 200 -3.49 2.01 -6.69
C GLN D 200 -2.87 1.63 -8.07
N ASN D 201 -2.05 2.58 -8.45
CA ASN D 201 -1.47 2.62 -9.78
C ASN D 201 -0.04 2.33 -10.06
N ILE D 202 0.18 1.75 -11.25
CA ILE D 202 1.49 1.69 -11.96
C ILE D 202 1.32 2.85 -12.98
N ILE D 203 2.11 3.88 -12.81
CA ILE D 203 1.94 5.05 -13.72
C ILE D 203 3.17 5.45 -14.48
N PRO D 204 3.16 5.30 -15.77
CA PRO D 204 4.33 5.78 -16.61
C PRO D 204 4.98 7.04 -16.05
N SER D 205 5.98 7.58 -16.79
CA SER D 205 6.71 8.80 -16.50
C SER D 205 7.83 9.11 -17.49
N SER D 206 7.77 10.24 -18.04
CA SER D 206 8.84 10.70 -18.98
C SER D 206 10.03 10.84 -18.08
N THR D 207 11.22 10.38 -18.47
CA THR D 207 12.44 10.74 -17.71
C THR D 207 13.67 10.89 -18.63
N GLY D 208 14.79 11.09 -17.97
CA GLY D 208 16.11 11.22 -18.46
C GLY D 208 17.36 10.40 -18.27
N ALA D 209 17.52 9.52 -19.26
CA ALA D 209 18.68 8.66 -19.55
C ALA D 209 19.42 9.57 -20.56
N ALA D 210 18.58 10.09 -21.43
CA ALA D 210 18.96 11.13 -22.38
C ALA D 210 19.82 12.20 -21.63
N LYS D 211 19.09 12.74 -20.68
CA LYS D 211 19.57 13.73 -19.73
C LYS D 211 21.05 13.60 -19.41
N ALA D 212 21.39 13.55 -18.12
CA ALA D 212 22.79 13.74 -17.80
C ALA D 212 23.68 12.77 -18.57
N VAL D 213 23.13 11.65 -18.90
CA VAL D 213 24.07 10.54 -19.39
C VAL D 213 24.85 11.08 -20.57
N GLY D 214 24.13 11.42 -21.61
CA GLY D 214 24.65 12.11 -22.74
C GLY D 214 25.41 13.30 -22.16
N LYS D 215 24.81 14.19 -21.44
CA LYS D 215 25.38 15.39 -20.85
C LYS D 215 26.56 15.23 -19.93
N VAL D 216 26.92 14.04 -19.53
CA VAL D 216 28.00 13.80 -18.57
C VAL D 216 29.17 13.01 -19.09
N ILE D 217 28.83 11.92 -19.71
CA ILE D 217 29.78 10.98 -20.39
C ILE D 217 29.36 11.05 -21.84
N PRO D 218 30.00 12.05 -22.45
CA PRO D 218 29.53 12.54 -23.80
C PRO D 218 29.75 11.60 -24.92
N GLU D 219 30.74 10.75 -24.99
CA GLU D 219 30.91 9.69 -25.97
C GLU D 219 29.58 9.02 -26.37
N LEU D 220 28.63 9.18 -25.48
CA LEU D 220 27.27 8.65 -25.50
C LEU D 220 26.37 9.71 -26.16
N ASP D 221 26.15 10.82 -25.50
CA ASP D 221 25.19 11.89 -25.96
C ASP D 221 24.54 11.51 -27.26
N GLY D 222 23.45 10.70 -27.18
CA GLY D 222 22.72 10.20 -28.30
C GLY D 222 22.36 8.77 -28.38
N LYS D 223 23.02 7.89 -27.60
CA LYS D 223 22.72 6.47 -27.54
C LYS D 223 21.83 6.03 -26.41
N LEU D 224 21.29 6.79 -25.48
CA LEU D 224 20.47 6.06 -24.44
C LEU D 224 19.23 6.97 -24.32
N THR D 225 18.18 6.26 -23.91
CA THR D 225 16.80 6.95 -23.87
C THR D 225 16.15 6.13 -22.81
N GLY D 226 14.91 6.11 -22.51
CA GLY D 226 14.43 5.33 -21.30
C GLY D 226 13.15 5.90 -20.69
N MET D 227 12.59 5.11 -19.74
CA MET D 227 11.25 5.53 -19.19
C MET D 227 11.10 5.31 -17.70
N ALA D 228 9.94 5.48 -17.11
CA ALA D 228 9.76 5.20 -15.70
C ALA D 228 8.34 4.85 -15.31
N PHE D 229 8.20 3.91 -14.38
CA PHE D 229 6.97 3.54 -13.67
C PHE D 229 7.21 3.99 -12.20
N ARG D 230 6.14 4.51 -11.66
CA ARG D 230 6.06 5.05 -10.31
C ARG D 230 5.18 4.01 -9.61
N VAL D 231 5.70 3.46 -8.55
CA VAL D 231 4.95 2.42 -7.85
C VAL D 231 4.80 2.74 -6.36
N PRO D 232 3.75 2.13 -5.81
CA PRO D 232 3.51 2.29 -4.35
C PRO D 232 4.83 2.38 -3.69
N THR D 233 5.68 1.44 -3.69
CA THR D 233 7.00 1.61 -2.91
C THR D 233 7.31 2.99 -2.46
N PRO D 234 7.58 3.13 -1.12
CA PRO D 234 7.95 4.37 -0.48
C PRO D 234 9.27 5.07 -0.70
N ASP D 235 10.38 4.40 -0.95
CA ASP D 235 11.72 4.93 -1.15
C ASP D 235 12.63 4.10 -2.05
N VAL D 236 12.37 3.01 -2.76
CA VAL D 236 13.63 2.55 -3.53
C VAL D 236 13.59 2.80 -4.99
N SER D 237 13.92 2.01 -5.93
CA SER D 237 13.80 2.31 -7.37
C SER D 237 14.91 1.53 -8.10
N VAL D 238 14.46 0.71 -9.02
CA VAL D 238 15.45 -0.14 -9.76
C VAL D 238 15.48 0.24 -11.21
N VAL D 239 16.69 0.66 -11.64
CA VAL D 239 16.90 1.12 -13.04
C VAL D 239 17.20 -0.18 -13.84
N ASP D 240 16.49 -0.19 -14.94
CA ASP D 240 16.45 -1.33 -15.86
C ASP D 240 17.11 -0.95 -17.13
N LEU D 241 18.28 -1.26 -17.51
CA LEU D 241 18.98 -0.96 -18.73
C LEU D 241 19.36 -2.25 -19.50
N THR D 242 18.99 -2.24 -20.74
CA THR D 242 19.19 -3.14 -21.81
C THR D 242 20.17 -2.57 -22.89
N VAL D 243 21.15 -3.35 -23.27
CA VAL D 243 22.13 -2.81 -24.20
C VAL D 243 22.36 -3.75 -25.37
N ARG D 244 22.51 -3.08 -26.53
CA ARG D 244 23.07 -3.84 -27.69
C ARG D 244 24.54 -3.57 -27.35
N LEU D 245 25.45 -4.47 -27.15
CA LEU D 245 26.75 -4.04 -26.63
C LEU D 245 27.97 -3.76 -27.47
N GLY D 246 28.42 -4.40 -28.47
CA GLY D 246 29.71 -4.00 -29.11
C GLY D 246 30.83 -5.06 -29.03
N LYS D 247 31.38 -5.23 -27.84
CA LYS D 247 32.43 -6.26 -27.59
C LYS D 247 31.67 -7.46 -27.10
N GLU D 248 31.46 -8.46 -27.99
CA GLU D 248 30.67 -9.67 -27.50
C GLU D 248 31.18 -10.01 -26.14
N CYS D 249 30.37 -10.25 -25.15
CA CYS D 249 30.90 -10.72 -23.81
C CYS D 249 29.99 -11.82 -23.25
N SER D 250 30.24 -12.18 -22.00
CA SER D 250 29.37 -13.18 -21.38
C SER D 250 28.78 -12.50 -20.13
N TYR D 251 27.45 -12.44 -20.12
CA TYR D 251 26.72 -11.90 -19.01
C TYR D 251 27.72 -11.88 -17.81
N ASP D 252 28.28 -13.05 -17.62
CA ASP D 252 29.39 -13.15 -16.68
C ASP D 252 30.32 -11.96 -16.63
N ASP D 253 31.12 -11.73 -17.62
CA ASP D 253 31.98 -10.51 -17.63
C ASP D 253 31.22 -9.32 -17.11
N ILE D 254 29.97 -9.23 -17.49
CA ILE D 254 29.15 -8.07 -16.89
C ILE D 254 29.41 -8.11 -15.37
N LYS D 255 29.39 -9.24 -14.77
CA LYS D 255 29.56 -9.48 -13.34
C LYS D 255 30.85 -8.83 -12.92
N ALA D 256 31.96 -9.50 -13.05
CA ALA D 256 33.36 -9.23 -12.84
C ALA D 256 33.65 -7.76 -12.99
N ALA D 257 33.34 -7.18 -14.11
CA ALA D 257 33.47 -5.81 -14.40
C ALA D 257 33.04 -4.85 -13.25
N MET D 258 31.75 -5.06 -12.86
CA MET D 258 31.14 -4.09 -11.98
C MET D 258 31.71 -4.29 -10.60
N LYS D 259 32.12 -5.53 -10.43
CA LYS D 259 32.74 -5.90 -9.13
C LYS D 259 34.10 -5.17 -9.10
N THR D 260 34.87 -5.57 -10.11
CA THR D 260 36.26 -5.03 -10.16
C THR D 260 36.13 -3.53 -9.89
N ALA D 261 35.05 -2.94 -10.08
CA ALA D 261 34.92 -1.46 -10.09
C ALA D 261 34.30 -1.04 -8.79
N SER D 262 33.20 -1.71 -8.36
CA SER D 262 32.81 -1.49 -6.96
C SER D 262 34.11 -1.27 -6.15
N GLU D 263 35.17 -2.08 -6.18
CA GLU D 263 36.30 -1.73 -5.37
C GLU D 263 37.27 -0.79 -6.07
N GLY D 264 37.80 -1.15 -7.17
CA GLY D 264 38.76 -0.33 -7.91
C GLY D 264 38.53 1.17 -7.89
N PRO D 265 37.67 1.65 -8.76
CA PRO D 265 37.62 3.16 -8.76
C PRO D 265 36.24 3.66 -8.53
N LEU D 266 35.11 2.98 -8.79
CA LEU D 266 33.81 3.58 -8.53
C LEU D 266 33.55 3.33 -7.04
N GLN D 267 34.57 2.74 -6.44
CA GLN D 267 34.61 2.41 -5.03
C GLN D 267 33.31 2.73 -4.29
N GLY D 268 33.33 3.97 -3.72
CA GLY D 268 32.15 4.34 -2.95
C GLY D 268 30.88 4.65 -3.74
N PHE D 269 30.92 4.69 -5.03
CA PHE D 269 29.70 5.19 -5.77
C PHE D 269 28.94 4.00 -6.24
N LEU D 270 29.41 3.03 -6.90
CA LEU D 270 28.76 1.78 -7.34
C LEU D 270 29.08 0.66 -6.38
N GLY D 271 28.10 -0.18 -6.13
CA GLY D 271 28.22 -1.23 -5.14
C GLY D 271 28.26 -2.63 -5.56
N TYR D 272 27.43 -3.25 -6.33
CA TYR D 272 27.50 -4.67 -6.67
C TYR D 272 27.13 -5.70 -5.62
N THR D 273 26.10 -6.55 -5.98
CA THR D 273 25.64 -7.66 -5.14
C THR D 273 25.33 -8.95 -5.92
N GLU D 274 25.16 -10.05 -5.19
CA GLU D 274 24.82 -11.35 -5.77
C GLU D 274 24.27 -12.24 -4.61
N ASP D 275 24.27 -11.47 -3.55
CA ASP D 275 23.79 -11.91 -2.23
C ASP D 275 22.32 -11.43 -2.31
N ASP D 276 21.82 -11.67 -3.48
CA ASP D 276 20.54 -11.55 -4.06
C ASP D 276 19.46 -10.75 -3.35
N VAL D 277 18.31 -11.46 -3.44
CA VAL D 277 17.04 -11.04 -2.93
C VAL D 277 17.06 -9.51 -2.98
N VAL D 278 17.62 -8.98 -1.87
CA VAL D 278 17.41 -7.50 -1.76
C VAL D 278 16.01 -7.27 -2.37
N SER D 279 15.62 -6.07 -2.27
CA SER D 279 14.37 -5.45 -2.79
C SER D 279 14.58 -4.04 -2.25
N SER D 280 13.67 -3.19 -2.14
CA SER D 280 13.87 -1.96 -1.35
C SER D 280 14.61 -2.24 -0.08
N ASP D 281 15.71 -2.98 -0.11
CA ASP D 281 16.59 -3.23 1.13
C ASP D 281 17.18 -1.79 1.24
N PHE D 282 18.18 -1.48 0.48
CA PHE D 282 18.77 -0.19 0.21
C PHE D 282 18.19 1.03 0.86
N ILE D 283 16.89 1.11 1.15
CA ILE D 283 16.36 2.13 2.04
C ILE D 283 17.47 2.48 3.06
N GLY D 284 18.01 3.66 2.85
CA GLY D 284 19.13 4.05 3.86
C GLY D 284 20.14 2.97 3.42
N ASP D 285 21.08 3.50 2.68
CA ASP D 285 22.16 2.91 2.00
C ASP D 285 22.76 4.10 1.15
N ASN D 286 23.39 4.97 1.91
CA ASN D 286 24.28 6.01 1.37
C ASN D 286 25.17 5.41 0.29
N ARG D 287 24.86 5.52 -1.00
CA ARG D 287 25.71 4.86 -1.98
C ARG D 287 25.77 5.47 -3.38
N SER D 288 24.89 5.08 -4.29
CA SER D 288 24.80 5.86 -5.58
C SER D 288 23.92 5.06 -6.53
N SER D 289 24.25 3.81 -6.69
CA SER D 289 23.57 2.83 -7.57
C SER D 289 24.09 1.47 -7.25
N ILE D 290 23.41 0.40 -6.88
CA ILE D 290 24.13 -0.89 -6.61
C ILE D 290 23.88 -1.96 -7.67
N PHE D 291 24.90 -2.72 -8.13
CA PHE D 291 24.66 -3.75 -9.15
C PHE D 291 24.27 -5.06 -8.48
N ASP D 292 23.24 -5.61 -9.01
CA ASP D 292 22.60 -6.87 -8.57
C ASP D 292 23.03 -7.98 -9.49
N ALA D 293 24.18 -8.52 -9.14
CA ALA D 293 24.72 -9.57 -10.06
C ALA D 293 23.74 -10.68 -9.89
N LYS D 294 22.69 -10.79 -10.70
CA LYS D 294 21.88 -12.09 -10.60
C LYS D 294 20.39 -11.95 -10.59
N ALA D 295 19.93 -10.75 -10.35
CA ALA D 295 18.51 -10.43 -10.30
C ALA D 295 17.98 -9.39 -11.26
N GLY D 296 17.24 -9.99 -12.20
CA GLY D 296 16.53 -9.18 -13.28
C GLY D 296 17.67 -9.03 -14.34
N ILE D 297 18.66 -9.97 -14.06
CA ILE D 297 19.84 -9.85 -15.04
C ILE D 297 19.60 -10.93 -16.06
N GLN D 298 20.07 -10.87 -17.23
CA GLN D 298 19.70 -11.96 -18.23
C GLN D 298 20.64 -11.73 -19.38
N LEU D 299 21.02 -12.73 -20.15
CA LEU D 299 21.96 -12.32 -21.32
C LEU D 299 21.40 -12.94 -22.53
N SER D 300 21.78 -12.45 -23.68
CA SER D 300 21.49 -12.92 -25.12
C SER D 300 22.67 -12.44 -26.07
N LYS D 301 23.87 -12.86 -25.79
CA LYS D 301 25.13 -12.72 -26.41
C LYS D 301 25.83 -11.38 -26.47
N THR D 302 25.11 -10.36 -26.88
CA THR D 302 25.64 -8.95 -26.91
C THR D 302 24.46 -7.96 -26.68
N PHE D 303 23.35 -8.51 -26.34
CA PHE D 303 22.06 -8.01 -25.95
C PHE D 303 21.95 -8.41 -24.44
N VAL D 304 22.15 -7.54 -23.53
CA VAL D 304 22.15 -7.79 -22.10
C VAL D 304 21.11 -6.93 -21.39
N LYS D 305 20.76 -7.14 -20.13
CA LYS D 305 19.95 -6.29 -19.27
C LYS D 305 20.49 -6.38 -17.86
N VAL D 306 20.76 -5.19 -17.31
CA VAL D 306 21.23 -5.12 -15.87
C VAL D 306 20.20 -4.32 -15.05
N VAL D 307 20.22 -4.63 -13.77
CA VAL D 307 19.47 -3.92 -12.72
C VAL D 307 20.42 -3.22 -11.73
N SER D 308 20.19 -2.00 -11.44
CA SER D 308 20.87 -1.14 -10.47
C SER D 308 19.85 -0.45 -9.56
N TRP D 309 20.02 -0.43 -8.25
CA TRP D 309 18.99 0.16 -7.35
C TRP D 309 19.66 1.37 -6.66
N TYR D 310 18.84 2.35 -6.33
CA TYR D 310 19.27 3.58 -5.77
C TYR D 310 19.01 3.80 -4.27
N ASP D 311 18.01 4.60 -3.95
CA ASP D 311 17.51 5.05 -2.68
C ASP D 311 17.04 6.53 -2.97
N ASN D 312 16.97 6.85 -4.20
CA ASN D 312 16.47 8.21 -4.60
C ASN D 312 16.49 9.16 -3.40
N GLU D 313 15.69 8.86 -2.37
CA GLU D 313 15.71 9.91 -1.26
C GLU D 313 17.16 10.05 -0.82
N PHE D 314 17.98 9.06 -0.43
CA PHE D 314 19.33 9.52 -0.05
C PHE D 314 20.63 8.88 -0.45
N GLY D 315 20.76 8.40 -1.64
CA GLY D 315 22.17 8.03 -2.12
C GLY D 315 22.69 9.42 -2.62
N TYR D 316 21.86 9.91 -3.56
CA TYR D 316 21.94 11.27 -4.03
C TYR D 316 22.29 12.25 -2.91
N SER D 317 21.48 12.30 -1.89
CA SER D 317 21.67 13.11 -0.66
C SER D 317 23.12 13.10 -0.22
N GLN D 318 23.89 12.08 -0.21
CA GLN D 318 25.30 11.94 0.14
C GLN D 318 26.25 12.59 -0.88
N ARG D 319 25.86 12.50 -2.12
CA ARG D 319 26.50 12.98 -3.33
C ARG D 319 26.48 14.48 -3.15
N VAL D 320 25.32 15.10 -3.13
CA VAL D 320 25.40 16.60 -3.08
C VAL D 320 26.58 16.85 -2.15
N ILE D 321 26.65 16.23 -0.96
CA ILE D 321 27.76 16.56 -0.05
C ILE D 321 29.13 16.23 -0.63
N ASP D 322 29.27 15.15 -1.36
CA ASP D 322 30.52 14.76 -2.07
C ASP D 322 30.74 15.78 -3.20
N LEU D 323 29.79 15.93 -4.13
CA LEU D 323 29.98 17.02 -5.13
C LEU D 323 30.47 18.16 -4.23
N LEU D 324 29.64 18.55 -3.26
CA LEU D 324 29.86 19.73 -2.41
C LEU D 324 31.31 19.86 -1.95
N LYS D 325 31.91 18.74 -1.71
CA LYS D 325 33.22 18.59 -1.09
C LYS D 325 34.22 18.88 -2.20
N HIS D 326 34.52 17.81 -2.89
CA HIS D 326 35.34 17.81 -4.10
C HIS D 326 35.63 19.24 -4.50
N MET D 327 34.58 20.01 -4.67
CA MET D 327 34.78 21.40 -5.12
C MET D 327 35.64 22.11 -4.09
N GLN D 328 35.26 22.22 -2.87
CA GLN D 328 35.99 22.90 -1.81
C GLN D 328 37.47 22.63 -2.07
N LYS D 329 37.86 21.37 -2.19
CA LYS D 329 39.24 20.96 -2.42
C LYS D 329 39.78 21.79 -3.56
N VAL D 330 39.36 21.50 -4.77
CA VAL D 330 39.70 22.29 -5.96
C VAL D 330 39.52 23.79 -5.66
N ASP D 331 38.27 24.19 -5.54
CA ASP D 331 37.90 25.57 -5.27
C ASP D 331 38.85 26.15 -4.23
N SER D 332 39.26 25.36 -3.26
CA SER D 332 40.01 26.03 -2.13
C SER D 332 41.51 25.96 -2.31
N ALA D 333 42.09 27.11 -1.95
CA ALA D 333 43.49 27.34 -2.35
C ALA D 333 44.50 27.93 -1.40
#